data_2EO2
#
_entry.id   2EO2
#
_entity_poly.entity_id   1
_entity_poly.type   'polypeptide(L)'
_entity_poly.pdbx_seq_one_letter_code
;GSSGSSGSTQTDKALYNRLVPLVNGVREFSEIQLSRLKKLGIHKTDPSTLTEEEVRKFARLNIDPATITWQ
;
_entity_poly.pdbx_strand_id   A
#
# COMPACT_ATOMS: atom_id res chain seq x y z
N GLY A 1 3.95 12.17 -6.20
CA GLY A 1 4.09 11.22 -7.28
C GLY A 1 3.73 11.82 -8.62
N SER A 2 3.71 10.98 -9.66
CA SER A 2 3.38 11.44 -11.00
C SER A 2 2.67 10.35 -11.79
N SER A 3 1.46 10.64 -12.26
CA SER A 3 0.67 9.69 -13.01
C SER A 3 0.89 9.87 -14.51
N GLY A 4 1.22 8.77 -15.19
CA GLY A 4 1.46 8.83 -16.62
C GLY A 4 1.64 7.44 -17.23
N SER A 5 2.69 7.29 -18.03
CA SER A 5 2.95 6.01 -18.69
C SER A 5 2.84 4.85 -17.70
N SER A 6 2.53 3.67 -18.22
CA SER A 6 2.38 2.49 -17.39
C SER A 6 3.73 1.84 -17.10
N GLY A 7 4.28 2.12 -15.92
CA GLY A 7 5.56 1.56 -15.54
C GLY A 7 5.58 0.05 -15.58
N SER A 8 6.57 -0.55 -14.95
CA SER A 8 6.69 -2.01 -14.92
C SER A 8 6.13 -2.58 -13.63
N THR A 9 5.40 -3.68 -13.75
CA THR A 9 4.80 -4.33 -12.58
C THR A 9 4.36 -3.30 -11.55
N GLN A 10 3.79 -2.20 -12.02
CA GLN A 10 3.34 -1.13 -11.13
C GLN A 10 1.88 -1.34 -10.74
N THR A 11 1.67 -2.13 -9.67
CA THR A 11 0.32 -2.42 -9.20
C THR A 11 0.17 -2.04 -7.73
N ASP A 12 0.97 -2.67 -6.88
CA ASP A 12 0.92 -2.41 -5.45
C ASP A 12 1.71 -1.14 -5.11
N LYS A 13 2.92 -1.04 -5.63
CA LYS A 13 3.77 0.12 -5.39
C LYS A 13 2.96 1.41 -5.44
N ALA A 14 2.27 1.63 -6.56
CA ALA A 14 1.46 2.82 -6.75
C ALA A 14 0.52 3.04 -5.55
N LEU A 15 -0.25 2.00 -5.21
CA LEU A 15 -1.18 2.07 -4.10
C LEU A 15 -0.46 2.46 -2.82
N TYR A 16 0.63 1.76 -2.51
CA TYR A 16 1.40 2.03 -1.32
C TYR A 16 1.46 3.53 -1.03
N ASN A 17 1.77 4.31 -2.05
CA ASN A 17 1.85 5.76 -1.92
C ASN A 17 0.56 6.33 -1.34
N ARG A 18 -0.55 6.07 -2.04
CA ARG A 18 -1.85 6.57 -1.61
C ARG A 18 -2.08 6.24 -0.13
N LEU A 19 -1.90 4.98 0.23
CA LEU A 19 -2.09 4.54 1.61
C LEU A 19 -1.26 5.38 2.57
N VAL A 20 0.04 5.41 2.34
CA VAL A 20 0.95 6.18 3.18
C VAL A 20 1.49 7.40 2.44
N PRO A 21 0.69 8.47 2.40
CA PRO A 21 1.06 9.72 1.72
C PRO A 21 2.17 10.46 2.45
N LEU A 22 2.64 11.55 1.86
CA LEU A 22 3.71 12.36 2.46
C LEU A 22 3.29 13.82 2.55
N VAL A 23 2.82 14.23 3.73
CA VAL A 23 2.41 15.61 3.94
C VAL A 23 3.18 16.25 5.09
N ASN A 24 3.56 15.43 6.07
CA ASN A 24 4.30 15.91 7.22
C ASN A 24 5.80 15.76 7.00
N GLY A 25 6.19 15.47 5.75
CA GLY A 25 7.59 15.32 5.44
C GLY A 25 8.17 14.02 5.96
N VAL A 26 7.29 13.11 6.39
CA VAL A 26 7.73 11.83 6.92
C VAL A 26 6.64 10.77 6.74
N ARG A 27 6.94 9.74 5.96
CA ARG A 27 5.99 8.66 5.71
C ARG A 27 5.86 7.75 6.93
N GLU A 28 4.67 7.72 7.51
CA GLU A 28 4.42 6.89 8.69
C GLU A 28 2.98 6.38 8.69
N PHE A 29 2.82 5.08 8.96
CA PHE A 29 1.50 4.48 9.00
C PHE A 29 0.59 5.18 9.99
N SER A 30 -0.65 4.74 10.09
CA SER A 30 -1.61 5.33 11.01
C SER A 30 -2.24 4.27 11.91
N GLU A 31 -2.82 4.71 13.02
CA GLU A 31 -3.45 3.79 13.96
C GLU A 31 -4.41 2.86 13.25
N ILE A 32 -4.85 3.25 12.05
CA ILE A 32 -5.77 2.45 11.27
C ILE A 32 -5.03 1.36 10.50
N GLN A 33 -4.06 1.77 9.69
CA GLN A 33 -3.28 0.83 8.90
C GLN A 33 -2.63 -0.22 9.79
N LEU A 34 -1.97 0.24 10.85
CA LEU A 34 -1.30 -0.66 11.78
C LEU A 34 -2.26 -1.73 12.30
N SER A 35 -3.26 -1.29 13.07
CA SER A 35 -4.25 -2.20 13.63
C SER A 35 -4.61 -3.30 12.63
N ARG A 36 -4.47 -2.99 11.35
CA ARG A 36 -4.79 -3.93 10.29
C ARG A 36 -3.57 -4.81 9.97
N LEU A 37 -2.40 -4.20 9.92
CA LEU A 37 -1.16 -4.92 9.63
C LEU A 37 -0.90 -5.99 10.68
N LYS A 38 -1.08 -5.64 11.94
CA LYS A 38 -0.86 -6.58 13.04
C LYS A 38 -1.54 -7.92 12.75
N LYS A 39 -2.82 -7.87 12.40
CA LYS A 39 -3.58 -9.08 12.10
C LYS A 39 -2.77 -10.02 11.20
N LEU A 40 -2.12 -9.45 10.19
CA LEU A 40 -1.32 -10.24 9.27
C LEU A 40 -0.07 -10.77 9.96
N GLY A 41 0.45 -10.00 10.93
CA GLY A 41 1.63 -10.41 11.65
C GLY A 41 2.85 -9.61 11.26
N ILE A 42 2.63 -8.44 10.67
CA ILE A 42 3.72 -7.58 10.25
C ILE A 42 4.04 -6.52 11.31
N HIS A 43 4.95 -6.86 12.22
CA HIS A 43 5.34 -5.95 13.29
C HIS A 43 6.27 -4.87 12.76
N LYS A 44 5.75 -4.03 11.87
CA LYS A 44 6.53 -2.94 11.30
C LYS A 44 5.79 -1.61 11.43
N THR A 45 6.55 -0.54 11.60
CA THR A 45 5.97 0.79 11.74
C THR A 45 6.32 1.68 10.55
N ASP A 46 7.60 1.67 10.17
CA ASP A 46 8.06 2.47 9.05
C ASP A 46 7.85 1.73 7.73
N PRO A 47 7.51 2.47 6.67
CA PRO A 47 7.26 1.91 5.35
C PRO A 47 8.56 1.41 4.69
N SER A 48 9.69 1.72 5.32
CA SER A 48 10.98 1.31 4.79
C SER A 48 11.22 -0.18 5.01
N THR A 49 11.04 -0.62 6.25
CA THR A 49 11.24 -2.01 6.61
C THR A 49 10.34 -2.93 5.77
N LEU A 50 9.17 -2.41 5.41
CA LEU A 50 8.22 -3.17 4.60
C LEU A 50 8.88 -3.68 3.32
N THR A 51 8.43 -4.85 2.86
CA THR A 51 8.97 -5.44 1.64
C THR A 51 7.86 -5.72 0.64
N GLU A 52 8.22 -5.72 -0.64
CA GLU A 52 7.26 -5.98 -1.70
C GLU A 52 6.21 -7.00 -1.25
N GLU A 53 6.67 -8.06 -0.58
CA GLU A 53 5.79 -9.10 -0.09
C GLU A 53 4.75 -8.54 0.87
N GLU A 54 5.21 -7.71 1.80
CA GLU A 54 4.32 -7.10 2.79
C GLU A 54 3.45 -6.02 2.14
N VAL A 55 4.07 -5.21 1.29
CA VAL A 55 3.36 -4.13 0.62
C VAL A 55 2.16 -4.67 -0.16
N ARG A 56 2.42 -5.63 -1.04
CA ARG A 56 1.36 -6.23 -1.85
C ARG A 56 0.26 -6.79 -0.95
N LYS A 57 0.65 -7.31 0.21
CA LYS A 57 -0.31 -7.87 1.15
C LYS A 57 -1.16 -6.78 1.79
N PHE A 58 -0.51 -5.76 2.32
CA PHE A 58 -1.21 -4.66 2.96
C PHE A 58 -2.18 -3.99 1.99
N ALA A 59 -1.86 -4.04 0.71
CA ALA A 59 -2.70 -3.46 -0.32
C ALA A 59 -3.83 -4.41 -0.72
N ARG A 60 -3.50 -5.69 -0.85
CA ARG A 60 -4.49 -6.69 -1.22
C ARG A 60 -5.74 -6.58 -0.35
N LEU A 61 -5.54 -6.67 0.96
CA LEU A 61 -6.65 -6.58 1.90
C LEU A 61 -7.51 -5.35 1.62
N ASN A 62 -6.89 -4.32 1.06
CA ASN A 62 -7.60 -3.09 0.73
C ASN A 62 -7.89 -3.01 -0.77
N ILE A 63 -9.16 -3.21 -1.14
CA ILE A 63 -9.56 -3.15 -2.53
C ILE A 63 -10.58 -2.04 -2.77
N ASP A 64 -10.18 -1.03 -3.53
CA ASP A 64 -11.05 0.10 -3.84
C ASP A 64 -12.00 -0.25 -4.98
N PRO A 65 -13.24 0.26 -4.89
CA PRO A 65 -14.27 0.01 -5.91
C PRO A 65 -13.96 0.73 -7.23
N ALA A 66 -13.33 1.89 -7.14
CA ALA A 66 -12.97 2.66 -8.31
C ALA A 66 -11.96 1.91 -9.18
N THR A 67 -10.99 1.29 -8.53
CA THR A 67 -9.96 0.53 -9.24
C THR A 67 -10.02 -0.95 -8.89
N ILE A 68 -11.08 -1.62 -9.32
CA ILE A 68 -11.25 -3.04 -9.04
C ILE A 68 -10.50 -3.88 -10.07
N THR A 69 -9.36 -4.43 -9.67
CA THR A 69 -8.55 -5.26 -10.54
C THR A 69 -8.55 -6.72 -10.07
N TRP A 70 -9.09 -7.60 -10.90
CA TRP A 70 -9.16 -9.02 -10.57
C TRP A 70 -7.92 -9.74 -11.08
N GLN A 71 -6.92 -9.89 -10.22
CA GLN A 71 -5.68 -10.56 -10.58
C GLN A 71 -5.95 -11.71 -11.55
N GLY A 1 2.45 18.51 -13.96
CA GLY A 1 3.67 17.77 -14.23
C GLY A 1 3.45 16.65 -15.24
N SER A 2 4.49 15.86 -15.49
CA SER A 2 4.41 14.76 -16.43
C SER A 2 5.21 13.55 -15.94
N SER A 3 5.13 12.45 -16.68
CA SER A 3 5.83 11.23 -16.32
C SER A 3 6.83 10.84 -17.40
N GLY A 4 7.88 10.12 -17.00
CA GLY A 4 8.89 9.70 -17.93
C GLY A 4 8.90 8.20 -18.16
N SER A 5 10.01 7.67 -18.64
CA SER A 5 10.13 6.24 -18.91
C SER A 5 10.75 5.52 -17.72
N SER A 6 9.93 4.72 -17.03
CA SER A 6 10.40 3.98 -15.87
C SER A 6 10.11 2.49 -16.03
N GLY A 7 10.62 1.68 -15.09
CA GLY A 7 10.40 0.25 -15.14
C GLY A 7 9.63 -0.25 -13.95
N SER A 8 8.45 0.32 -13.72
CA SER A 8 7.61 -0.09 -12.59
C SER A 8 6.32 -0.73 -13.09
N THR A 9 5.65 -1.46 -12.20
CA THR A 9 4.40 -2.13 -12.54
C THR A 9 3.20 -1.21 -12.29
N GLN A 10 3.41 -0.20 -11.45
CA GLN A 10 2.34 0.74 -11.12
C GLN A 10 1.11 0.01 -10.60
N THR A 11 1.33 -0.94 -9.70
CA THR A 11 0.24 -1.71 -9.12
C THR A 11 0.32 -1.71 -7.60
N ASP A 12 1.46 -2.16 -7.08
CA ASP A 12 1.67 -2.21 -5.63
C ASP A 12 2.19 -0.88 -5.10
N LYS A 13 3.12 -0.28 -5.82
CA LYS A 13 3.69 1.01 -5.43
C LYS A 13 2.64 2.11 -5.50
N ALA A 14 1.85 2.11 -6.56
CA ALA A 14 0.81 3.11 -6.73
C ALA A 14 -0.09 3.19 -5.50
N LEU A 15 -0.72 2.07 -5.17
CA LEU A 15 -1.62 2.02 -4.01
C LEU A 15 -0.87 2.37 -2.72
N TYR A 16 0.31 1.78 -2.56
CA TYR A 16 1.14 2.04 -1.38
C TYR A 16 1.28 3.54 -1.13
N ASN A 17 1.83 4.25 -2.10
CA ASN A 17 2.02 5.69 -1.99
C ASN A 17 0.78 6.36 -1.44
N ARG A 18 -0.39 5.95 -1.94
CA ARG A 18 -1.66 6.50 -1.49
C ARG A 18 -1.98 6.05 -0.07
N LEU A 19 -1.69 4.79 0.22
CA LEU A 19 -1.96 4.24 1.54
C LEU A 19 -1.15 4.96 2.61
N VAL A 20 0.12 5.21 2.32
CA VAL A 20 1.00 5.89 3.26
C VAL A 20 1.60 7.15 2.63
N PRO A 21 0.81 8.23 2.62
CA PRO A 21 1.24 9.52 2.06
C PRO A 21 2.32 10.19 2.90
N LEU A 22 3.14 10.99 2.24
CA LEU A 22 4.22 11.70 2.93
C LEU A 22 3.74 13.03 3.49
N VAL A 23 2.73 12.97 4.36
CA VAL A 23 2.16 14.17 4.96
C VAL A 23 3.17 14.83 5.89
N ASN A 24 3.12 16.15 5.97
CA ASN A 24 4.03 16.91 6.83
C ASN A 24 5.48 16.50 6.59
N GLY A 25 5.77 16.08 5.36
CA GLY A 25 7.12 15.67 5.01
C GLY A 25 7.59 14.48 5.84
N VAL A 26 6.66 13.62 6.21
CA VAL A 26 6.98 12.44 7.02
C VAL A 26 5.93 11.36 6.86
N ARG A 27 6.31 10.24 6.25
CA ARG A 27 5.39 9.13 6.04
C ARG A 27 5.24 8.30 7.32
N GLU A 28 4.03 7.78 7.54
CA GLU A 28 3.76 6.98 8.72
C GLU A 28 2.37 6.35 8.63
N PHE A 29 2.27 5.10 9.09
CA PHE A 29 1.00 4.37 9.06
C PHE A 29 -0.02 5.03 9.98
N SER A 30 -1.30 4.78 9.71
CA SER A 30 -2.38 5.35 10.50
C SER A 30 -2.93 4.33 11.48
N GLU A 31 -3.50 4.81 12.58
CA GLU A 31 -4.07 3.93 13.60
C GLU A 31 -4.76 2.73 12.96
N ILE A 32 -5.46 2.98 11.86
CA ILE A 32 -6.17 1.92 11.15
C ILE A 32 -5.19 0.98 10.45
N GLN A 33 -4.33 1.54 9.61
CA GLN A 33 -3.35 0.76 8.88
C GLN A 33 -2.57 -0.17 9.83
N LEU A 34 -2.17 0.37 10.97
CA LEU A 34 -1.43 -0.40 11.96
C LEU A 34 -2.22 -1.65 12.38
N SER A 35 -3.36 -1.41 13.03
CA SER A 35 -4.21 -2.51 13.49
C SER A 35 -4.33 -3.59 12.43
N ARG A 36 -4.18 -3.19 11.17
CA ARG A 36 -4.28 -4.13 10.06
C ARG A 36 -2.93 -4.81 9.80
N LEU A 37 -1.85 -4.05 9.99
CA LEU A 37 -0.51 -4.58 9.78
C LEU A 37 -0.18 -5.66 10.81
N LYS A 38 -0.63 -5.46 12.04
CA LYS A 38 -0.39 -6.42 13.11
C LYS A 38 -1.13 -7.73 12.85
N LYS A 39 -2.38 -7.62 12.41
CA LYS A 39 -3.20 -8.79 12.11
C LYS A 39 -2.48 -9.72 11.13
N LEU A 40 -1.93 -9.14 10.07
CA LEU A 40 -1.22 -9.91 9.06
C LEU A 40 0.00 -10.59 9.65
N GLY A 41 0.61 -9.94 10.64
CA GLY A 41 1.78 -10.50 11.29
C GLY A 41 3.06 -9.81 10.86
N ILE A 42 2.94 -8.56 10.41
CA ILE A 42 4.10 -7.79 9.96
C ILE A 42 4.84 -7.19 11.15
N HIS A 43 4.11 -6.54 12.04
CA HIS A 43 4.69 -5.93 13.22
C HIS A 43 5.67 -4.83 12.82
N LYS A 44 5.22 -3.93 11.95
CA LYS A 44 6.05 -2.82 11.49
C LYS A 44 5.32 -1.49 11.61
N THR A 45 6.06 -0.43 11.90
CA THR A 45 5.47 0.89 12.04
C THR A 45 5.87 1.80 10.86
N ASP A 46 7.12 1.70 10.43
CA ASP A 46 7.62 2.49 9.33
C ASP A 46 7.38 1.79 8.00
N PRO A 47 7.01 2.58 6.97
CA PRO A 47 6.74 2.05 5.63
C PRO A 47 8.01 1.56 4.94
N SER A 48 9.15 1.76 5.59
CA SER A 48 10.43 1.34 5.02
C SER A 48 10.73 -0.12 5.37
N THR A 49 10.34 -0.53 6.58
CA THR A 49 10.56 -1.89 7.03
C THR A 49 9.78 -2.88 6.16
N LEU A 50 8.57 -2.50 5.78
CA LEU A 50 7.72 -3.37 4.96
C LEU A 50 8.51 -3.96 3.80
N THR A 51 8.08 -5.12 3.32
CA THR A 51 8.75 -5.81 2.22
C THR A 51 7.82 -5.94 1.01
N GLU A 52 8.32 -6.58 -0.04
CA GLU A 52 7.54 -6.78 -1.25
C GLU A 52 6.31 -7.64 -0.97
N GLU A 53 6.48 -8.65 -0.13
CA GLU A 53 5.38 -9.53 0.22
C GLU A 53 4.35 -8.82 1.08
N GLU A 54 4.81 -8.22 2.18
CA GLU A 54 3.93 -7.50 3.09
C GLU A 54 3.23 -6.34 2.36
N VAL A 55 3.94 -5.73 1.41
CA VAL A 55 3.38 -4.62 0.66
C VAL A 55 2.18 -5.06 -0.18
N ARG A 56 2.37 -6.13 -0.95
CA ARG A 56 1.30 -6.65 -1.79
C ARG A 56 0.09 -7.06 -0.95
N LYS A 57 0.35 -7.56 0.25
CA LYS A 57 -0.71 -7.99 1.15
C LYS A 57 -1.44 -6.78 1.73
N PHE A 58 -0.69 -5.88 2.35
CA PHE A 58 -1.27 -4.68 2.96
C PHE A 58 -2.15 -3.95 1.95
N ALA A 59 -1.59 -3.68 0.78
CA ALA A 59 -2.32 -2.98 -0.28
C ALA A 59 -3.57 -3.76 -0.69
N ARG A 60 -3.38 -5.02 -1.07
CA ARG A 60 -4.49 -5.87 -1.49
C ARG A 60 -5.75 -5.54 -0.70
N LEU A 61 -5.62 -5.50 0.62
CA LEU A 61 -6.76 -5.20 1.49
C LEU A 61 -7.69 -4.18 0.84
N ASN A 62 -7.10 -3.08 0.37
CA ASN A 62 -7.88 -2.03 -0.27
C ASN A 62 -7.87 -2.19 -1.78
N ILE A 63 -9.02 -2.61 -2.33
CA ILE A 63 -9.14 -2.81 -3.77
C ILE A 63 -10.03 -1.75 -4.40
N ASP A 64 -9.44 -0.88 -5.20
CA ASP A 64 -10.19 0.18 -5.87
C ASP A 64 -11.39 -0.38 -6.63
N PRO A 65 -12.49 0.36 -6.63
CA PRO A 65 -13.72 -0.04 -7.31
C PRO A 65 -13.58 -0.01 -8.84
N ALA A 66 -12.69 0.85 -9.33
CA ALA A 66 -12.47 0.97 -10.76
C ALA A 66 -11.88 -0.32 -11.34
N THR A 67 -11.01 -0.95 -10.58
CA THR A 67 -10.38 -2.20 -11.00
C THR A 67 -10.75 -3.35 -10.08
N ILE A 68 -12.02 -3.75 -10.11
CA ILE A 68 -12.49 -4.84 -9.28
C ILE A 68 -12.43 -6.17 -10.02
N THR A 69 -11.41 -6.97 -9.72
CA THR A 69 -11.23 -8.26 -10.36
C THR A 69 -11.82 -9.37 -9.51
N TRP A 70 -13.13 -9.59 -9.65
CA TRP A 70 -13.82 -10.64 -8.90
C TRP A 70 -13.14 -11.99 -9.09
N GLN A 71 -12.28 -12.35 -8.14
CA GLN A 71 -11.57 -13.63 -8.19
C GLN A 71 -12.48 -14.78 -7.78
N GLY A 1 1.14 15.30 -15.35
CA GLY A 1 0.93 15.69 -16.73
C GLY A 1 0.80 14.50 -17.66
N SER A 2 1.85 14.24 -18.42
CA SER A 2 1.86 13.12 -19.37
C SER A 2 1.27 11.87 -18.72
N SER A 3 0.90 10.90 -19.55
CA SER A 3 0.32 9.65 -19.07
C SER A 3 1.31 8.49 -19.23
N GLY A 4 1.84 8.35 -20.44
CA GLY A 4 2.79 7.28 -20.71
C GLY A 4 2.27 5.92 -20.27
N SER A 5 1.73 5.17 -21.24
CA SER A 5 1.19 3.85 -20.96
C SER A 5 2.17 2.76 -21.39
N SER A 6 3.45 2.98 -21.15
CA SER A 6 4.48 2.02 -21.52
C SER A 6 4.83 1.12 -20.34
N GLY A 7 4.47 -0.15 -20.45
CA GLY A 7 4.75 -1.10 -19.39
C GLY A 7 3.80 -0.95 -18.21
N SER A 8 3.41 -2.09 -17.63
CA SER A 8 2.48 -2.07 -16.50
C SER A 8 3.24 -2.29 -15.19
N THR A 9 3.37 -1.23 -14.41
CA THR A 9 4.08 -1.29 -13.13
C THR A 9 3.15 -0.94 -11.98
N GLN A 10 2.35 0.11 -12.17
CA GLN A 10 1.42 0.56 -11.14
C GLN A 10 0.56 -0.60 -10.63
N THR A 11 1.05 -1.28 -9.60
CA THR A 11 0.33 -2.41 -9.02
C THR A 11 0.28 -2.31 -7.51
N ASP A 12 1.45 -2.44 -6.87
CA ASP A 12 1.54 -2.37 -5.41
C ASP A 12 2.02 -0.99 -4.97
N LYS A 13 2.98 -0.45 -5.71
CA LYS A 13 3.52 0.87 -5.39
C LYS A 13 2.46 1.95 -5.51
N ALA A 14 1.55 1.77 -6.46
CA ALA A 14 0.47 2.73 -6.67
C ALA A 14 -0.42 2.85 -5.44
N LEU A 15 -0.84 1.71 -4.91
CA LEU A 15 -1.69 1.68 -3.72
C LEU A 15 -0.91 2.07 -2.48
N TYR A 16 0.26 1.45 -2.30
CA TYR A 16 1.10 1.73 -1.14
C TYR A 16 1.27 3.24 -0.95
N ASN A 17 1.70 3.92 -2.00
CA ASN A 17 1.90 5.36 -1.93
C ASN A 17 0.66 6.06 -1.37
N ARG A 18 -0.47 5.84 -2.02
CA ARG A 18 -1.73 6.45 -1.57
C ARG A 18 -1.96 6.21 -0.09
N LEU A 19 -1.87 4.94 0.32
CA LEU A 19 -2.07 4.57 1.72
C LEU A 19 -1.12 5.34 2.63
N VAL A 20 0.17 5.28 2.31
CA VAL A 20 1.18 5.97 3.09
C VAL A 20 1.79 7.13 2.31
N PRO A 21 1.08 8.27 2.30
CA PRO A 21 1.53 9.48 1.59
C PRO A 21 2.74 10.11 2.26
N LEU A 22 3.54 10.82 1.46
CA LEU A 22 4.73 11.49 1.97
C LEU A 22 4.65 12.99 1.75
N VAL A 23 4.50 13.73 2.85
CA VAL A 23 4.41 15.19 2.77
C VAL A 23 5.34 15.85 3.78
N ASN A 24 5.46 15.24 4.95
CA ASN A 24 6.33 15.76 6.01
C ASN A 24 7.76 15.29 5.82
N GLY A 25 8.09 14.89 4.59
CA GLY A 25 9.44 14.43 4.31
C GLY A 25 9.77 13.14 5.04
N VAL A 26 8.76 12.53 5.64
CA VAL A 26 8.95 11.28 6.37
C VAL A 26 7.65 10.47 6.41
N ARG A 27 7.71 9.24 5.92
CA ARG A 27 6.55 8.36 5.90
C ARG A 27 6.37 7.67 7.25
N GLU A 28 5.11 7.46 7.64
CA GLU A 28 4.81 6.81 8.91
C GLU A 28 3.40 6.23 8.89
N PHE A 29 3.25 5.03 9.45
CA PHE A 29 1.97 4.36 9.50
C PHE A 29 1.04 5.03 10.51
N SER A 30 -0.25 4.74 10.41
CA SER A 30 -1.25 5.33 11.30
C SER A 30 -1.97 4.24 12.09
N GLU A 31 -2.66 4.64 13.15
CA GLU A 31 -3.40 3.71 13.98
C GLU A 31 -4.28 2.79 13.14
N ILE A 32 -4.79 3.34 12.04
CA ILE A 32 -5.65 2.58 11.14
C ILE A 32 -4.86 1.52 10.38
N GLN A 33 -3.79 1.96 9.71
CA GLN A 33 -2.95 1.05 8.94
C GLN A 33 -2.38 -0.04 9.84
N LEU A 34 -1.77 0.37 10.94
CA LEU A 34 -1.17 -0.57 11.88
C LEU A 34 -2.17 -1.65 12.28
N SER A 35 -3.22 -1.25 12.99
CA SER A 35 -4.25 -2.18 13.44
C SER A 35 -4.54 -3.22 12.36
N ARG A 36 -4.48 -2.79 11.10
CA ARG A 36 -4.74 -3.69 9.97
C ARG A 36 -3.54 -4.58 9.70
N LEU A 37 -2.35 -4.01 9.81
CA LEU A 37 -1.11 -4.75 9.58
C LEU A 37 -0.93 -5.85 10.62
N LYS A 38 -1.37 -5.57 11.84
CA LYS A 38 -1.26 -6.54 12.93
C LYS A 38 -1.89 -7.87 12.54
N LYS A 39 -3.11 -7.83 12.03
CA LYS A 39 -3.81 -9.04 11.60
C LYS A 39 -2.91 -9.92 10.74
N LEU A 40 -2.23 -9.30 9.78
CA LEU A 40 -1.33 -10.03 8.90
C LEU A 40 -0.17 -10.64 9.68
N GLY A 41 0.15 -10.03 10.82
CA GLY A 41 1.24 -10.54 11.64
C GLY A 41 2.55 -9.83 11.37
N ILE A 42 2.46 -8.62 10.81
CA ILE A 42 3.65 -7.84 10.49
C ILE A 42 3.93 -6.82 11.59
N HIS A 43 4.85 -7.17 12.50
CA HIS A 43 5.21 -6.28 13.60
C HIS A 43 6.24 -5.26 13.14
N LYS A 44 5.94 -4.55 12.05
CA LYS A 44 6.84 -3.54 11.52
C LYS A 44 6.17 -2.17 11.52
N THR A 45 6.67 -1.28 12.37
CA THR A 45 6.12 0.07 12.46
C THR A 45 6.87 1.04 11.56
N ASP A 46 7.17 0.60 10.35
CA ASP A 46 7.88 1.43 9.38
C ASP A 46 7.62 0.95 7.95
N PRO A 47 7.48 1.92 7.04
CA PRO A 47 7.22 1.62 5.62
C PRO A 47 8.43 1.00 4.93
N SER A 48 9.61 1.20 5.51
CA SER A 48 10.84 0.66 4.95
C SER A 48 11.09 -0.76 5.45
N THR A 49 10.85 -0.98 6.74
CA THR A 49 11.05 -2.29 7.35
C THR A 49 10.23 -3.35 6.64
N LEU A 50 9.23 -2.92 5.88
CA LEU A 50 8.37 -3.84 5.15
C LEU A 50 8.98 -4.19 3.79
N THR A 51 8.72 -5.41 3.33
CA THR A 51 9.24 -5.87 2.06
C THR A 51 8.13 -5.95 1.01
N GLU A 52 8.52 -5.96 -0.26
CA GLU A 52 7.56 -6.05 -1.35
C GLU A 52 6.41 -7.00 -1.00
N GLU A 53 6.77 -8.21 -0.57
CA GLU A 53 5.78 -9.21 -0.21
C GLU A 53 4.82 -8.66 0.85
N GLU A 54 5.37 -7.95 1.83
CA GLU A 54 4.57 -7.38 2.90
C GLU A 54 3.77 -6.18 2.40
N VAL A 55 4.32 -5.48 1.42
CA VAL A 55 3.67 -4.30 0.84
C VAL A 55 2.43 -4.70 0.04
N ARG A 56 2.61 -5.63 -0.88
CA ARG A 56 1.51 -6.10 -1.71
C ARG A 56 0.40 -6.71 -0.86
N LYS A 57 0.79 -7.41 0.20
CA LYS A 57 -0.17 -8.04 1.10
C LYS A 57 -1.08 -7.00 1.74
N PHE A 58 -0.47 -5.94 2.28
CA PHE A 58 -1.23 -4.87 2.92
C PHE A 58 -2.21 -4.24 1.94
N ALA A 59 -1.76 -4.00 0.72
CA ALA A 59 -2.60 -3.39 -0.30
C ALA A 59 -3.78 -4.29 -0.64
N ARG A 60 -3.51 -5.58 -0.80
CA ARG A 60 -4.56 -6.54 -1.12
C ARG A 60 -5.84 -6.22 -0.38
N LEU A 61 -5.73 -6.00 0.93
CA LEU A 61 -6.88 -5.68 1.76
C LEU A 61 -7.84 -4.74 1.03
N ASN A 62 -7.29 -3.66 0.47
CA ASN A 62 -8.09 -2.69 -0.27
C ASN A 62 -7.93 -2.87 -1.78
N ILE A 63 -9.00 -3.28 -2.43
CA ILE A 63 -8.99 -3.49 -3.88
C ILE A 63 -9.79 -2.42 -4.60
N ASP A 64 -9.12 -1.31 -4.92
CA ASP A 64 -9.76 -0.20 -5.62
C ASP A 64 -10.24 -0.65 -7.01
N PRO A 65 -11.39 -0.11 -7.43
CA PRO A 65 -11.98 -0.42 -8.74
C PRO A 65 -11.17 0.16 -9.89
N ALA A 66 -10.49 1.27 -9.64
CA ALA A 66 -9.68 1.92 -10.65
C ALA A 66 -8.52 1.03 -11.09
N THR A 67 -7.89 0.36 -10.12
CA THR A 67 -6.77 -0.53 -10.41
C THR A 67 -7.10 -1.96 -10.02
N ILE A 68 -8.02 -2.57 -10.76
CA ILE A 68 -8.41 -3.95 -10.49
C ILE A 68 -7.46 -4.94 -11.15
N THR A 69 -7.34 -6.12 -10.56
CA THR A 69 -6.46 -7.15 -11.08
C THR A 69 -7.23 -8.42 -11.42
N TRP A 70 -7.50 -8.61 -12.70
CA TRP A 70 -8.24 -9.78 -13.16
C TRP A 70 -7.33 -11.00 -13.22
N GLN A 71 -6.10 -10.79 -13.69
CA GLN A 71 -5.14 -11.88 -13.80
C GLN A 71 -4.91 -12.56 -12.46
N GLY A 1 -7.05 9.63 -11.38
CA GLY A 1 -6.19 9.28 -12.50
C GLY A 1 -6.21 10.31 -13.60
N SER A 2 -5.06 10.55 -14.21
CA SER A 2 -4.95 11.53 -15.29
C SER A 2 -5.41 10.92 -16.61
N SER A 3 -6.49 10.17 -16.57
CA SER A 3 -7.03 9.53 -17.76
C SER A 3 -5.90 8.97 -18.64
N GLY A 4 -4.91 8.36 -18.00
CA GLY A 4 -3.80 7.80 -18.73
C GLY A 4 -3.55 6.35 -18.38
N SER A 5 -4.33 5.46 -18.99
CA SER A 5 -4.20 4.02 -18.73
C SER A 5 -2.98 3.45 -19.46
N SER A 6 -1.81 3.57 -18.83
CA SER A 6 -0.58 3.08 -19.41
C SER A 6 -0.18 1.74 -18.79
N GLY A 7 0.23 0.80 -19.65
CA GLY A 7 0.62 -0.51 -19.17
C GLY A 7 1.92 -0.48 -18.39
N SER A 8 1.83 -0.75 -17.09
CA SER A 8 3.00 -0.75 -16.22
C SER A 8 2.76 -1.57 -14.97
N THR A 9 3.84 -2.02 -14.34
CA THR A 9 3.75 -2.82 -13.13
C THR A 9 3.56 -1.94 -11.89
N GLN A 10 2.75 -0.90 -12.04
CA GLN A 10 2.48 0.02 -10.94
C GLN A 10 1.17 -0.32 -10.24
N THR A 11 0.95 -1.61 -10.01
CA THR A 11 -0.27 -2.06 -9.35
C THR A 11 -0.19 -1.86 -7.84
N ASP A 12 0.77 -2.51 -7.21
CA ASP A 12 0.96 -2.40 -5.76
C ASP A 12 1.60 -1.06 -5.40
N LYS A 13 2.75 -0.77 -6.02
CA LYS A 13 3.46 0.47 -5.76
C LYS A 13 2.49 1.64 -5.59
N ALA A 14 1.65 1.85 -6.60
CA ALA A 14 0.67 2.93 -6.55
C ALA A 14 -0.16 2.86 -5.28
N LEU A 15 -0.74 1.70 -5.01
CA LEU A 15 -1.56 1.52 -3.81
C LEU A 15 -0.79 1.89 -2.56
N TYR A 16 0.47 1.47 -2.49
CA TYR A 16 1.32 1.77 -1.34
C TYR A 16 1.48 3.27 -1.17
N ASN A 17 2.02 3.93 -2.19
CA ASN A 17 2.23 5.37 -2.16
C ASN A 17 0.97 6.10 -1.70
N ARG A 18 -0.15 5.74 -2.31
CA ARG A 18 -1.43 6.35 -1.98
C ARG A 18 -1.78 6.11 -0.51
N LEU A 19 -1.64 4.87 -0.06
CA LEU A 19 -1.94 4.51 1.31
C LEU A 19 -1.07 5.31 2.29
N VAL A 20 0.24 5.29 2.06
CA VAL A 20 1.17 6.01 2.92
C VAL A 20 1.99 7.01 2.12
N PRO A 21 1.39 8.16 1.81
CA PRO A 21 2.04 9.23 1.03
C PRO A 21 3.15 9.91 1.82
N LEU A 22 4.12 10.48 1.11
CA LEU A 22 5.24 11.16 1.74
C LEU A 22 4.82 12.54 2.25
N VAL A 23 4.95 12.74 3.56
CA VAL A 23 4.59 14.01 4.19
C VAL A 23 5.70 14.50 5.10
N ASN A 24 6.04 15.79 4.97
CA ASN A 24 7.08 16.38 5.79
C ASN A 24 8.38 15.60 5.67
N GLY A 25 8.67 15.11 4.47
CA GLY A 25 9.88 14.34 4.24
C GLY A 25 9.98 13.13 5.15
N VAL A 26 8.84 12.52 5.44
CA VAL A 26 8.80 11.34 6.30
C VAL A 26 7.46 10.64 6.22
N ARG A 27 7.48 9.31 6.22
CA ARG A 27 6.25 8.53 6.15
C ARG A 27 6.02 7.75 7.44
N GLU A 28 4.77 7.65 7.85
CA GLU A 28 4.41 6.93 9.08
C GLU A 28 3.01 6.33 8.98
N PHE A 29 2.92 5.04 9.25
CA PHE A 29 1.63 4.34 9.20
C PHE A 29 0.61 4.99 10.11
N SER A 30 -0.67 4.70 9.88
CA SER A 30 -1.74 5.27 10.69
C SER A 30 -2.29 4.23 11.65
N GLU A 31 -3.03 4.69 12.66
CA GLU A 31 -3.62 3.81 13.65
C GLU A 31 -4.42 2.70 12.99
N ILE A 32 -5.12 3.05 11.91
CA ILE A 32 -5.93 2.09 11.18
C ILE A 32 -5.05 1.12 10.40
N GLN A 33 -4.01 1.65 9.75
CA GLN A 33 -3.10 0.82 8.97
C GLN A 33 -2.38 -0.19 9.85
N LEU A 34 -2.06 0.23 11.07
CA LEU A 34 -1.36 -0.64 12.02
C LEU A 34 -2.29 -1.73 12.54
N SER A 35 -3.32 -1.32 13.29
CA SER A 35 -4.28 -2.25 13.85
C SER A 35 -4.64 -3.34 12.84
N ARG A 36 -4.72 -2.94 11.58
CA ARG A 36 -5.06 -3.88 10.50
C ARG A 36 -3.86 -4.72 10.11
N LEU A 37 -2.66 -4.14 10.25
CA LEU A 37 -1.43 -4.83 9.91
C LEU A 37 -1.16 -5.97 10.89
N LYS A 38 -1.40 -5.71 12.17
CA LYS A 38 -1.18 -6.72 13.20
C LYS A 38 -1.69 -8.08 12.76
N LYS A 39 -2.92 -8.10 12.24
CA LYS A 39 -3.53 -9.34 11.77
C LYS A 39 -2.56 -10.13 10.89
N LEU A 40 -2.01 -9.46 9.88
CA LEU A 40 -1.07 -10.10 8.97
C LEU A 40 0.15 -10.60 9.73
N GLY A 41 0.53 -9.89 10.79
CA GLY A 41 1.69 -10.28 11.58
C GLY A 41 2.91 -9.45 11.27
N ILE A 42 2.68 -8.23 10.79
CA ILE A 42 3.78 -7.32 10.45
C ILE A 42 4.07 -6.37 11.60
N HIS A 43 5.01 -6.74 12.45
CA HIS A 43 5.38 -5.92 13.60
C HIS A 43 6.34 -4.81 13.16
N LYS A 44 6.04 -4.16 12.05
CA LYS A 44 6.87 -3.09 11.53
C LYS A 44 6.15 -1.74 11.63
N THR A 45 6.92 -0.69 11.89
CA THR A 45 6.35 0.65 12.01
C THR A 45 6.73 1.52 10.82
N ASP A 46 8.01 1.46 10.44
CA ASP A 46 8.51 2.25 9.31
C ASP A 46 8.07 1.64 7.99
N PRO A 47 7.69 2.49 7.03
CA PRO A 47 7.24 2.07 5.70
C PRO A 47 8.38 1.47 4.87
N SER A 48 9.61 1.65 5.35
CA SER A 48 10.77 1.14 4.64
C SER A 48 11.06 -0.31 5.04
N THR A 49 10.94 -0.60 6.33
CA THR A 49 11.18 -1.94 6.84
C THR A 49 10.38 -2.98 6.06
N LEU A 50 9.11 -2.68 5.82
CA LEU A 50 8.23 -3.58 5.08
C LEU A 50 8.82 -3.91 3.72
N THR A 51 8.65 -5.17 3.30
CA THR A 51 9.17 -5.63 2.02
C THR A 51 8.05 -5.78 1.00
N GLU A 52 8.40 -5.77 -0.28
CA GLU A 52 7.42 -5.90 -1.36
C GLU A 52 6.37 -6.95 -1.00
N GLU A 53 6.84 -8.12 -0.56
CA GLU A 53 5.94 -9.20 -0.18
C GLU A 53 4.86 -8.71 0.78
N GLU A 54 5.25 -7.83 1.70
CA GLU A 54 4.32 -7.28 2.68
C GLU A 54 3.55 -6.11 2.09
N VAL A 55 4.21 -5.32 1.26
CA VAL A 55 3.58 -4.16 0.63
C VAL A 55 2.36 -4.58 -0.19
N ARG A 56 2.52 -5.61 -1.00
CA ARG A 56 1.43 -6.10 -1.83
C ARG A 56 0.26 -6.60 -0.96
N LYS A 57 0.59 -7.31 0.09
CA LYS A 57 -0.43 -7.85 1.00
C LYS A 57 -1.15 -6.72 1.74
N PHE A 58 -0.38 -5.92 2.47
CA PHE A 58 -0.94 -4.80 3.22
C PHE A 58 -1.90 -3.99 2.35
N ALA A 59 -1.42 -3.58 1.18
CA ALA A 59 -2.23 -2.79 0.27
C ALA A 59 -3.45 -3.58 -0.21
N ARG A 60 -3.22 -4.81 -0.64
CA ARG A 60 -4.30 -5.68 -1.11
C ARG A 60 -5.54 -5.50 -0.26
N LEU A 61 -5.35 -5.33 1.04
CA LEU A 61 -6.46 -5.14 1.97
C LEU A 61 -7.45 -4.11 1.44
N ASN A 62 -6.97 -2.88 1.27
CA ASN A 62 -7.81 -1.80 0.77
C ASN A 62 -8.23 -2.05 -0.67
N ILE A 63 -9.46 -2.49 -0.86
CA ILE A 63 -9.98 -2.77 -2.19
C ILE A 63 -11.12 -1.83 -2.55
N ASP A 64 -10.92 -1.03 -3.59
CA ASP A 64 -11.94 -0.08 -4.04
C ASP A 64 -12.62 -0.58 -5.30
N PRO A 65 -13.93 -0.30 -5.42
CA PRO A 65 -14.73 -0.70 -6.59
C PRO A 65 -14.34 0.06 -7.85
N ALA A 66 -14.04 1.35 -7.69
CA ALA A 66 -13.65 2.19 -8.82
C ALA A 66 -12.71 1.45 -9.75
N THR A 67 -11.65 0.88 -9.18
CA THR A 67 -10.66 0.15 -9.97
C THR A 67 -11.27 -1.10 -10.60
N ILE A 68 -12.21 -1.71 -9.88
CA ILE A 68 -12.88 -2.91 -10.37
C ILE A 68 -13.47 -2.69 -11.76
N THR A 69 -12.82 -3.24 -12.78
CA THR A 69 -13.28 -3.10 -14.15
C THR A 69 -13.24 -4.44 -14.88
N TRP A 70 -13.64 -5.50 -14.20
CA TRP A 70 -13.65 -6.83 -14.78
C TRP A 70 -15.06 -7.22 -15.23
N GLN A 71 -16.06 -6.83 -14.45
CA GLN A 71 -17.45 -7.13 -14.78
C GLN A 71 -17.70 -7.00 -16.27
N GLY A 1 -7.09 11.10 -20.87
CA GLY A 1 -6.74 9.96 -21.70
C GLY A 1 -5.47 9.28 -21.25
N SER A 2 -5.53 7.97 -21.03
CA SER A 2 -4.36 7.22 -20.59
C SER A 2 -3.44 6.90 -21.77
N SER A 3 -4.00 6.32 -22.82
CA SER A 3 -3.23 5.96 -24.00
C SER A 3 -2.00 5.13 -23.62
N GLY A 4 -2.20 4.19 -22.71
CA GLY A 4 -1.10 3.34 -22.28
C GLY A 4 -1.21 1.92 -22.81
N SER A 5 -0.36 1.58 -23.78
CA SER A 5 -0.37 0.26 -24.39
C SER A 5 0.42 -0.73 -23.53
N SER A 6 1.61 -0.32 -23.12
CA SER A 6 2.47 -1.17 -22.30
C SER A 6 3.37 -0.33 -21.41
N GLY A 7 3.78 -0.91 -20.28
CA GLY A 7 4.65 -0.20 -19.35
C GLY A 7 3.95 0.12 -18.04
N SER A 8 3.52 -0.92 -17.33
CA SER A 8 2.83 -0.74 -16.06
C SER A 8 3.69 -1.21 -14.89
N THR A 9 4.16 -0.26 -14.09
CA THR A 9 5.00 -0.58 -12.94
C THR A 9 4.34 -0.15 -11.63
N GLN A 10 4.99 -0.47 -10.52
CA GLN A 10 4.46 -0.12 -9.21
C GLN A 10 3.01 -0.60 -9.05
N THR A 11 2.69 -1.69 -9.72
CA THR A 11 1.34 -2.26 -9.66
C THR A 11 0.79 -2.21 -8.24
N ASP A 12 1.58 -2.70 -7.28
CA ASP A 12 1.18 -2.70 -5.88
C ASP A 12 1.83 -1.56 -5.12
N LYS A 13 3.07 -1.23 -5.50
CA LYS A 13 3.80 -0.16 -4.85
C LYS A 13 3.02 1.15 -4.90
N ALA A 14 2.18 1.28 -5.93
CA ALA A 14 1.37 2.49 -6.10
C ALA A 14 0.35 2.63 -4.98
N LEU A 15 -0.27 1.52 -4.61
CA LEU A 15 -1.26 1.52 -3.54
C LEU A 15 -0.76 2.28 -2.32
N TYR A 16 0.53 2.13 -2.03
CA TYR A 16 1.14 2.81 -0.89
C TYR A 16 1.04 4.32 -1.03
N ASN A 17 1.66 4.85 -2.07
CA ASN A 17 1.65 6.28 -2.34
C ASN A 17 0.29 6.88 -2.00
N ARG A 18 -0.76 6.09 -2.18
CA ARG A 18 -2.12 6.54 -1.89
C ARG A 18 -2.48 6.25 -0.45
N LEU A 19 -2.17 5.04 0.01
CA LEU A 19 -2.47 4.65 1.39
C LEU A 19 -1.78 5.56 2.39
N VAL A 20 -0.45 5.63 2.31
CA VAL A 20 0.32 6.46 3.21
C VAL A 20 0.93 7.65 2.46
N PRO A 21 0.10 8.68 2.22
CA PRO A 21 0.53 9.90 1.53
C PRO A 21 1.49 10.73 2.36
N LEU A 22 2.01 11.80 1.76
CA LEU A 22 2.94 12.69 2.44
C LEU A 22 2.42 14.12 2.44
N VAL A 23 1.90 14.56 3.59
CA VAL A 23 1.38 15.91 3.73
C VAL A 23 2.18 16.71 4.75
N ASN A 24 2.74 16.02 5.73
CA ASN A 24 3.53 16.66 6.77
C ASN A 24 5.02 16.59 6.44
N GLY A 25 5.43 15.51 5.76
CA GLY A 25 6.82 15.34 5.40
C GLY A 25 7.37 14.01 5.85
N VAL A 26 6.49 13.07 6.16
CA VAL A 26 6.90 11.74 6.60
C VAL A 26 5.82 10.71 6.32
N ARG A 27 6.17 9.68 5.56
CA ARG A 27 5.21 8.63 5.22
C ARG A 27 5.08 7.63 6.37
N GLU A 28 4.25 8.00 7.36
CA GLU A 28 4.03 7.14 8.51
C GLU A 28 2.62 6.57 8.51
N PHE A 29 2.48 5.32 8.91
CA PHE A 29 1.18 4.66 8.95
C PHE A 29 0.27 5.31 9.99
N SER A 30 -0.93 4.77 10.13
CA SER A 30 -1.90 5.30 11.09
C SER A 30 -2.58 4.17 11.86
N GLU A 31 -3.15 4.50 13.01
CA GLU A 31 -3.83 3.52 13.84
C GLU A 31 -4.61 2.54 12.98
N ILE A 32 -5.26 3.05 11.94
CA ILE A 32 -6.04 2.21 11.04
C ILE A 32 -5.15 1.19 10.33
N GLN A 33 -4.12 1.68 9.64
CA GLN A 33 -3.20 0.81 8.92
C GLN A 33 -2.57 -0.21 9.86
N LEU A 34 -1.98 0.28 10.95
CA LEU A 34 -1.33 -0.58 11.93
C LEU A 34 -2.27 -1.70 12.38
N SER A 35 -3.33 -1.32 13.08
CA SER A 35 -4.31 -2.29 13.57
C SER A 35 -4.52 -3.41 12.56
N ARG A 36 -4.35 -3.07 11.28
CA ARG A 36 -4.52 -4.06 10.21
C ARG A 36 -3.23 -4.83 9.98
N LEU A 37 -2.11 -4.12 9.90
CA LEU A 37 -0.82 -4.76 9.68
C LEU A 37 -0.52 -5.78 10.77
N LYS A 38 -0.95 -5.48 11.98
CA LYS A 38 -0.73 -6.38 13.11
C LYS A 38 -1.39 -7.73 12.88
N LYS A 39 -2.66 -7.71 12.48
CA LYS A 39 -3.40 -8.94 12.22
C LYS A 39 -2.58 -9.88 11.35
N LEU A 40 -2.08 -9.37 10.23
CA LEU A 40 -1.27 -10.17 9.31
C LEU A 40 -0.04 -10.73 10.01
N GLY A 41 0.49 -9.96 10.96
CA GLY A 41 1.66 -10.40 11.69
C GLY A 41 2.91 -9.63 11.30
N ILE A 42 2.72 -8.43 10.76
CA ILE A 42 3.84 -7.60 10.34
C ILE A 42 4.19 -6.56 11.42
N HIS A 43 5.24 -6.85 12.17
CA HIS A 43 5.68 -5.94 13.23
C HIS A 43 6.51 -4.79 12.66
N LYS A 44 5.98 -4.15 11.64
CA LYS A 44 6.68 -3.03 10.99
C LYS A 44 5.84 -1.76 11.06
N THR A 45 6.47 -0.67 11.49
CA THR A 45 5.79 0.61 11.60
C THR A 45 6.33 1.62 10.59
N ASP A 46 6.72 1.11 9.42
CA ASP A 46 7.25 1.97 8.36
C ASP A 46 6.97 1.37 6.99
N PRO A 47 6.59 2.23 6.03
CA PRO A 47 6.29 1.81 4.66
C PRO A 47 7.53 1.36 3.91
N SER A 48 8.68 1.41 4.57
CA SER A 48 9.94 1.03 3.96
C SER A 48 10.39 -0.35 4.46
N THR A 49 10.23 -0.57 5.77
CA THR A 49 10.61 -1.84 6.37
C THR A 49 9.84 -3.00 5.75
N LEU A 50 8.67 -2.70 5.19
CA LEU A 50 7.84 -3.72 4.56
C LEU A 50 8.42 -4.16 3.22
N THR A 51 8.47 -5.46 3.00
CA THR A 51 9.00 -6.01 1.75
C THR A 51 7.90 -6.22 0.73
N GLU A 52 8.27 -6.23 -0.54
CA GLU A 52 7.31 -6.41 -1.63
C GLU A 52 6.21 -7.37 -1.20
N GLU A 53 6.61 -8.54 -0.69
CA GLU A 53 5.65 -9.55 -0.25
C GLU A 53 4.60 -8.93 0.66
N GLU A 54 5.05 -8.16 1.65
CA GLU A 54 4.14 -7.51 2.59
C GLU A 54 3.40 -6.36 1.93
N VAL A 55 4.09 -5.64 1.05
CA VAL A 55 3.49 -4.51 0.35
C VAL A 55 2.24 -4.94 -0.41
N ARG A 56 2.37 -5.99 -1.21
CA ARG A 56 1.25 -6.51 -1.99
C ARG A 56 0.06 -6.84 -1.10
N LYS A 57 0.34 -7.52 0.01
CA LYS A 57 -0.71 -7.90 0.95
C LYS A 57 -1.33 -6.67 1.60
N PHE A 58 -0.50 -5.91 2.32
CA PHE A 58 -0.97 -4.70 2.99
C PHE A 58 -1.80 -3.83 2.04
N ALA A 59 -1.24 -3.55 0.87
CA ALA A 59 -1.91 -2.74 -0.12
C ALA A 59 -3.20 -3.41 -0.60
N ARG A 60 -3.11 -4.70 -0.90
CA ARG A 60 -4.27 -5.46 -1.36
C ARG A 60 -5.51 -5.14 -0.53
N LEU A 61 -5.31 -4.99 0.78
CA LEU A 61 -6.41 -4.68 1.68
C LEU A 61 -7.32 -3.61 1.09
N ASN A 62 -6.72 -2.49 0.70
CA ASN A 62 -7.47 -1.39 0.12
C ASN A 62 -7.02 -1.11 -1.31
N ILE A 63 -7.91 -1.37 -2.26
CA ILE A 63 -7.60 -1.15 -3.68
C ILE A 63 -8.51 -0.08 -4.28
N ASP A 64 -7.90 0.96 -4.82
CA ASP A 64 -8.66 2.05 -5.45
C ASP A 64 -9.30 1.59 -6.75
N PRO A 65 -10.40 2.26 -7.13
CA PRO A 65 -11.13 1.94 -8.37
C PRO A 65 -10.34 2.32 -9.62
N ALA A 66 -9.30 3.14 -9.44
CA ALA A 66 -8.47 3.57 -10.55
C ALA A 66 -7.41 2.52 -10.89
N THR A 67 -7.11 1.66 -9.92
CA THR A 67 -6.12 0.61 -10.12
C THR A 67 -6.76 -0.67 -10.65
N ILE A 68 -8.01 -0.56 -11.09
CA ILE A 68 -8.73 -1.70 -11.63
C ILE A 68 -8.37 -1.96 -13.08
N THR A 69 -7.20 -2.54 -13.31
CA THR A 69 -6.74 -2.84 -14.66
C THR A 69 -6.95 -4.31 -15.00
N TRP A 70 -8.09 -4.86 -14.57
CA TRP A 70 -8.41 -6.25 -14.83
C TRP A 70 -9.85 -6.40 -15.32
N GLN A 71 -10.07 -6.17 -16.60
CA GLN A 71 -11.40 -6.28 -17.18
C GLN A 71 -12.01 -7.64 -16.88
N GLY A 1 -8.96 12.49 -12.34
CA GLY A 1 -9.03 12.82 -13.75
C GLY A 1 -9.53 11.68 -14.60
N SER A 2 -8.92 11.49 -15.76
CA SER A 2 -9.31 10.43 -16.67
C SER A 2 -8.08 9.82 -17.36
N SER A 3 -7.98 8.50 -17.30
CA SER A 3 -6.85 7.79 -17.91
C SER A 3 -7.15 6.30 -18.04
N GLY A 4 -6.36 5.62 -18.86
CA GLY A 4 -6.56 4.19 -19.05
C GLY A 4 -5.67 3.36 -18.14
N SER A 5 -5.94 2.05 -18.08
CA SER A 5 -5.17 1.15 -17.25
C SER A 5 -4.55 0.03 -18.07
N SER A 6 -3.42 -0.50 -17.61
CA SER A 6 -2.74 -1.57 -18.31
C SER A 6 -1.63 -2.16 -17.45
N GLY A 7 -0.98 -3.21 -17.95
CA GLY A 7 0.09 -3.85 -17.22
C GLY A 7 1.16 -2.87 -16.79
N SER A 8 1.18 -2.55 -15.50
CA SER A 8 2.16 -1.62 -14.96
C SER A 8 3.07 -2.30 -13.94
N THR A 9 4.25 -1.73 -13.75
CA THR A 9 5.22 -2.28 -12.80
C THR A 9 4.90 -1.86 -11.38
N GLN A 10 4.18 -0.75 -11.24
CA GLN A 10 3.81 -0.24 -9.92
C GLN A 10 2.39 -0.65 -9.56
N THR A 11 1.98 -1.82 -10.04
CA THR A 11 0.64 -2.33 -9.78
C THR A 11 0.23 -2.07 -8.33
N ASP A 12 0.99 -2.63 -7.39
CA ASP A 12 0.71 -2.45 -5.97
C ASP A 12 1.43 -1.23 -5.42
N LYS A 13 2.63 -0.97 -5.93
CA LYS A 13 3.42 0.17 -5.49
C LYS A 13 2.62 1.46 -5.59
N ALA A 14 1.70 1.51 -6.55
CA ALA A 14 0.86 2.68 -6.74
C ALA A 14 -0.03 2.94 -5.53
N LEU A 15 -0.48 1.85 -4.91
CA LEU A 15 -1.35 1.96 -3.73
C LEU A 15 -0.53 2.31 -2.49
N TYR A 16 0.47 1.48 -2.19
CA TYR A 16 1.32 1.71 -1.03
C TYR A 16 1.56 3.21 -0.82
N ASN A 17 1.93 3.90 -1.88
CA ASN A 17 2.20 5.34 -1.81
C ASN A 17 0.96 6.09 -1.37
N ARG A 18 -0.19 5.69 -1.90
CA ARG A 18 -1.46 6.34 -1.55
C ARG A 18 -1.92 5.92 -0.16
N LEU A 19 -1.45 4.76 0.29
CA LEU A 19 -1.82 4.25 1.60
C LEU A 19 -1.04 4.97 2.71
N VAL A 20 0.23 5.26 2.44
CA VAL A 20 1.07 5.95 3.40
C VAL A 20 1.81 7.11 2.76
N PRO A 21 1.09 8.22 2.53
CA PRO A 21 1.66 9.43 1.91
C PRO A 21 2.65 10.14 2.82
N LEU A 22 3.39 11.08 2.27
CA LEU A 22 4.38 11.84 3.03
C LEU A 22 4.23 13.33 2.79
N VAL A 23 3.59 14.02 3.74
CA VAL A 23 3.37 15.46 3.63
C VAL A 23 4.01 16.20 4.81
N ASN A 24 3.88 15.62 5.99
CA ASN A 24 4.44 16.23 7.20
C ASN A 24 5.96 16.14 7.19
N GLY A 25 6.51 15.56 6.13
CA GLY A 25 7.95 15.43 6.02
C GLY A 25 8.46 14.13 6.62
N VAL A 26 7.54 13.26 7.02
CA VAL A 26 7.91 11.98 7.61
C VAL A 26 6.79 10.96 7.46
N ARG A 27 7.05 9.90 6.70
CA ARG A 27 6.06 8.85 6.47
C ARG A 27 5.75 8.11 7.77
N GLU A 28 4.50 7.69 7.92
CA GLU A 28 4.08 6.97 9.11
C GLU A 28 2.62 6.50 8.98
N PHE A 29 2.40 5.23 9.26
CA PHE A 29 1.06 4.65 9.17
C PHE A 29 0.11 5.32 10.16
N SER A 30 -1.15 4.91 10.14
CA SER A 30 -2.16 5.46 11.03
C SER A 30 -2.69 4.40 11.98
N GLU A 31 -3.28 4.84 13.09
CA GLU A 31 -3.83 3.93 14.08
C GLU A 31 -4.76 2.91 13.41
N ILE A 32 -5.21 3.23 12.20
CA ILE A 32 -6.10 2.35 11.46
C ILE A 32 -5.31 1.33 10.65
N GLN A 33 -4.39 1.82 9.83
CA GLN A 33 -3.56 0.95 9.00
C GLN A 33 -2.84 -0.09 9.85
N LEU A 34 -2.24 0.37 10.93
CA LEU A 34 -1.50 -0.52 11.84
C LEU A 34 -2.32 -1.76 12.16
N SER A 35 -3.43 -1.57 12.86
CA SER A 35 -4.31 -2.67 13.23
C SER A 35 -4.39 -3.71 12.12
N ARG A 36 -4.25 -3.25 10.88
CA ARG A 36 -4.30 -4.13 9.73
C ARG A 36 -2.97 -4.86 9.54
N LEU A 37 -1.88 -4.14 9.68
CA LEU A 37 -0.54 -4.71 9.53
C LEU A 37 -0.29 -5.77 10.60
N LYS A 38 -0.81 -5.52 11.79
CA LYS A 38 -0.63 -6.45 12.90
C LYS A 38 -1.46 -7.71 12.70
N LYS A 39 -2.71 -7.53 12.29
CA LYS A 39 -3.61 -8.66 12.06
C LYS A 39 -2.96 -9.69 11.13
N LEU A 40 -2.35 -9.21 10.05
CA LEU A 40 -1.70 -10.09 9.10
C LEU A 40 -0.52 -10.82 9.74
N GLY A 41 0.13 -10.16 10.70
CA GLY A 41 1.25 -10.75 11.38
C GLY A 41 2.55 -10.00 11.14
N ILE A 42 2.43 -8.78 10.63
CA ILE A 42 3.60 -7.95 10.35
C ILE A 42 3.92 -7.04 11.53
N HIS A 43 5.03 -7.34 12.21
CA HIS A 43 5.45 -6.55 13.36
C HIS A 43 6.32 -5.39 12.93
N LYS A 44 5.84 -4.63 11.94
CA LYS A 44 6.58 -3.48 11.43
C LYS A 44 5.77 -2.20 11.59
N THR A 45 6.45 -1.11 11.95
CA THR A 45 5.78 0.18 12.13
C THR A 45 6.27 1.19 11.10
N ASP A 46 7.45 0.95 10.55
CA ASP A 46 8.02 1.85 9.54
C ASP A 46 7.84 1.27 8.14
N PRO A 47 7.52 2.14 7.18
CA PRO A 47 7.31 1.75 5.79
C PRO A 47 8.60 1.34 5.10
N SER A 48 9.73 1.84 5.62
CA SER A 48 11.04 1.52 5.05
C SER A 48 11.43 0.09 5.37
N THR A 49 10.90 -0.44 6.46
CA THR A 49 11.20 -1.81 6.88
C THR A 49 10.21 -2.79 6.28
N LEU A 50 9.51 -2.36 5.23
CA LEU A 50 8.53 -3.21 4.56
C LEU A 50 9.11 -3.84 3.31
N THR A 51 8.64 -5.05 2.98
CA THR A 51 9.11 -5.76 1.80
C THR A 51 7.99 -5.97 0.79
N GLU A 52 8.35 -6.04 -0.48
CA GLU A 52 7.38 -6.23 -1.54
C GLU A 52 6.27 -7.17 -1.09
N GLU A 53 6.65 -8.30 -0.52
CA GLU A 53 5.69 -9.29 -0.04
C GLU A 53 4.63 -8.64 0.84
N GLU A 54 5.09 -7.80 1.77
CA GLU A 54 4.18 -7.11 2.68
C GLU A 54 3.46 -5.96 1.98
N VAL A 55 4.25 -5.08 1.37
CA VAL A 55 3.70 -3.92 0.66
C VAL A 55 2.48 -4.33 -0.18
N ARG A 56 2.62 -5.44 -0.91
CA ARG A 56 1.54 -5.93 -1.75
C ARG A 56 0.40 -6.47 -0.90
N LYS A 57 0.73 -7.06 0.23
CA LYS A 57 -0.26 -7.62 1.14
C LYS A 57 -1.09 -6.52 1.78
N PHE A 58 -0.42 -5.61 2.49
CA PHE A 58 -1.11 -4.51 3.15
C PHE A 58 -2.15 -3.89 2.23
N ALA A 59 -1.80 -3.73 0.96
CA ALA A 59 -2.71 -3.14 -0.03
C ALA A 59 -3.80 -4.14 -0.41
N ARG A 60 -3.40 -5.37 -0.70
CA ARG A 60 -4.34 -6.41 -1.10
C ARG A 60 -5.65 -6.27 -0.33
N LEU A 61 -5.54 -6.03 0.98
CA LEU A 61 -6.72 -5.89 1.82
C LEU A 61 -7.85 -5.18 1.07
N ASN A 62 -7.56 -3.99 0.57
CA ASN A 62 -8.54 -3.20 -0.17
C ASN A 62 -8.18 -3.15 -1.65
N ILE A 63 -9.06 -3.71 -2.48
CA ILE A 63 -8.84 -3.72 -3.93
C ILE A 63 -9.84 -2.81 -4.65
N ASP A 64 -9.33 -1.81 -5.34
CA ASP A 64 -10.18 -0.88 -6.08
C ASP A 64 -11.28 -1.62 -6.82
N PRO A 65 -12.44 -0.96 -6.98
CA PRO A 65 -13.59 -1.55 -7.68
C PRO A 65 -13.36 -1.68 -9.18
N ALA A 66 -12.59 -0.75 -9.74
CA ALA A 66 -12.29 -0.76 -11.17
C ALA A 66 -11.54 -2.04 -11.55
N THR A 67 -10.52 -2.38 -10.78
CA THR A 67 -9.73 -3.57 -11.03
C THR A 67 -10.60 -4.80 -11.14
N ILE A 68 -11.53 -4.94 -10.20
CA ILE A 68 -12.45 -6.08 -10.19
C ILE A 68 -12.79 -6.52 -11.61
N THR A 69 -12.53 -7.79 -11.91
CA THR A 69 -12.80 -8.34 -13.22
C THR A 69 -13.05 -9.85 -13.15
N TRP A 70 -14.17 -10.29 -13.74
CA TRP A 70 -14.51 -11.71 -13.73
C TRP A 70 -14.79 -12.19 -15.16
N GLN A 71 -13.90 -13.02 -15.68
CA GLN A 71 -14.06 -13.56 -17.03
C GLN A 71 -15.41 -14.27 -17.18
N GLY A 1 -6.14 10.16 -16.03
CA GLY A 1 -5.01 10.86 -16.61
C GLY A 1 -4.79 10.48 -18.07
N SER A 2 -3.57 10.07 -18.39
CA SER A 2 -3.23 9.68 -19.76
C SER A 2 -2.65 8.27 -19.79
N SER A 3 -2.43 7.75 -21.00
CA SER A 3 -1.89 6.41 -21.17
C SER A 3 -0.79 6.41 -22.23
N GLY A 4 0.04 5.37 -22.20
CA GLY A 4 1.12 5.27 -23.17
C GLY A 4 1.70 3.86 -23.25
N SER A 5 2.60 3.54 -22.32
CA SER A 5 3.22 2.23 -22.29
C SER A 5 2.67 1.39 -21.15
N SER A 6 2.68 0.07 -21.32
CA SER A 6 2.18 -0.84 -20.31
C SER A 6 3.17 -1.99 -20.06
N GLY A 7 2.89 -2.79 -19.04
CA GLY A 7 3.76 -3.90 -18.72
C GLY A 7 4.84 -3.54 -17.72
N SER A 8 4.42 -2.97 -16.59
CA SER A 8 5.35 -2.56 -15.55
C SER A 8 4.87 -3.03 -14.18
N THR A 9 5.79 -3.06 -13.20
CA THR A 9 5.47 -3.48 -11.85
C THR A 9 4.98 -2.31 -11.02
N GLN A 10 4.24 -1.39 -11.64
CA GLN A 10 3.73 -0.23 -10.94
C GLN A 10 2.24 -0.39 -10.64
N THR A 11 1.86 -1.59 -10.17
CA THR A 11 0.47 -1.87 -9.84
C THR A 11 0.23 -1.78 -8.34
N ASP A 12 0.86 -2.67 -7.59
CA ASP A 12 0.72 -2.70 -6.14
C ASP A 12 1.45 -1.51 -5.51
N LYS A 13 2.69 -1.31 -5.92
CA LYS A 13 3.50 -0.21 -5.39
C LYS A 13 2.70 1.10 -5.39
N ALA A 14 2.20 1.48 -6.56
CA ALA A 14 1.42 2.71 -6.69
C ALA A 14 0.51 2.91 -5.48
N LEU A 15 -0.37 1.96 -5.24
CA LEU A 15 -1.30 2.04 -4.11
C LEU A 15 -0.56 2.44 -2.84
N TYR A 16 0.47 1.69 -2.49
CA TYR A 16 1.26 1.97 -1.29
C TYR A 16 1.37 3.47 -1.06
N ASN A 17 1.96 4.17 -2.02
CA ASN A 17 2.13 5.61 -1.92
C ASN A 17 0.84 6.29 -1.51
N ARG A 18 -0.26 5.88 -2.14
CA ARG A 18 -1.57 6.46 -1.85
C ARG A 18 -1.96 6.20 -0.39
N LEU A 19 -1.79 4.96 0.04
CA LEU A 19 -2.12 4.58 1.42
C LEU A 19 -1.34 5.42 2.42
N VAL A 20 -0.04 5.53 2.19
CA VAL A 20 0.83 6.31 3.07
C VAL A 20 1.50 7.45 2.32
N PRO A 21 0.76 8.55 2.11
CA PRO A 21 1.26 9.72 1.40
C PRO A 21 2.32 10.47 2.21
N LEU A 22 3.10 11.30 1.52
CA LEU A 22 4.15 12.08 2.16
C LEU A 22 3.80 13.57 2.17
N VAL A 23 3.74 14.15 3.37
CA VAL A 23 3.42 15.56 3.51
C VAL A 23 4.36 16.23 4.51
N ASN A 24 4.43 15.69 5.71
CA ASN A 24 5.29 16.23 6.76
C ASN A 24 6.72 15.73 6.60
N GLY A 25 7.15 15.56 5.37
CA GLY A 25 8.50 15.08 5.11
C GLY A 25 8.81 13.79 5.84
N VAL A 26 7.76 13.14 6.36
CA VAL A 26 7.93 11.89 7.09
C VAL A 26 6.69 11.02 6.98
N ARG A 27 6.85 9.84 6.37
CA ARG A 27 5.73 8.92 6.20
C ARG A 27 5.54 8.06 7.46
N GLU A 28 4.32 8.11 8.01
CA GLU A 28 4.01 7.34 9.21
C GLU A 28 2.63 6.71 9.09
N PHE A 29 2.51 5.46 9.56
CA PHE A 29 1.24 4.75 9.52
C PHE A 29 0.20 5.43 10.41
N SER A 30 -1.00 4.85 10.46
CA SER A 30 -2.08 5.39 11.27
C SER A 30 -2.71 4.31 12.13
N GLU A 31 -3.15 4.70 13.33
CA GLU A 31 -3.78 3.76 14.25
C GLU A 31 -4.61 2.73 13.50
N ILE A 32 -5.19 3.15 12.37
CA ILE A 32 -6.01 2.26 11.56
C ILE A 32 -5.16 1.23 10.84
N GLN A 33 -4.22 1.71 10.03
CA GLN A 33 -3.34 0.83 9.27
C GLN A 33 -2.66 -0.18 10.19
N LEU A 34 -1.94 0.34 11.19
CA LEU A 34 -1.24 -0.53 12.14
C LEU A 34 -2.14 -1.66 12.61
N SER A 35 -3.17 -1.31 13.37
CA SER A 35 -4.11 -2.30 13.89
C SER A 35 -4.38 -3.39 12.86
N ARG A 36 -4.38 -3.00 11.59
CA ARG A 36 -4.63 -3.95 10.51
C ARG A 36 -3.37 -4.74 10.19
N LEU A 37 -2.23 -4.06 10.13
CA LEU A 37 -0.96 -4.69 9.84
C LEU A 37 -0.71 -5.87 10.77
N LYS A 38 -1.07 -5.69 12.04
CA LYS A 38 -0.89 -6.74 13.04
C LYS A 38 -1.68 -7.99 12.68
N LYS A 39 -2.82 -7.79 12.02
CA LYS A 39 -3.67 -8.90 11.60
C LYS A 39 -2.94 -9.81 10.63
N LEU A 40 -2.32 -9.21 9.62
CA LEU A 40 -1.58 -9.98 8.62
C LEU A 40 -0.37 -10.65 9.24
N GLY A 41 0.18 -10.06 10.30
CA GLY A 41 1.33 -10.62 10.96
C GLY A 41 2.58 -9.80 10.76
N ILE A 42 2.40 -8.54 10.35
CA ILE A 42 3.54 -7.65 10.11
C ILE A 42 3.87 -6.85 11.36
N HIS A 43 5.08 -7.06 11.89
CA HIS A 43 5.52 -6.35 13.08
C HIS A 43 6.42 -5.17 12.70
N LYS A 44 5.97 -4.39 11.74
CA LYS A 44 6.73 -3.23 11.29
C LYS A 44 5.94 -1.94 11.52
N THR A 45 6.65 -0.90 11.96
CA THR A 45 6.01 0.39 12.23
C THR A 45 6.39 1.42 11.17
N ASP A 46 7.64 1.36 10.71
CA ASP A 46 8.11 2.29 9.68
C ASP A 46 7.76 1.79 8.29
N PRO A 47 7.40 2.73 7.40
CA PRO A 47 7.03 2.39 6.02
C PRO A 47 8.23 1.95 5.19
N SER A 48 9.42 2.32 5.64
CA SER A 48 10.65 1.97 4.94
C SER A 48 11.03 0.51 5.22
N THR A 49 10.61 0.01 6.38
CA THR A 49 10.91 -1.37 6.76
C THR A 49 10.11 -2.36 5.92
N LEU A 50 8.88 -1.99 5.57
CA LEU A 50 8.03 -2.85 4.77
C LEU A 50 8.79 -3.42 3.57
N THR A 51 8.38 -4.60 3.11
CA THR A 51 9.03 -5.25 1.98
C THR A 51 8.02 -5.61 0.90
N GLU A 52 8.47 -5.59 -0.36
CA GLU A 52 7.60 -5.91 -1.48
C GLU A 52 6.58 -6.98 -1.09
N GLU A 53 7.04 -8.01 -0.38
CA GLU A 53 6.17 -9.09 0.05
C GLU A 53 4.99 -8.55 0.85
N GLU A 54 5.28 -7.76 1.88
CA GLU A 54 4.24 -7.18 2.72
C GLU A 54 3.46 -6.10 1.96
N VAL A 55 4.20 -5.19 1.32
CA VAL A 55 3.58 -4.12 0.56
C VAL A 55 2.41 -4.62 -0.27
N ARG A 56 2.60 -5.76 -0.93
CA ARG A 56 1.56 -6.36 -1.76
C ARG A 56 0.33 -6.69 -0.93
N LYS A 57 0.56 -7.27 0.24
CA LYS A 57 -0.53 -7.65 1.14
C LYS A 57 -1.26 -6.41 1.66
N PHE A 58 -0.50 -5.50 2.26
CA PHE A 58 -1.07 -4.28 2.81
C PHE A 58 -2.16 -3.73 1.89
N ALA A 59 -1.94 -3.83 0.58
CA ALA A 59 -2.90 -3.35 -0.40
C ALA A 59 -4.02 -4.37 -0.63
N ARG A 60 -3.63 -5.62 -0.85
CA ARG A 60 -4.60 -6.69 -1.08
C ARG A 60 -5.83 -6.50 -0.19
N LEU A 61 -5.61 -6.54 1.12
CA LEU A 61 -6.71 -6.37 2.08
C LEU A 61 -7.48 -5.08 1.80
N ASN A 62 -6.75 -4.03 1.46
CA ASN A 62 -7.36 -2.74 1.16
C ASN A 62 -7.99 -2.72 -0.22
N ILE A 63 -9.31 -2.88 -0.28
CA ILE A 63 -10.03 -2.89 -1.55
C ILE A 63 -11.08 -1.79 -1.58
N ASP A 64 -11.00 -0.94 -2.61
CA ASP A 64 -11.95 0.15 -2.76
C ASP A 64 -12.72 0.03 -4.07
N PRO A 65 -13.93 0.60 -4.11
CA PRO A 65 -14.78 0.57 -5.30
C PRO A 65 -14.23 1.42 -6.43
N ALA A 66 -13.70 2.59 -6.09
CA ALA A 66 -13.14 3.49 -7.08
C ALA A 66 -12.22 2.77 -8.04
N THR A 67 -11.23 2.07 -7.49
CA THR A 67 -10.28 1.32 -8.32
C THR A 67 -11.01 0.42 -9.32
N ILE A 68 -12.01 -0.30 -8.83
CA ILE A 68 -12.78 -1.19 -9.69
C ILE A 68 -13.12 -0.53 -11.02
N THR A 69 -12.94 -1.27 -12.10
CA THR A 69 -13.22 -0.74 -13.44
C THR A 69 -14.13 -1.70 -14.21
N TRP A 70 -15.44 -1.56 -14.01
CA TRP A 70 -16.41 -2.40 -14.68
C TRP A 70 -16.32 -2.24 -16.20
N GLN A 71 -16.39 -0.99 -16.66
CA GLN A 71 -16.30 -0.70 -18.08
C GLN A 71 -15.04 -1.30 -18.70
N GLY A 1 3.04 -14.74 -17.22
CA GLY A 1 3.68 -14.66 -18.52
C GLY A 1 3.22 -13.45 -19.32
N SER A 2 2.55 -13.70 -20.43
CA SER A 2 2.05 -12.63 -21.28
C SER A 2 0.53 -12.70 -21.44
N SER A 3 -0.11 -11.54 -21.48
CA SER A 3 -1.56 -11.48 -21.62
C SER A 3 -1.96 -10.36 -22.58
N GLY A 4 -3.19 -10.44 -23.10
CA GLY A 4 -3.67 -9.44 -24.02
C GLY A 4 -4.07 -8.15 -23.31
N SER A 5 -5.12 -8.23 -22.50
CA SER A 5 -5.61 -7.07 -21.76
C SER A 5 -4.45 -6.18 -21.32
N SER A 6 -4.69 -4.88 -21.26
CA SER A 6 -3.67 -3.93 -20.85
C SER A 6 -3.39 -4.04 -19.35
N GLY A 7 -2.14 -3.79 -18.98
CA GLY A 7 -1.76 -3.88 -17.57
C GLY A 7 -0.27 -3.71 -17.37
N SER A 8 0.12 -2.64 -16.69
CA SER A 8 1.53 -2.36 -16.44
C SER A 8 1.95 -2.93 -15.08
N THR A 9 3.23 -2.81 -14.78
CA THR A 9 3.77 -3.30 -13.51
C THR A 9 3.21 -2.51 -12.33
N GLN A 10 3.08 -1.19 -12.52
CA GLN A 10 2.56 -0.32 -11.47
C GLN A 10 1.16 -0.75 -11.06
N THR A 11 1.08 -1.65 -10.08
CA THR A 11 -0.21 -2.14 -9.60
C THR A 11 -0.32 -1.99 -8.09
N ASP A 12 0.68 -2.49 -7.37
CA ASP A 12 0.70 -2.41 -5.92
C ASP A 12 1.56 -1.25 -5.45
N LYS A 13 2.71 -1.07 -6.09
CA LYS A 13 3.63 0.00 -5.73
C LYS A 13 2.90 1.34 -5.69
N ALA A 14 2.02 1.57 -6.66
CA ALA A 14 1.25 2.81 -6.72
C ALA A 14 0.33 2.95 -5.51
N LEU A 15 -0.52 1.95 -5.31
CA LEU A 15 -1.45 1.95 -4.19
C LEU A 15 -0.75 2.35 -2.89
N TYR A 16 0.40 1.76 -2.64
CA TYR A 16 1.17 2.04 -1.44
C TYR A 16 1.28 3.55 -1.21
N ASN A 17 1.67 4.27 -2.26
CA ASN A 17 1.80 5.73 -2.17
C ASN A 17 0.57 6.36 -1.53
N ARG A 18 -0.60 6.03 -2.07
CA ARG A 18 -1.85 6.56 -1.55
C ARG A 18 -2.07 6.15 -0.09
N LEU A 19 -1.92 4.85 0.17
CA LEU A 19 -2.10 4.32 1.52
C LEU A 19 -1.30 5.14 2.53
N VAL A 20 -0.07 5.48 2.17
CA VAL A 20 0.79 6.27 3.05
C VAL A 20 1.05 7.65 2.47
N PRO A 21 0.08 8.56 2.66
CA PRO A 21 0.18 9.94 2.16
C PRO A 21 1.23 10.75 2.91
N LEU A 22 1.63 11.88 2.33
CA LEU A 22 2.62 12.75 2.94
C LEU A 22 2.06 14.15 3.15
N VAL A 23 1.54 14.39 4.35
CA VAL A 23 0.98 15.70 4.69
C VAL A 23 1.90 16.47 5.64
N ASN A 24 2.44 15.77 6.62
CA ASN A 24 3.32 16.38 7.59
C ASN A 24 4.78 16.14 7.23
N GLY A 25 5.10 16.27 5.94
CA GLY A 25 6.46 16.05 5.48
C GLY A 25 7.11 14.85 6.13
N VAL A 26 6.34 13.78 6.30
CA VAL A 26 6.85 12.56 6.91
C VAL A 26 5.89 11.39 6.69
N ARG A 27 6.41 10.32 6.09
CA ARG A 27 5.60 9.14 5.83
C ARG A 27 5.47 8.27 7.08
N GLU A 28 4.24 8.10 7.55
CA GLU A 28 3.98 7.29 8.74
C GLU A 28 2.59 6.68 8.69
N PHE A 29 2.41 5.55 9.37
CA PHE A 29 1.12 4.87 9.42
C PHE A 29 0.23 5.48 10.49
N SER A 30 -0.99 4.95 10.60
CA SER A 30 -1.95 5.43 11.58
C SER A 30 -2.50 4.28 12.41
N GLU A 31 -3.12 4.62 13.54
CA GLU A 31 -3.68 3.62 14.44
C GLU A 31 -4.50 2.60 13.65
N ILE A 32 -5.08 3.04 12.54
CA ILE A 32 -5.88 2.16 11.70
C ILE A 32 -5.00 1.21 10.89
N GLN A 33 -4.16 1.78 10.04
CA GLN A 33 -3.26 0.99 9.21
C GLN A 33 -2.53 -0.06 10.04
N LEU A 34 -1.93 0.38 11.14
CA LEU A 34 -1.20 -0.52 12.02
C LEU A 34 -2.07 -1.70 12.44
N SER A 35 -3.13 -1.42 13.19
CA SER A 35 -4.04 -2.46 13.66
C SER A 35 -4.28 -3.50 12.58
N ARG A 36 -4.32 -3.05 11.33
CA ARG A 36 -4.53 -3.94 10.19
C ARG A 36 -3.26 -4.68 9.83
N LEU A 37 -2.12 -3.98 9.92
CA LEU A 37 -0.84 -4.57 9.60
C LEU A 37 -0.56 -5.80 10.46
N LYS A 38 -0.85 -5.69 11.75
CA LYS A 38 -0.64 -6.79 12.68
C LYS A 38 -1.49 -8.00 12.28
N LYS A 39 -2.77 -7.76 12.04
CA LYS A 39 -3.69 -8.82 11.65
C LYS A 39 -3.11 -9.65 10.51
N LEU A 40 -2.64 -8.99 9.47
CA LEU A 40 -2.06 -9.67 8.32
C LEU A 40 -0.81 -10.43 8.72
N GLY A 41 -0.10 -9.91 9.72
CA GLY A 41 1.11 -10.57 10.19
C GLY A 41 2.35 -9.76 9.91
N ILE A 42 2.17 -8.45 9.73
CA ILE A 42 3.29 -7.56 9.45
C ILE A 42 3.67 -6.75 10.68
N HIS A 43 4.70 -7.20 11.39
CA HIS A 43 5.17 -6.52 12.59
C HIS A 43 6.16 -5.42 12.24
N LYS A 44 5.66 -4.33 11.66
CA LYS A 44 6.49 -3.20 11.28
C LYS A 44 5.71 -1.90 11.35
N THR A 45 6.42 -0.81 11.66
CA THR A 45 5.79 0.50 11.76
C THR A 45 6.28 1.42 10.65
N ASP A 46 7.58 1.42 10.40
CA ASP A 46 8.16 2.26 9.36
C ASP A 46 7.64 1.87 7.99
N PRO A 47 7.29 2.87 7.17
CA PRO A 47 6.77 2.66 5.82
C PRO A 47 7.84 2.14 4.87
N SER A 48 9.07 2.01 5.36
CA SER A 48 10.18 1.53 4.56
C SER A 48 10.49 0.07 4.88
N THR A 49 10.44 -0.26 6.16
CA THR A 49 10.71 -1.62 6.61
C THR A 49 9.94 -2.64 5.79
N LEU A 50 8.64 -2.39 5.61
CA LEU A 50 7.79 -3.29 4.84
C LEU A 50 8.43 -3.63 3.50
N THR A 51 8.61 -4.92 3.24
CA THR A 51 9.21 -5.39 1.99
C THR A 51 8.14 -5.72 0.96
N GLU A 52 8.58 -6.04 -0.25
CA GLU A 52 7.66 -6.38 -1.32
C GLU A 52 6.52 -7.25 -0.82
N GLU A 53 6.86 -8.24 0.01
CA GLU A 53 5.86 -9.15 0.57
C GLU A 53 4.88 -8.39 1.47
N GLU A 54 5.42 -7.61 2.39
CA GLU A 54 4.60 -6.83 3.32
C GLU A 54 3.69 -5.88 2.55
N VAL A 55 4.24 -5.23 1.53
CA VAL A 55 3.47 -4.29 0.73
C VAL A 55 2.30 -4.98 0.03
N ARG A 56 2.61 -5.95 -0.83
CA ARG A 56 1.58 -6.68 -1.56
C ARG A 56 0.44 -7.08 -0.63
N LYS A 57 0.78 -7.54 0.57
CA LYS A 57 -0.22 -7.94 1.55
C LYS A 57 -1.01 -6.74 2.05
N PHE A 58 -0.31 -5.61 2.24
CA PHE A 58 -0.95 -4.39 2.72
C PHE A 58 -1.54 -3.59 1.57
N ALA A 59 -1.79 -4.28 0.45
CA ALA A 59 -2.36 -3.64 -0.72
C ALA A 59 -3.74 -4.20 -1.04
N ARG A 60 -3.90 -5.51 -0.87
CA ARG A 60 -5.16 -6.17 -1.15
C ARG A 60 -6.27 -5.61 -0.26
N LEU A 61 -6.08 -5.69 1.05
CA LEU A 61 -7.06 -5.19 2.00
C LEU A 61 -7.67 -3.89 1.52
N ASN A 62 -6.86 -3.07 0.86
CA ASN A 62 -7.32 -1.78 0.34
C ASN A 62 -8.01 -1.96 -1.01
N ILE A 63 -8.80 -3.01 -1.13
CA ILE A 63 -9.52 -3.29 -2.37
C ILE A 63 -10.97 -3.69 -2.09
N ASP A 64 -11.89 -2.80 -2.42
CA ASP A 64 -13.32 -3.05 -2.22
C ASP A 64 -13.86 -4.00 -3.28
N PRO A 65 -14.83 -4.84 -2.88
CA PRO A 65 -15.46 -5.82 -3.79
C PRO A 65 -16.32 -5.15 -4.85
N ALA A 66 -16.72 -3.91 -4.58
CA ALA A 66 -17.55 -3.16 -5.52
C ALA A 66 -16.80 -2.87 -6.82
N THR A 67 -15.57 -2.38 -6.68
CA THR A 67 -14.75 -2.06 -7.84
C THR A 67 -14.81 -3.17 -8.88
N ILE A 68 -14.71 -4.42 -8.42
CA ILE A 68 -14.75 -5.57 -9.31
C ILE A 68 -16.04 -5.58 -10.12
N THR A 69 -15.91 -5.80 -11.43
CA THR A 69 -17.06 -5.85 -12.32
C THR A 69 -17.44 -7.28 -12.67
N TRP A 70 -18.28 -7.88 -11.84
CA TRP A 70 -18.72 -9.26 -12.07
C TRP A 70 -19.80 -9.32 -13.14
N GLN A 71 -19.47 -9.94 -14.27
CA GLN A 71 -20.41 -10.06 -15.38
C GLN A 71 -21.43 -11.16 -15.10
N GLY A 1 6.43 15.32 -16.40
CA GLY A 1 5.35 14.55 -15.82
C GLY A 1 3.98 15.00 -16.31
N SER A 2 3.44 14.28 -17.30
CA SER A 2 2.14 14.62 -17.86
C SER A 2 1.02 14.07 -16.98
N SER A 3 -0.22 14.40 -17.35
CA SER A 3 -1.39 13.95 -16.61
C SER A 3 -2.62 13.88 -17.50
N GLY A 4 -3.32 12.74 -17.46
CA GLY A 4 -4.51 12.58 -18.27
C GLY A 4 -5.12 11.19 -18.12
N SER A 5 -5.34 10.52 -19.25
CA SER A 5 -5.93 9.19 -19.23
C SER A 5 -4.92 8.15 -18.72
N SER A 6 -5.43 7.01 -18.27
CA SER A 6 -4.59 5.95 -17.75
C SER A 6 -4.93 4.61 -18.40
N GLY A 7 -3.95 3.71 -18.45
CA GLY A 7 -4.17 2.42 -19.05
C GLY A 7 -3.93 1.28 -18.07
N SER A 8 -2.68 1.07 -17.70
CA SER A 8 -2.33 0.01 -16.76
C SER A 8 -0.87 0.13 -16.33
N THR A 9 -0.66 0.56 -15.09
CA THR A 9 0.68 0.73 -14.55
C THR A 9 0.85 -0.03 -13.24
N GLN A 10 2.00 0.14 -12.60
CA GLN A 10 2.28 -0.53 -11.34
C GLN A 10 1.12 -0.37 -10.37
N THR A 11 0.49 -1.51 -10.02
CA THR A 11 -0.64 -1.49 -9.10
C THR A 11 -0.17 -1.38 -7.65
N ASP A 12 0.34 -2.48 -7.11
CA ASP A 12 0.83 -2.52 -5.74
C ASP A 12 1.67 -1.28 -5.44
N LYS A 13 2.68 -1.04 -6.27
CA LYS A 13 3.57 0.09 -6.09
C LYS A 13 2.78 1.39 -6.02
N ALA A 14 2.14 1.75 -7.13
CA ALA A 14 1.34 2.97 -7.20
C ALA A 14 0.25 2.97 -6.13
N LEU A 15 -0.07 1.78 -5.62
CA LEU A 15 -1.11 1.65 -4.60
C LEU A 15 -0.56 2.03 -3.23
N TYR A 16 0.70 1.68 -2.98
CA TYR A 16 1.34 1.98 -1.71
C TYR A 16 1.62 3.48 -1.58
N ASN A 17 2.25 4.04 -2.60
CA ASN A 17 2.58 5.46 -2.61
C ASN A 17 1.44 6.29 -2.02
N ARG A 18 0.22 5.98 -2.42
CA ARG A 18 -0.96 6.69 -1.94
C ARG A 18 -1.30 6.26 -0.51
N LEU A 19 -1.42 4.96 -0.31
CA LEU A 19 -1.74 4.42 1.01
C LEU A 19 -0.99 5.16 2.10
N VAL A 20 0.29 5.41 1.87
CA VAL A 20 1.12 6.13 2.83
C VAL A 20 1.46 7.53 2.33
N PRO A 21 0.53 8.47 2.52
CA PRO A 21 0.71 9.86 2.10
C PRO A 21 1.75 10.58 2.94
N LEU A 22 1.94 11.87 2.67
CA LEU A 22 2.90 12.69 3.41
C LEU A 22 2.32 14.05 3.74
N VAL A 23 2.20 14.34 5.02
CA VAL A 23 1.65 15.61 5.48
C VAL A 23 2.62 16.31 6.43
N ASN A 24 3.15 15.55 7.39
CA ASN A 24 4.09 16.10 8.36
C ASN A 24 5.53 15.87 7.92
N GLY A 25 5.79 16.06 6.63
CA GLY A 25 7.13 15.87 6.10
C GLY A 25 7.75 14.57 6.57
N VAL A 26 6.91 13.60 6.90
CA VAL A 26 7.38 12.30 7.36
C VAL A 26 6.31 11.23 7.18
N ARG A 27 6.65 10.18 6.46
CA ARG A 27 5.72 9.08 6.21
C ARG A 27 5.56 8.22 7.46
N GLU A 28 4.32 7.95 7.84
CA GLU A 28 4.02 7.15 9.01
C GLU A 28 2.65 6.48 8.89
N PHE A 29 2.42 5.46 9.71
CA PHE A 29 1.15 4.73 9.69
C PHE A 29 0.21 5.25 10.77
N SER A 30 -1.07 4.94 10.64
CA SER A 30 -2.07 5.38 11.60
C SER A 30 -2.58 4.21 12.43
N GLU A 31 -3.27 4.52 13.52
CA GLU A 31 -3.81 3.49 14.40
C GLU A 31 -4.59 2.44 13.60
N ILE A 32 -5.20 2.88 12.50
CA ILE A 32 -5.97 1.99 11.65
C ILE A 32 -5.06 1.03 10.89
N GLN A 33 -4.15 1.59 10.09
CA GLN A 33 -3.23 0.79 9.30
C GLN A 33 -2.55 -0.27 10.16
N LEU A 34 -2.01 0.16 11.30
CA LEU A 34 -1.33 -0.74 12.22
C LEU A 34 -2.26 -1.88 12.65
N SER A 35 -3.30 -1.53 13.38
CA SER A 35 -4.26 -2.52 13.85
C SER A 35 -4.53 -3.57 12.78
N ARG A 36 -4.34 -3.19 11.53
CA ARG A 36 -4.57 -4.10 10.41
C ARG A 36 -3.30 -4.90 10.10
N LEU A 37 -2.15 -4.25 10.18
CA LEU A 37 -0.87 -4.90 9.92
C LEU A 37 -0.62 -6.02 10.92
N LYS A 38 -1.10 -5.84 12.14
CA LYS A 38 -0.93 -6.83 13.20
C LYS A 38 -1.67 -8.12 12.85
N LYS A 39 -2.88 -7.98 12.31
CA LYS A 39 -3.69 -9.13 11.93
C LYS A 39 -2.91 -10.07 11.00
N LEU A 40 -2.33 -9.49 9.95
CA LEU A 40 -1.55 -10.26 8.99
C LEU A 40 -0.35 -10.91 9.65
N GLY A 41 0.19 -10.25 10.67
CA GLY A 41 1.34 -10.79 11.38
C GLY A 41 2.64 -10.12 10.95
N ILE A 42 2.54 -8.89 10.47
CA ILE A 42 3.72 -8.15 10.03
C ILE A 42 4.49 -7.59 11.22
N HIS A 43 3.76 -6.97 12.15
CA HIS A 43 4.38 -6.39 13.34
C HIS A 43 5.35 -5.27 12.95
N LYS A 44 4.96 -4.48 11.95
CA LYS A 44 5.79 -3.37 11.49
C LYS A 44 5.07 -2.04 11.69
N THR A 45 5.77 -1.07 12.27
CA THR A 45 5.21 0.25 12.51
C THR A 45 6.00 1.33 11.80
N ASP A 46 6.50 1.00 10.60
CA ASP A 46 7.28 1.96 9.82
C ASP A 46 7.08 1.71 8.32
N PRO A 47 6.98 2.80 7.56
CA PRO A 47 6.79 2.73 6.11
C PRO A 47 8.02 2.23 5.38
N SER A 48 9.10 2.00 6.13
CA SER A 48 10.34 1.52 5.56
C SER A 48 10.50 0.02 5.78
N THR A 49 10.15 -0.43 6.98
CA THR A 49 10.25 -1.84 7.32
C THR A 49 9.42 -2.70 6.37
N LEU A 50 8.23 -2.22 6.03
CA LEU A 50 7.35 -2.94 5.12
C LEU A 50 8.00 -3.12 3.76
N THR A 51 8.22 -4.38 3.36
CA THR A 51 8.82 -4.69 2.08
C THR A 51 7.77 -5.00 1.02
N GLU A 52 8.17 -4.94 -0.24
CA GLU A 52 7.25 -5.21 -1.35
C GLU A 52 6.25 -6.29 -0.97
N GLU A 53 6.74 -7.36 -0.35
CA GLU A 53 5.88 -8.46 0.07
C GLU A 53 4.83 -7.98 1.07
N GLU A 54 5.29 -7.33 2.14
CA GLU A 54 4.39 -6.82 3.17
C GLU A 54 3.40 -5.81 2.58
N VAL A 55 3.89 -5.00 1.65
CA VAL A 55 3.06 -3.99 1.01
C VAL A 55 1.95 -4.63 0.19
N ARG A 56 2.33 -5.41 -0.82
CA ARG A 56 1.37 -6.08 -1.67
C ARG A 56 0.27 -6.74 -0.84
N LYS A 57 0.64 -7.28 0.31
CA LYS A 57 -0.31 -7.94 1.19
C LYS A 57 -1.20 -6.91 1.89
N PHE A 58 -0.62 -5.77 2.25
CA PHE A 58 -1.35 -4.72 2.92
C PHE A 58 -2.44 -4.14 2.02
N ALA A 59 -2.05 -3.76 0.80
CA ALA A 59 -2.97 -3.20 -0.17
C ALA A 59 -4.13 -4.16 -0.45
N ARG A 60 -3.80 -5.43 -0.66
CA ARG A 60 -4.80 -6.45 -0.93
C ARG A 60 -6.06 -6.19 -0.13
N LEU A 61 -5.90 -5.95 1.16
CA LEU A 61 -7.03 -5.70 2.05
C LEU A 61 -8.09 -4.86 1.34
N ASN A 62 -7.66 -3.74 0.76
CA ASN A 62 -8.57 -2.84 0.05
C ASN A 62 -8.21 -2.77 -1.44
N ILE A 63 -9.03 -3.39 -2.27
CA ILE A 63 -8.80 -3.38 -3.71
C ILE A 63 -9.71 -2.37 -4.41
N ASP A 64 -9.17 -1.17 -4.62
CA ASP A 64 -9.93 -0.11 -5.29
C ASP A 64 -10.44 -0.59 -6.65
N PRO A 65 -11.64 -0.10 -7.02
CA PRO A 65 -12.26 -0.46 -8.30
C PRO A 65 -11.53 0.14 -9.50
N ALA A 66 -10.56 1.00 -9.22
CA ALA A 66 -9.78 1.65 -10.27
C ALA A 66 -8.81 0.67 -10.91
N THR A 67 -8.58 -0.47 -10.25
CA THR A 67 -7.68 -1.49 -10.76
C THR A 67 -8.44 -2.56 -11.51
N ILE A 68 -9.72 -2.32 -11.76
CA ILE A 68 -10.55 -3.27 -12.49
C ILE A 68 -10.74 -2.85 -13.94
N THR A 69 -9.85 -3.31 -14.81
CA THR A 69 -9.92 -2.98 -16.22
C THR A 69 -9.93 -4.24 -17.08
N TRP A 70 -10.32 -5.36 -16.48
CA TRP A 70 -10.37 -6.63 -17.19
C TRP A 70 -11.81 -7.03 -17.52
N GLN A 71 -12.30 -6.54 -18.66
CA GLN A 71 -13.66 -6.84 -19.08
C GLN A 71 -13.78 -8.27 -19.60
N GLY A 1 -6.69 14.85 -8.30
CA GLY A 1 -5.28 14.89 -8.65
C GLY A 1 -5.06 14.90 -10.15
N SER A 2 -5.24 13.74 -10.78
CA SER A 2 -5.05 13.60 -12.22
C SER A 2 -6.19 12.79 -12.84
N SER A 3 -6.16 12.66 -14.16
CA SER A 3 -7.17 11.91 -14.88
C SER A 3 -6.55 11.09 -16.01
N GLY A 4 -7.08 9.89 -16.22
CA GLY A 4 -6.57 9.02 -17.27
C GLY A 4 -5.43 8.16 -16.80
N SER A 5 -4.93 7.30 -17.68
CA SER A 5 -3.83 6.40 -17.34
C SER A 5 -3.24 5.75 -18.60
N SER A 6 -1.97 5.41 -18.54
CA SER A 6 -1.29 4.79 -19.67
C SER A 6 -0.03 4.05 -19.20
N GLY A 7 0.29 2.96 -19.90
CA GLY A 7 1.47 2.18 -19.54
C GLY A 7 1.72 2.16 -18.05
N SER A 8 0.87 1.44 -17.32
CA SER A 8 1.00 1.35 -15.87
C SER A 8 1.57 -0.01 -15.46
N THR A 9 2.60 0.00 -14.62
CA THR A 9 3.24 -1.22 -14.16
C THR A 9 3.15 -1.35 -12.64
N GLN A 10 3.31 -0.22 -11.96
CA GLN A 10 3.25 -0.20 -10.51
C GLN A 10 1.83 -0.45 -10.01
N THR A 11 1.39 -1.70 -10.07
CA THR A 11 0.05 -2.07 -9.63
C THR A 11 -0.11 -1.86 -8.13
N ASP A 12 0.68 -2.58 -7.35
CA ASP A 12 0.63 -2.47 -5.89
C ASP A 12 1.49 -1.31 -5.40
N LYS A 13 2.67 -1.16 -6.01
CA LYS A 13 3.60 -0.10 -5.64
C LYS A 13 2.87 1.24 -5.53
N ALA A 14 2.12 1.58 -6.57
CA ALA A 14 1.37 2.83 -6.60
C ALA A 14 0.48 2.97 -5.36
N LEU A 15 -0.51 2.08 -5.26
CA LEU A 15 -1.43 2.11 -4.12
C LEU A 15 -0.70 2.42 -2.83
N TYR A 16 0.48 1.82 -2.65
CA TYR A 16 1.28 2.03 -1.46
C TYR A 16 1.35 3.52 -1.12
N ASN A 17 1.88 4.31 -2.04
CA ASN A 17 2.01 5.75 -1.82
C ASN A 17 0.68 6.36 -1.38
N ARG A 18 -0.40 5.91 -2.01
CA ARG A 18 -1.73 6.40 -1.69
C ARG A 18 -2.11 6.05 -0.25
N LEU A 19 -1.80 4.82 0.14
CA LEU A 19 -2.11 4.35 1.48
C LEU A 19 -1.37 5.17 2.53
N VAL A 20 -0.06 5.33 2.34
CA VAL A 20 0.77 6.10 3.26
C VAL A 20 1.18 7.43 2.65
N PRO A 21 0.24 8.40 2.67
CA PRO A 21 0.48 9.74 2.12
C PRO A 21 1.47 10.55 2.97
N LEU A 22 1.85 11.71 2.47
CA LEU A 22 2.80 12.58 3.17
C LEU A 22 2.27 14.01 3.24
N VAL A 23 1.59 14.33 4.33
CA VAL A 23 1.04 15.67 4.51
C VAL A 23 1.79 16.43 5.60
N ASN A 24 2.03 15.76 6.72
CA ASN A 24 2.73 16.37 7.85
C ASN A 24 4.24 16.36 7.61
N GLY A 25 4.72 15.34 6.91
CA GLY A 25 6.13 15.22 6.62
C GLY A 25 6.72 13.90 7.05
N VAL A 26 5.85 12.90 7.21
CA VAL A 26 6.28 11.57 7.62
C VAL A 26 5.40 10.49 7.00
N ARG A 27 6.03 9.55 6.30
CA ARG A 27 5.31 8.47 5.65
C ARG A 27 5.03 7.34 6.64
N GLU A 28 4.73 7.71 7.88
CA GLU A 28 4.45 6.72 8.93
C GLU A 28 2.98 6.32 8.90
N PHE A 29 2.73 5.02 8.89
CA PHE A 29 1.37 4.50 8.87
C PHE A 29 0.52 5.15 9.96
N SER A 30 -0.77 4.81 9.98
CA SER A 30 -1.69 5.37 10.96
C SER A 30 -2.24 4.28 11.87
N GLU A 31 -2.70 4.68 13.05
CA GLU A 31 -3.26 3.73 14.01
C GLU A 31 -4.18 2.74 13.33
N ILE A 32 -4.91 3.22 12.31
CA ILE A 32 -5.84 2.37 11.57
C ILE A 32 -5.08 1.34 10.73
N GLN A 33 -4.09 1.83 9.97
CA GLN A 33 -3.30 0.95 9.12
C GLN A 33 -2.57 -0.10 9.94
N LEU A 34 -2.04 0.31 11.10
CA LEU A 34 -1.32 -0.60 11.98
C LEU A 34 -2.26 -1.66 12.54
N SER A 35 -3.27 -1.22 13.28
CA SER A 35 -4.23 -2.13 13.88
C SER A 35 -4.64 -3.22 12.90
N ARG A 36 -4.82 -2.83 11.64
CA ARG A 36 -5.22 -3.77 10.59
C ARG A 36 -4.02 -4.57 10.11
N LEU A 37 -2.83 -4.01 10.26
CA LEU A 37 -1.60 -4.67 9.84
C LEU A 37 -1.28 -5.84 10.76
N LYS A 38 -1.44 -5.63 12.06
CA LYS A 38 -1.16 -6.67 13.05
C LYS A 38 -1.72 -8.01 12.59
N LYS A 39 -2.99 -8.02 12.20
CA LYS A 39 -3.64 -9.24 11.74
C LYS A 39 -2.73 -10.03 10.80
N LEU A 40 -2.20 -9.34 9.79
CA LEU A 40 -1.32 -9.98 8.82
C LEU A 40 -0.05 -10.50 9.50
N GLY A 41 0.38 -9.81 10.55
CA GLY A 41 1.57 -10.22 11.28
C GLY A 41 2.77 -9.35 10.96
N ILE A 42 2.50 -8.14 10.48
CA ILE A 42 3.57 -7.21 10.13
C ILE A 42 3.91 -6.30 11.32
N HIS A 43 4.86 -6.74 12.14
CA HIS A 43 5.27 -5.97 13.30
C HIS A 43 6.24 -4.86 12.90
N LYS A 44 5.90 -4.14 11.84
CA LYS A 44 6.73 -3.06 11.35
C LYS A 44 6.02 -1.72 11.48
N THR A 45 6.80 -0.64 11.56
CA THR A 45 6.23 0.70 11.69
C THR A 45 6.74 1.61 10.58
N ASP A 46 7.99 1.41 10.16
CA ASP A 46 8.59 2.21 9.11
C ASP A 46 8.20 1.69 7.74
N PRO A 47 7.87 2.60 6.82
CA PRO A 47 7.47 2.25 5.45
C PRO A 47 8.64 1.71 4.63
N SER A 48 9.80 1.60 5.26
CA SER A 48 11.00 1.10 4.60
C SER A 48 11.21 -0.39 4.91
N THR A 49 11.04 -0.75 6.17
CA THR A 49 11.23 -2.13 6.60
C THR A 49 10.36 -3.08 5.77
N LEU A 50 9.15 -2.63 5.46
CA LEU A 50 8.23 -3.44 4.67
C LEU A 50 8.83 -3.80 3.31
N THR A 51 8.79 -5.08 2.97
CA THR A 51 9.33 -5.55 1.69
C THR A 51 8.22 -5.76 0.67
N GLU A 52 8.61 -5.84 -0.59
CA GLU A 52 7.65 -6.04 -1.68
C GLU A 52 6.52 -6.97 -1.23
N GLU A 53 6.88 -8.06 -0.56
CA GLU A 53 5.90 -9.02 -0.08
C GLU A 53 4.87 -8.35 0.82
N GLU A 54 5.34 -7.82 1.94
CA GLU A 54 4.47 -7.15 2.90
C GLU A 54 3.69 -6.02 2.22
N VAL A 55 4.35 -5.32 1.31
CA VAL A 55 3.72 -4.21 0.59
C VAL A 55 2.52 -4.71 -0.22
N ARG A 56 2.77 -5.63 -1.14
CA ARG A 56 1.72 -6.17 -1.99
C ARG A 56 0.59 -6.75 -1.14
N LYS A 57 0.96 -7.37 -0.01
CA LYS A 57 -0.03 -7.96 0.88
C LYS A 57 -0.88 -6.88 1.54
N PHE A 58 -0.23 -5.89 2.13
CA PHE A 58 -0.93 -4.80 2.79
C PHE A 58 -1.96 -4.17 1.86
N ALA A 59 -1.62 -4.06 0.59
CA ALA A 59 -2.52 -3.48 -0.40
C ALA A 59 -3.81 -4.29 -0.50
N ARG A 60 -3.68 -5.61 -0.49
CA ARG A 60 -4.84 -6.49 -0.59
C ARG A 60 -5.97 -6.00 0.32
N LEU A 61 -5.63 -5.69 1.57
CA LEU A 61 -6.60 -5.21 2.54
C LEU A 61 -7.64 -4.31 1.86
N ASN A 62 -7.18 -3.21 1.30
CA ASN A 62 -8.07 -2.26 0.63
C ASN A 62 -7.84 -2.30 -0.88
N ILE A 63 -8.87 -2.74 -1.61
CA ILE A 63 -8.79 -2.83 -3.06
C ILE A 63 -9.64 -1.74 -3.72
N ASP A 64 -8.99 -0.89 -4.51
CA ASP A 64 -9.69 0.18 -5.20
C ASP A 64 -10.37 -0.33 -6.46
N PRO A 65 -11.51 0.28 -6.82
CA PRO A 65 -12.28 -0.10 -8.01
C PRO A 65 -11.57 0.27 -9.30
N ALA A 66 -10.77 1.34 -9.24
CA ALA A 66 -10.04 1.81 -10.42
C ALA A 66 -9.32 0.65 -11.11
N THR A 67 -8.48 -0.05 -10.36
CA THR A 67 -7.73 -1.18 -10.90
C THR A 67 -8.67 -2.25 -11.45
N ILE A 68 -9.94 -2.17 -11.06
CA ILE A 68 -10.94 -3.13 -11.50
C ILE A 68 -11.55 -2.70 -12.84
N THR A 69 -11.07 -1.58 -13.37
CA THR A 69 -11.57 -1.06 -14.63
C THR A 69 -12.95 -0.44 -14.46
N TRP A 70 -13.25 0.01 -13.26
CA TRP A 70 -14.54 0.62 -12.97
C TRP A 70 -14.52 2.11 -13.33
N GLN A 71 -15.07 2.43 -14.50
CA GLN A 71 -15.12 3.81 -14.96
C GLN A 71 -16.52 4.36 -14.87
N GLY A 1 -5.82 1.88 -18.19
CA GLY A 1 -5.39 1.52 -19.53
C GLY A 1 -3.91 1.20 -19.60
N SER A 2 -3.59 -0.09 -19.73
CA SER A 2 -2.21 -0.52 -19.80
C SER A 2 -2.11 -1.90 -20.45
N SER A 3 -0.89 -2.29 -20.81
CA SER A 3 -0.66 -3.58 -21.45
C SER A 3 0.21 -4.47 -20.56
N GLY A 4 -0.31 -5.65 -20.23
CA GLY A 4 0.42 -6.58 -19.38
C GLY A 4 -0.23 -6.76 -18.02
N SER A 5 0.03 -5.83 -17.12
CA SER A 5 -0.53 -5.89 -15.77
C SER A 5 -0.55 -7.33 -15.27
N SER A 6 0.56 -8.03 -15.43
CA SER A 6 0.66 -9.42 -15.00
C SER A 6 1.72 -9.58 -13.92
N GLY A 7 2.92 -9.06 -14.20
CA GLY A 7 4.01 -9.15 -13.24
C GLY A 7 4.71 -7.82 -13.03
N SER A 8 3.91 -6.76 -12.88
CA SER A 8 4.46 -5.42 -12.67
C SER A 8 4.43 -5.05 -11.18
N THR A 9 4.92 -3.85 -10.88
CA THR A 9 4.95 -3.37 -9.50
C THR A 9 4.25 -2.03 -9.37
N GLN A 10 4.17 -1.30 -10.47
CA GLN A 10 3.52 0.01 -10.49
C GLN A 10 2.17 -0.05 -9.76
N THR A 11 1.53 -1.21 -9.82
CA THR A 11 0.23 -1.39 -9.18
C THR A 11 0.35 -1.30 -7.65
N ASP A 12 0.92 -2.35 -7.05
CA ASP A 12 1.10 -2.39 -5.61
C ASP A 12 1.81 -1.14 -5.11
N LYS A 13 2.73 -0.63 -5.93
CA LYS A 13 3.48 0.57 -5.58
C LYS A 13 2.56 1.79 -5.47
N ALA A 14 1.87 2.09 -6.56
CA ALA A 14 0.95 3.23 -6.59
C ALA A 14 -0.02 3.19 -5.41
N LEU A 15 -0.41 1.98 -5.02
CA LEU A 15 -1.33 1.80 -3.90
C LEU A 15 -0.63 2.05 -2.57
N TYR A 16 0.68 1.84 -2.55
CA TYR A 16 1.47 2.04 -1.34
C TYR A 16 1.69 3.52 -1.08
N ASN A 17 1.88 4.28 -2.16
CA ASN A 17 2.11 5.72 -2.05
C ASN A 17 0.86 6.43 -1.53
N ARG A 18 -0.27 6.16 -2.18
CA ARG A 18 -1.54 6.78 -1.78
C ARG A 18 -1.89 6.43 -0.35
N LEU A 19 -1.76 5.14 -0.02
CA LEU A 19 -2.08 4.67 1.33
C LEU A 19 -1.21 5.39 2.37
N VAL A 20 0.06 5.59 2.04
CA VAL A 20 0.98 6.26 2.95
C VAL A 20 1.51 7.56 2.33
N PRO A 21 0.70 8.62 2.43
CA PRO A 21 1.05 9.94 1.89
C PRO A 21 2.19 10.59 2.68
N LEU A 22 2.60 11.77 2.23
CA LEU A 22 3.67 12.52 2.89
C LEU A 22 3.23 13.94 3.22
N VAL A 23 3.08 14.23 4.51
CA VAL A 23 2.67 15.55 4.95
C VAL A 23 3.63 16.10 6.01
N ASN A 24 4.01 15.25 6.95
CA ASN A 24 4.92 15.64 8.02
C ASN A 24 6.37 15.55 7.55
N GLY A 25 6.56 15.28 6.27
CA GLY A 25 7.90 15.17 5.72
C GLY A 25 8.51 13.81 5.95
N VAL A 26 7.76 12.92 6.59
CA VAL A 26 8.23 11.57 6.87
C VAL A 26 7.09 10.57 6.86
N ARG A 27 7.15 9.62 5.93
CA ARG A 27 6.11 8.60 5.80
C ARG A 27 5.95 7.83 7.11
N GLU A 28 4.72 7.76 7.61
CA GLU A 28 4.43 7.06 8.85
C GLU A 28 3.00 6.51 8.84
N PHE A 29 2.86 5.25 9.24
CA PHE A 29 1.55 4.60 9.29
C PHE A 29 0.66 5.24 10.35
N SER A 30 -0.60 4.83 10.37
CA SER A 30 -1.55 5.37 11.33
C SER A 30 -2.25 4.24 12.10
N GLU A 31 -2.93 4.61 13.19
CA GLU A 31 -3.63 3.63 14.01
C GLU A 31 -4.47 2.70 13.15
N ILE A 32 -4.88 3.18 11.98
CA ILE A 32 -5.69 2.39 11.06
C ILE A 32 -4.84 1.33 10.35
N GLN A 33 -3.84 1.80 9.60
CA GLN A 33 -2.96 0.90 8.86
C GLN A 33 -2.39 -0.18 9.79
N LEU A 34 -1.81 0.26 10.91
CA LEU A 34 -1.23 -0.67 11.88
C LEU A 34 -2.24 -1.72 12.30
N SER A 35 -3.28 -1.29 13.00
CA SER A 35 -4.33 -2.20 13.47
C SER A 35 -4.61 -3.28 12.44
N ARG A 36 -4.47 -2.92 11.16
CA ARG A 36 -4.72 -3.86 10.07
C ARG A 36 -3.50 -4.76 9.85
N LEU A 37 -2.32 -4.17 9.85
CA LEU A 37 -1.09 -4.91 9.65
C LEU A 37 -0.92 -5.98 10.74
N LYS A 38 -1.28 -5.63 11.96
CA LYS A 38 -1.18 -6.54 13.08
C LYS A 38 -1.74 -7.92 12.73
N LYS A 39 -2.91 -7.93 12.11
CA LYS A 39 -3.56 -9.18 11.70
C LYS A 39 -2.60 -10.03 10.87
N LEU A 40 -2.02 -9.42 9.84
CA LEU A 40 -1.09 -10.13 8.97
C LEU A 40 0.11 -10.67 9.76
N GLY A 41 0.45 -9.97 10.84
CA GLY A 41 1.56 -10.39 11.67
C GLY A 41 2.84 -9.63 11.35
N ILE A 42 2.68 -8.44 10.76
CA ILE A 42 3.83 -7.62 10.41
C ILE A 42 4.13 -6.58 11.49
N HIS A 43 5.15 -6.86 12.30
CA HIS A 43 5.53 -5.95 13.37
C HIS A 43 6.50 -4.89 12.87
N LYS A 44 6.13 -4.23 11.78
CA LYS A 44 6.97 -3.19 11.19
C LYS A 44 6.27 -1.83 11.26
N THR A 45 6.76 -0.97 12.15
CA THR A 45 6.19 0.36 12.31
C THR A 45 6.85 1.37 11.38
N ASP A 46 7.21 0.91 10.19
CA ASP A 46 7.86 1.78 9.21
C ASP A 46 7.63 1.27 7.79
N PRO A 47 7.40 2.21 6.85
CA PRO A 47 7.15 1.87 5.45
C PRO A 47 8.39 1.32 4.75
N SER A 48 9.57 1.72 5.23
CA SER A 48 10.83 1.27 4.66
C SER A 48 11.03 -0.22 4.91
N THR A 49 10.87 -0.63 6.16
CA THR A 49 11.04 -2.03 6.52
C THR A 49 10.17 -2.94 5.66
N LEU A 50 8.87 -2.63 5.62
CA LEU A 50 7.93 -3.42 4.84
C LEU A 50 8.51 -3.76 3.46
N THR A 51 8.54 -5.05 3.13
CA THR A 51 9.07 -5.51 1.86
C THR A 51 7.94 -5.77 0.86
N GLU A 52 8.29 -5.82 -0.42
CA GLU A 52 7.31 -6.08 -1.47
C GLU A 52 6.21 -7.01 -0.99
N GLU A 53 6.62 -8.10 -0.33
CA GLU A 53 5.67 -9.08 0.19
C GLU A 53 4.68 -8.42 1.15
N GLU A 54 5.21 -7.71 2.14
CA GLU A 54 4.37 -7.03 3.13
C GLU A 54 3.53 -5.94 2.47
N VAL A 55 4.11 -5.27 1.47
CA VAL A 55 3.41 -4.21 0.77
C VAL A 55 2.20 -4.74 0.01
N ARG A 56 2.45 -5.70 -0.88
CA ARG A 56 1.38 -6.29 -1.67
C ARG A 56 0.33 -6.94 -0.76
N LYS A 57 0.80 -7.63 0.27
CA LYS A 57 -0.10 -8.29 1.21
C LYS A 57 -1.04 -7.29 1.87
N PHE A 58 -0.51 -6.10 2.18
CA PHE A 58 -1.30 -5.06 2.80
C PHE A 58 -2.31 -4.46 1.82
N ALA A 59 -1.82 -4.14 0.62
CA ALA A 59 -2.67 -3.56 -0.42
C ALA A 59 -3.93 -4.41 -0.63
N ARG A 60 -3.78 -5.71 -0.49
CA ARG A 60 -4.90 -6.63 -0.66
C ARG A 60 -6.03 -6.31 0.31
N LEU A 61 -5.67 -6.03 1.56
CA LEU A 61 -6.65 -5.71 2.59
C LEU A 61 -7.53 -4.54 2.15
N ASN A 62 -7.09 -3.82 1.12
CA ASN A 62 -7.84 -2.68 0.61
C ASN A 62 -8.75 -3.12 -0.54
N ILE A 63 -9.38 -4.29 -0.39
CA ILE A 63 -10.28 -4.80 -1.41
C ILE A 63 -11.62 -5.21 -0.80
N ASP A 64 -12.55 -4.26 -0.74
CA ASP A 64 -13.86 -4.52 -0.17
C ASP A 64 -14.40 -5.88 -0.65
N PRO A 65 -15.14 -6.56 0.24
CA PRO A 65 -15.72 -7.87 -0.06
C PRO A 65 -16.84 -7.80 -1.09
N ALA A 66 -17.42 -6.61 -1.23
CA ALA A 66 -18.50 -6.40 -2.18
C ALA A 66 -18.13 -6.92 -3.56
N THR A 67 -16.99 -6.46 -4.08
CA THR A 67 -16.52 -6.88 -5.39
C THR A 67 -16.53 -8.40 -5.52
N ILE A 68 -15.92 -9.08 -4.55
CA ILE A 68 -15.87 -10.54 -4.56
C ILE A 68 -17.18 -11.13 -5.07
N THR A 69 -17.09 -11.88 -6.17
CA THR A 69 -18.26 -12.51 -6.75
C THR A 69 -17.94 -13.92 -7.26
N TRP A 70 -18.66 -14.90 -6.73
CA TRP A 70 -18.45 -16.29 -7.13
C TRP A 70 -19.55 -16.76 -8.07
N GLN A 71 -19.21 -16.90 -9.35
CA GLN A 71 -20.18 -17.33 -10.35
C GLN A 71 -21.10 -18.41 -9.78
N GLY A 1 2.27 9.81 -20.18
CA GLY A 1 3.72 9.73 -20.19
C GLY A 1 4.25 8.79 -19.13
N SER A 2 3.58 7.67 -18.94
CA SER A 2 3.98 6.69 -17.94
C SER A 2 4.01 5.28 -18.53
N SER A 3 4.93 4.45 -18.06
CA SER A 3 5.05 3.09 -18.54
C SER A 3 3.77 2.30 -18.30
N GLY A 4 3.24 1.71 -19.37
CA GLY A 4 2.02 0.94 -19.26
C GLY A 4 2.01 -0.27 -20.16
N SER A 5 2.46 -0.08 -21.40
CA SER A 5 2.50 -1.17 -22.37
C SER A 5 3.00 -2.46 -21.73
N SER A 6 4.20 -2.39 -21.15
CA SER A 6 4.80 -3.56 -20.50
C SER A 6 5.93 -3.14 -19.58
N GLY A 7 6.47 -4.11 -18.84
CA GLY A 7 7.56 -3.81 -17.92
C GLY A 7 7.21 -2.72 -16.93
N SER A 8 6.05 -2.84 -16.30
CA SER A 8 5.58 -1.85 -15.33
C SER A 8 5.45 -2.47 -13.95
N THR A 9 6.43 -2.20 -13.09
CA THR A 9 6.42 -2.74 -11.73
C THR A 9 5.67 -1.81 -10.78
N GLN A 10 4.61 -1.19 -11.28
CA GLN A 10 3.81 -0.27 -10.47
C GLN A 10 2.51 -0.94 -10.02
N THR A 11 2.61 -2.19 -9.59
CA THR A 11 1.44 -2.93 -9.14
C THR A 11 1.11 -2.60 -7.69
N ASP A 12 2.01 -2.94 -6.78
CA ASP A 12 1.81 -2.67 -5.36
C ASP A 12 2.42 -1.33 -4.97
N LYS A 13 3.53 -0.99 -5.60
CA LYS A 13 4.22 0.27 -5.31
C LYS A 13 3.29 1.45 -5.56
N ALA A 14 2.49 1.36 -6.62
CA ALA A 14 1.55 2.43 -6.96
C ALA A 14 0.55 2.67 -5.84
N LEU A 15 -0.16 1.62 -5.44
CA LEU A 15 -1.15 1.71 -4.37
C LEU A 15 -0.49 2.17 -3.07
N TYR A 16 0.55 1.47 -2.66
CA TYR A 16 1.27 1.80 -1.43
C TYR A 16 1.30 3.31 -1.22
N ASN A 17 1.67 4.04 -2.27
CA ASN A 17 1.75 5.50 -2.20
C ASN A 17 0.45 6.08 -1.68
N ARG A 18 -0.65 5.77 -2.36
CA ARG A 18 -1.97 6.27 -1.97
C ARG A 18 -2.26 5.93 -0.51
N LEU A 19 -2.07 4.67 -0.15
CA LEU A 19 -2.32 4.20 1.21
C LEU A 19 -1.55 5.05 2.22
N VAL A 20 -0.27 5.28 1.93
CA VAL A 20 0.58 6.07 2.81
C VAL A 20 0.94 7.42 2.17
N PRO A 21 0.00 8.37 2.23
CA PRO A 21 0.18 9.70 1.67
C PRO A 21 1.20 10.52 2.45
N LEU A 22 1.77 11.53 1.79
CA LEU A 22 2.76 12.40 2.43
C LEU A 22 2.27 13.85 2.48
N VAL A 23 1.91 14.29 3.68
CA VAL A 23 1.43 15.66 3.87
C VAL A 23 2.16 16.34 5.02
N ASN A 24 2.41 15.58 6.09
CA ASN A 24 3.10 16.12 7.25
C ASN A 24 4.61 16.03 7.08
N GLY A 25 5.06 15.98 5.83
CA GLY A 25 6.48 15.89 5.54
C GLY A 25 7.09 14.61 6.08
N VAL A 26 6.24 13.66 6.47
CA VAL A 26 6.71 12.39 7.01
C VAL A 26 5.70 11.27 6.75
N ARG A 27 6.17 10.17 6.18
CA ARG A 27 5.31 9.04 5.89
C ARG A 27 5.30 8.05 7.05
N GLU A 28 4.26 8.11 7.87
CA GLU A 28 4.12 7.22 9.01
C GLU A 28 2.72 6.63 9.08
N PHE A 29 2.64 5.32 9.31
CA PHE A 29 1.36 4.64 9.40
C PHE A 29 0.45 5.33 10.41
N SER A 30 -0.76 4.78 10.58
CA SER A 30 -1.72 5.34 11.51
C SER A 30 -2.33 4.26 12.40
N GLU A 31 -2.86 4.66 13.55
CA GLU A 31 -3.46 3.72 14.49
C GLU A 31 -4.36 2.73 13.76
N ILE A 32 -5.03 3.21 12.71
CA ILE A 32 -5.92 2.36 11.93
C ILE A 32 -5.13 1.32 11.12
N GLN A 33 -4.25 1.80 10.26
CA GLN A 33 -3.44 0.92 9.43
C GLN A 33 -2.76 -0.15 10.27
N LEU A 34 -1.95 0.29 11.23
CA LEU A 34 -1.23 -0.64 12.11
C LEU A 34 -2.14 -1.79 12.52
N SER A 35 -3.16 -1.49 13.30
CA SER A 35 -4.10 -2.50 13.78
C SER A 35 -4.38 -3.52 12.68
N ARG A 36 -4.42 -3.06 11.44
CA ARG A 36 -4.67 -3.94 10.30
C ARG A 36 -3.42 -4.72 9.91
N LEU A 37 -2.28 -4.03 9.94
CA LEU A 37 -1.01 -4.66 9.59
C LEU A 37 -0.73 -5.86 10.49
N LYS A 38 -0.92 -5.68 11.79
CA LYS A 38 -0.69 -6.76 12.75
C LYS A 38 -1.34 -8.05 12.29
N LYS A 39 -2.64 -7.99 12.01
CA LYS A 39 -3.39 -9.15 11.54
C LYS A 39 -2.59 -9.93 10.49
N LEU A 40 -2.10 -9.21 9.49
CA LEU A 40 -1.32 -9.82 8.42
C LEU A 40 -0.10 -10.53 8.98
N GLY A 41 0.44 -10.01 10.08
CA GLY A 41 1.60 -10.62 10.69
C GLY A 41 2.88 -9.91 10.31
N ILE A 42 2.77 -8.65 9.93
CA ILE A 42 3.93 -7.87 9.54
C ILE A 42 4.72 -7.40 10.77
N HIS A 43 4.03 -6.75 11.69
CA HIS A 43 4.66 -6.25 12.91
C HIS A 43 5.73 -5.21 12.59
N LYS A 44 5.41 -4.31 11.66
CA LYS A 44 6.35 -3.27 11.26
C LYS A 44 5.64 -1.92 11.16
N THR A 45 6.25 -0.90 11.76
CA THR A 45 5.69 0.45 11.74
C THR A 45 6.58 1.41 10.97
N ASP A 46 6.98 1.01 9.77
CA ASP A 46 7.83 1.84 8.93
C ASP A 46 7.66 1.49 7.46
N PRO A 47 7.44 2.52 6.63
CA PRO A 47 7.25 2.34 5.18
C PRO A 47 8.53 1.92 4.47
N SER A 48 9.60 1.76 5.25
CA SER A 48 10.88 1.36 4.70
C SER A 48 11.17 -0.12 4.99
N THR A 49 10.80 -0.55 6.19
CA THR A 49 11.02 -1.94 6.59
C THR A 49 10.13 -2.89 5.78
N LEU A 50 8.87 -2.53 5.63
CA LEU A 50 7.92 -3.34 4.89
C LEU A 50 8.48 -3.70 3.50
N THR A 51 8.57 -4.99 3.22
CA THR A 51 9.07 -5.45 1.93
C THR A 51 7.95 -5.62 0.92
N GLU A 52 8.32 -5.76 -0.35
CA GLU A 52 7.34 -5.92 -1.42
C GLU A 52 6.20 -6.83 -0.97
N GLU A 53 6.55 -8.00 -0.45
CA GLU A 53 5.56 -8.96 0.02
C GLU A 53 4.59 -8.32 1.00
N GLU A 54 5.14 -7.56 1.95
CA GLU A 54 4.32 -6.89 2.96
C GLU A 54 3.40 -5.86 2.30
N VAL A 55 3.97 -5.00 1.48
CA VAL A 55 3.21 -3.97 0.79
C VAL A 55 2.03 -4.57 0.02
N ARG A 56 2.34 -5.48 -0.90
CA ARG A 56 1.32 -6.14 -1.70
C ARG A 56 0.19 -6.67 -0.81
N LYS A 57 0.56 -7.16 0.37
CA LYS A 57 -0.41 -7.70 1.31
C LYS A 57 -1.25 -6.59 1.93
N PHE A 58 -0.60 -5.47 2.25
CA PHE A 58 -1.29 -4.33 2.85
C PHE A 58 -1.94 -3.47 1.77
N ALA A 59 -2.16 -4.05 0.60
CA ALA A 59 -2.77 -3.34 -0.50
C ALA A 59 -4.12 -3.94 -0.86
N ARG A 60 -4.25 -5.24 -0.67
CA ARG A 60 -5.50 -5.95 -0.97
C ARG A 60 -6.41 -6.00 0.25
N LEU A 61 -5.81 -6.18 1.42
CA LEU A 61 -6.57 -6.24 2.66
C LEU A 61 -7.54 -5.08 2.77
N ASN A 62 -7.30 -4.04 1.99
CA ASN A 62 -8.15 -2.85 1.99
C ASN A 62 -8.99 -2.79 0.72
N ILE A 63 -10.28 -3.08 0.87
CA ILE A 63 -11.19 -3.05 -0.27
C ILE A 63 -12.42 -2.18 0.03
N ASP A 64 -12.84 -1.40 -0.96
CA ASP A 64 -13.99 -0.52 -0.81
C ASP A 64 -15.27 -1.22 -1.26
N PRO A 65 -16.42 -0.72 -0.80
CA PRO A 65 -17.73 -1.27 -1.15
C PRO A 65 -18.09 -1.02 -2.61
N ALA A 66 -17.50 0.01 -3.20
CA ALA A 66 -17.76 0.36 -4.59
C ALA A 66 -17.70 -0.89 -5.47
N THR A 67 -16.70 -1.73 -5.26
CA THR A 67 -16.52 -2.94 -6.03
C THR A 67 -17.81 -3.77 -6.05
N ILE A 68 -18.44 -3.90 -4.89
CA ILE A 68 -19.68 -4.66 -4.77
C ILE A 68 -20.65 -4.31 -5.91
N THR A 69 -21.25 -5.33 -6.49
CA THR A 69 -22.20 -5.13 -7.58
C THR A 69 -23.22 -6.26 -7.63
N TRP A 70 -24.48 -5.91 -7.86
CA TRP A 70 -25.56 -6.89 -7.93
C TRP A 70 -26.45 -6.64 -9.14
N GLN A 71 -26.36 -7.53 -10.12
CA GLN A 71 -27.15 -7.40 -11.35
C GLN A 71 -28.59 -7.81 -11.10
N GLY A 1 -2.56 10.86 -18.33
CA GLY A 1 -3.66 11.14 -19.22
C GLY A 1 -4.30 9.88 -19.76
N SER A 2 -4.70 8.98 -18.88
CA SER A 2 -5.32 7.73 -19.27
C SER A 2 -4.72 7.22 -20.58
N SER A 3 -3.40 7.30 -20.69
CA SER A 3 -2.71 6.85 -21.89
C SER A 3 -2.49 5.35 -21.86
N GLY A 4 -2.04 4.84 -20.71
CA GLY A 4 -1.80 3.42 -20.57
C GLY A 4 -0.51 2.99 -21.24
N SER A 5 0.00 1.82 -20.84
CA SER A 5 1.23 1.30 -21.40
C SER A 5 1.26 -0.22 -21.33
N SER A 6 1.98 -0.84 -22.27
CA SER A 6 2.09 -2.30 -22.32
C SER A 6 2.87 -2.83 -21.12
N GLY A 7 2.15 -3.19 -20.07
CA GLY A 7 2.78 -3.71 -18.87
C GLY A 7 3.23 -2.61 -17.93
N SER A 8 2.51 -2.43 -16.83
CA SER A 8 2.84 -1.41 -15.85
C SER A 8 3.93 -1.89 -14.89
N THR A 9 4.52 -0.97 -14.16
CA THR A 9 5.58 -1.30 -13.20
C THR A 9 5.16 -0.93 -11.78
N GLN A 10 4.45 0.18 -11.65
CA GLN A 10 4.00 0.65 -10.34
C GLN A 10 2.68 -0.01 -9.95
N THR A 11 2.62 -1.34 -10.11
CA THR A 11 1.42 -2.09 -9.77
C THR A 11 1.00 -1.85 -8.33
N ASP A 12 1.82 -2.31 -7.40
CA ASP A 12 1.54 -2.15 -5.97
C ASP A 12 2.04 -0.79 -5.48
N LYS A 13 3.15 -0.34 -6.05
CA LYS A 13 3.73 0.94 -5.66
C LYS A 13 2.70 2.07 -5.74
N ALA A 14 1.86 2.01 -6.78
CA ALA A 14 0.83 3.02 -6.97
C ALA A 14 -0.09 3.11 -5.75
N LEU A 15 -0.49 1.95 -5.24
CA LEU A 15 -1.37 1.89 -4.08
C LEU A 15 -0.63 2.32 -2.81
N TYR A 16 0.43 1.59 -2.47
CA TYR A 16 1.22 1.90 -1.28
C TYR A 16 1.34 3.40 -1.09
N ASN A 17 1.70 4.11 -2.15
CA ASN A 17 1.85 5.56 -2.10
C ASN A 17 0.65 6.21 -1.40
N ARG A 18 -0.55 5.85 -1.85
CA ARG A 18 -1.77 6.39 -1.28
C ARG A 18 -1.90 6.00 0.18
N LEU A 19 -2.17 4.72 0.44
CA LEU A 19 -2.32 4.21 1.79
C LEU A 19 -1.40 4.95 2.76
N VAL A 20 -0.15 5.15 2.35
CA VAL A 20 0.83 5.86 3.17
C VAL A 20 1.12 7.23 2.61
N PRO A 21 0.24 8.20 2.91
CA PRO A 21 0.38 9.59 2.45
C PRO A 21 1.55 10.31 3.13
N LEU A 22 1.99 11.40 2.53
CA LEU A 22 3.10 12.18 3.08
C LEU A 22 2.69 13.63 3.28
N VAL A 23 2.34 13.98 4.52
CA VAL A 23 1.94 15.34 4.85
C VAL A 23 2.90 15.97 5.84
N ASN A 24 3.46 15.16 6.73
CA ASN A 24 4.40 15.64 7.73
C ASN A 24 5.84 15.35 7.31
N GLY A 25 6.09 15.42 6.01
CA GLY A 25 7.43 15.16 5.50
C GLY A 25 8.02 13.87 6.03
N VAL A 26 7.16 12.94 6.40
CA VAL A 26 7.60 11.66 6.93
C VAL A 26 6.54 10.58 6.72
N ARG A 27 6.91 9.53 5.99
CA ARG A 27 5.98 8.43 5.71
C ARG A 27 5.85 7.52 6.92
N GLU A 28 4.63 7.40 7.44
CA GLU A 28 4.37 6.55 8.61
C GLU A 28 2.93 6.07 8.60
N PHE A 29 2.73 4.83 9.06
CA PHE A 29 1.40 4.23 9.11
C PHE A 29 0.55 4.92 10.17
N SER A 30 -0.77 4.93 9.94
CA SER A 30 -1.70 5.56 10.88
C SER A 30 -2.32 4.52 11.81
N GLU A 31 -2.72 4.96 12.99
CA GLU A 31 -3.31 4.07 13.99
C GLU A 31 -4.18 3.02 13.30
N ILE A 32 -4.77 3.37 12.18
CA ILE A 32 -5.63 2.46 11.43
C ILE A 32 -4.80 1.38 10.75
N GLN A 33 -3.98 1.79 9.78
CA GLN A 33 -3.13 0.85 9.05
C GLN A 33 -2.51 -0.17 10.00
N LEU A 34 -1.93 0.32 11.09
CA LEU A 34 -1.29 -0.55 12.08
C LEU A 34 -2.26 -1.62 12.56
N SER A 35 -3.34 -1.19 13.21
CA SER A 35 -4.33 -2.11 13.73
C SER A 35 -4.57 -3.27 12.75
N ARG A 36 -4.64 -2.94 11.46
CA ARG A 36 -4.85 -3.95 10.43
C ARG A 36 -3.61 -4.81 10.25
N LEU A 37 -2.53 -4.19 9.77
CA LEU A 37 -1.28 -4.90 9.55
C LEU A 37 -1.01 -5.89 10.68
N LYS A 38 -1.37 -5.50 11.89
CA LYS A 38 -1.16 -6.35 13.06
C LYS A 38 -1.74 -7.75 12.83
N LYS A 39 -2.94 -7.80 12.27
CA LYS A 39 -3.60 -9.07 11.99
C LYS A 39 -2.70 -9.98 11.18
N LEU A 40 -2.00 -9.41 10.21
CA LEU A 40 -1.09 -10.18 9.36
C LEU A 40 0.16 -10.60 10.14
N GLY A 41 0.44 -9.88 11.21
CA GLY A 41 1.60 -10.18 12.03
C GLY A 41 2.82 -9.36 11.63
N ILE A 42 2.58 -8.25 10.94
CA ILE A 42 3.66 -7.38 10.50
C ILE A 42 3.96 -6.31 11.56
N HIS A 43 4.90 -6.61 12.45
CA HIS A 43 5.28 -5.68 13.50
C HIS A 43 6.29 -4.66 12.99
N LYS A 44 5.99 -4.07 11.83
CA LYS A 44 6.86 -3.07 11.23
C LYS A 44 6.15 -1.72 11.13
N THR A 45 6.58 -0.76 11.97
CA THR A 45 5.99 0.56 11.97
C THR A 45 6.44 1.37 10.76
N ASP A 46 7.75 1.34 10.49
CA ASP A 46 8.30 2.08 9.35
C ASP A 46 7.93 1.40 8.04
N PRO A 47 7.56 2.22 7.04
CA PRO A 47 7.16 1.73 5.71
C PRO A 47 8.34 1.14 4.94
N SER A 48 9.55 1.39 5.43
CA SER A 48 10.76 0.89 4.79
C SER A 48 11.01 -0.56 5.16
N THR A 49 10.94 -0.85 6.46
CA THR A 49 11.17 -2.20 6.96
C THR A 49 10.34 -3.21 6.19
N LEU A 50 9.11 -2.83 5.86
CA LEU A 50 8.21 -3.71 5.12
C LEU A 50 8.87 -4.22 3.84
N THR A 51 8.63 -5.49 3.52
CA THR A 51 9.19 -6.09 2.31
C THR A 51 8.16 -6.16 1.20
N GLU A 52 8.64 -6.03 -0.04
CA GLU A 52 7.76 -6.07 -1.21
C GLU A 52 6.61 -7.05 -0.98
N GLU A 53 6.91 -8.16 -0.31
CA GLU A 53 5.91 -9.19 -0.03
C GLU A 53 4.77 -8.61 0.80
N GLU A 54 5.10 -8.12 1.99
CA GLU A 54 4.10 -7.55 2.88
C GLU A 54 3.38 -6.39 2.22
N VAL A 55 4.12 -5.56 1.50
CA VAL A 55 3.55 -4.41 0.81
C VAL A 55 2.39 -4.84 -0.08
N ARG A 56 2.66 -5.76 -0.99
CA ARG A 56 1.64 -6.25 -1.91
C ARG A 56 0.41 -6.76 -1.15
N LYS A 57 0.66 -7.48 -0.06
CA LYS A 57 -0.41 -8.02 0.76
C LYS A 57 -1.26 -6.90 1.35
N PHE A 58 -0.62 -5.98 2.05
CA PHE A 58 -1.32 -4.85 2.66
C PHE A 58 -2.12 -4.07 1.61
N ALA A 59 -1.80 -4.30 0.34
CA ALA A 59 -2.47 -3.62 -0.75
C ALA A 59 -3.59 -4.48 -1.32
N ARG A 60 -3.99 -5.51 -0.56
CA ARG A 60 -5.05 -6.41 -0.99
C ARG A 60 -6.36 -6.09 -0.28
N LEU A 61 -6.34 -6.18 1.05
CA LEU A 61 -7.52 -5.91 1.85
C LEU A 61 -8.07 -4.51 1.56
N ASN A 62 -7.17 -3.59 1.24
CA ASN A 62 -7.56 -2.22 0.93
C ASN A 62 -7.67 -2.00 -0.57
N ILE A 63 -8.89 -2.02 -1.09
CA ILE A 63 -9.13 -1.82 -2.52
C ILE A 63 -9.94 -0.56 -2.77
N ASP A 64 -9.33 0.40 -3.45
CA ASP A 64 -10.01 1.66 -3.76
C ASP A 64 -10.63 1.61 -5.15
N PRO A 65 -11.80 2.26 -5.29
CA PRO A 65 -12.52 2.30 -6.56
C PRO A 65 -11.81 3.15 -7.61
N ALA A 66 -11.13 4.19 -7.16
CA ALA A 66 -10.40 5.08 -8.05
C ALA A 66 -9.76 4.30 -9.20
N THR A 67 -8.91 3.34 -8.85
CA THR A 67 -8.23 2.52 -9.84
C THR A 67 -9.23 1.78 -10.72
N ILE A 68 -10.23 1.18 -10.10
CA ILE A 68 -11.27 0.43 -10.82
C ILE A 68 -11.80 1.25 -11.98
N THR A 69 -11.26 1.01 -13.17
CA THR A 69 -11.68 1.71 -14.38
C THR A 69 -12.20 0.74 -15.43
N TRP A 70 -12.38 -0.51 -15.03
CA TRP A 70 -12.87 -1.53 -15.95
C TRP A 70 -12.26 -1.38 -17.34
N GLN A 71 -10.94 -1.13 -17.37
CA GLN A 71 -10.23 -0.95 -18.63
C GLN A 71 -10.21 -2.26 -19.43
N GLY A 1 8.26 10.81 -8.10
CA GLY A 1 9.60 10.34 -8.41
C GLY A 1 9.75 9.95 -9.87
N SER A 2 10.83 9.22 -10.17
CA SER A 2 11.09 8.79 -11.53
C SER A 2 11.86 7.47 -11.54
N SER A 3 11.84 6.78 -12.69
CA SER A 3 12.53 5.51 -12.82
C SER A 3 12.79 5.19 -14.29
N GLY A 4 13.57 4.14 -14.53
CA GLY A 4 13.88 3.74 -15.90
C GLY A 4 13.18 2.47 -16.31
N SER A 5 11.85 2.46 -16.23
CA SER A 5 11.06 1.29 -16.58
C SER A 5 9.62 1.68 -16.87
N SER A 6 9.25 1.67 -18.16
CA SER A 6 7.91 2.02 -18.58
C SER A 6 6.95 0.85 -18.38
N GLY A 7 6.16 0.90 -17.31
CA GLY A 7 5.21 -0.15 -17.02
C GLY A 7 5.87 -1.34 -16.34
N SER A 8 5.67 -1.44 -15.03
CA SER A 8 6.25 -2.53 -14.25
C SER A 8 5.77 -2.48 -12.80
N THR A 9 5.15 -3.57 -12.36
CA THR A 9 4.64 -3.66 -11.00
C THR A 9 4.02 -2.34 -10.56
N GLN A 10 3.37 -1.66 -11.49
CA GLN A 10 2.72 -0.38 -11.21
C GLN A 10 1.31 -0.59 -10.67
N THR A 11 1.07 -1.76 -10.08
CA THR A 11 -0.24 -2.09 -9.52
C THR A 11 -0.31 -1.74 -8.04
N ASP A 12 0.59 -2.33 -7.27
CA ASP A 12 0.64 -2.09 -5.83
C ASP A 12 1.38 -0.79 -5.51
N LYS A 13 2.57 -0.65 -6.08
CA LYS A 13 3.40 0.53 -5.87
C LYS A 13 2.52 1.79 -5.79
N ALA A 14 1.72 2.00 -6.82
CA ALA A 14 0.83 3.16 -6.87
C ALA A 14 0.01 3.28 -5.59
N LEU A 15 -0.74 2.22 -5.29
CA LEU A 15 -1.59 2.20 -4.10
C LEU A 15 -0.78 2.59 -2.87
N TYR A 16 0.27 1.83 -2.59
CA TYR A 16 1.12 2.10 -1.43
C TYR A 16 1.24 3.60 -1.17
N ASN A 17 1.76 4.33 -2.15
CA ASN A 17 1.93 5.77 -2.04
C ASN A 17 0.70 6.41 -1.40
N ARG A 18 -0.46 6.13 -1.97
CA ARG A 18 -1.71 6.69 -1.46
C ARG A 18 -1.92 6.29 0.01
N LEU A 19 -1.69 5.01 0.30
CA LEU A 19 -1.85 4.51 1.66
C LEU A 19 -0.97 5.27 2.64
N VAL A 20 0.30 5.46 2.26
CA VAL A 20 1.23 6.19 3.11
C VAL A 20 1.56 7.55 2.52
N PRO A 21 0.67 8.53 2.76
CA PRO A 21 0.84 9.90 2.26
C PRO A 21 1.98 10.64 2.96
N LEU A 22 2.52 11.64 2.29
CA LEU A 22 3.62 12.43 2.85
C LEU A 22 3.30 13.92 2.83
N VAL A 23 2.89 14.46 3.97
CA VAL A 23 2.55 15.88 4.07
C VAL A 23 3.33 16.54 5.21
N ASN A 24 3.69 15.75 6.21
CA ASN A 24 4.44 16.28 7.35
C ASN A 24 5.93 15.99 7.21
N GLY A 25 6.39 15.90 5.97
CA GLY A 25 7.80 15.62 5.71
C GLY A 25 8.24 14.31 6.32
N VAL A 26 7.29 13.52 6.78
CA VAL A 26 7.59 12.23 7.39
C VAL A 26 6.46 11.23 7.19
N ARG A 27 6.78 10.09 6.61
CA ARG A 27 5.79 9.05 6.35
C ARG A 27 5.65 8.12 7.55
N GLU A 28 4.42 7.94 8.03
CA GLU A 28 4.16 7.07 9.17
C GLU A 28 2.72 6.55 9.14
N PHE A 29 2.56 5.28 9.45
CA PHE A 29 1.24 4.65 9.46
C PHE A 29 0.35 5.29 10.53
N SER A 30 -0.91 4.91 10.54
CA SER A 30 -1.87 5.45 11.50
C SER A 30 -2.51 4.33 12.33
N GLU A 31 -3.13 4.69 13.44
CA GLU A 31 -3.78 3.72 14.31
C GLU A 31 -4.59 2.71 13.49
N ILE A 32 -5.10 3.15 12.35
CA ILE A 32 -5.88 2.30 11.48
C ILE A 32 -4.99 1.30 10.74
N GLN A 33 -4.08 1.82 9.91
CA GLN A 33 -3.17 0.99 9.15
C GLN A 33 -2.53 -0.07 10.04
N LEU A 34 -1.92 0.37 11.14
CA LEU A 34 -1.27 -0.54 12.07
C LEU A 34 -2.18 -1.71 12.42
N SER A 35 -3.29 -1.42 13.09
CA SER A 35 -4.25 -2.45 13.47
C SER A 35 -4.48 -3.44 12.33
N ARG A 36 -4.45 -2.93 11.10
CA ARG A 36 -4.67 -3.76 9.92
C ARG A 36 -3.41 -4.59 9.62
N LEU A 37 -2.25 -4.03 9.93
CA LEU A 37 -0.99 -4.72 9.70
C LEU A 37 -0.69 -5.71 10.82
N LYS A 38 -1.25 -5.45 11.99
CA LYS A 38 -1.04 -6.32 13.14
C LYS A 38 -1.64 -7.70 12.89
N LYS A 39 -2.93 -7.75 12.59
CA LYS A 39 -3.61 -9.00 12.32
C LYS A 39 -2.78 -9.90 11.41
N LEU A 40 -2.31 -9.33 10.30
CA LEU A 40 -1.49 -10.08 9.36
C LEU A 40 -0.24 -10.64 10.02
N GLY A 41 0.28 -9.90 10.99
CA GLY A 41 1.48 -10.33 11.70
C GLY A 41 2.70 -9.51 11.33
N ILE A 42 2.48 -8.33 10.77
CA ILE A 42 3.57 -7.46 10.37
C ILE A 42 3.72 -6.29 11.32
N HIS A 43 4.66 -6.42 12.26
CA HIS A 43 4.91 -5.37 13.25
C HIS A 43 5.96 -4.38 12.73
N LYS A 44 5.80 -3.96 11.48
CA LYS A 44 6.72 -3.01 10.88
C LYS A 44 6.12 -1.61 10.84
N THR A 45 6.34 -0.84 11.89
CA THR A 45 5.83 0.51 11.99
C THR A 45 6.35 1.38 10.84
N ASP A 46 7.66 1.34 10.62
CA ASP A 46 8.27 2.12 9.56
C ASP A 46 7.87 1.58 8.19
N PRO A 47 7.53 2.48 7.27
CA PRO A 47 7.12 2.12 5.91
C PRO A 47 8.28 1.58 5.07
N SER A 48 9.50 1.77 5.57
CA SER A 48 10.69 1.31 4.88
C SER A 48 10.93 -0.18 5.14
N THR A 49 10.85 -0.57 6.41
CA THR A 49 11.06 -1.96 6.80
C THR A 49 10.25 -2.90 5.92
N LEU A 50 8.97 -2.59 5.76
CA LEU A 50 8.08 -3.41 4.94
C LEU A 50 8.80 -3.91 3.68
N THR A 51 8.53 -5.16 3.31
CA THR A 51 9.16 -5.75 2.14
C THR A 51 8.11 -6.05 1.07
N GLU A 52 8.57 -6.16 -0.18
CA GLU A 52 7.68 -6.45 -1.30
C GLU A 52 6.55 -7.39 -0.87
N GLU A 53 6.92 -8.49 -0.21
CA GLU A 53 5.94 -9.45 0.25
C GLU A 53 4.88 -8.79 1.13
N GLU A 54 5.33 -8.12 2.18
CA GLU A 54 4.42 -7.44 3.10
C GLU A 54 3.58 -6.41 2.35
N VAL A 55 4.24 -5.60 1.52
CA VAL A 55 3.55 -4.56 0.76
C VAL A 55 2.41 -5.16 -0.07
N ARG A 56 2.76 -6.11 -0.92
CA ARG A 56 1.77 -6.76 -1.78
C ARG A 56 0.53 -7.16 -0.98
N LYS A 57 0.76 -7.79 0.17
CA LYS A 57 -0.33 -8.23 1.03
C LYS A 57 -1.14 -7.03 1.54
N PHE A 58 -0.43 -6.02 2.05
CA PHE A 58 -1.09 -4.82 2.57
C PHE A 58 -1.97 -4.18 1.49
N ALA A 59 -1.42 -4.01 0.30
CA ALA A 59 -2.15 -3.42 -0.81
C ALA A 59 -3.45 -4.16 -1.06
N ARG A 60 -3.37 -5.47 -1.23
CA ARG A 60 -4.54 -6.29 -1.48
C ARG A 60 -5.76 -5.75 -0.70
N LEU A 61 -5.58 -5.56 0.59
CA LEU A 61 -6.65 -5.05 1.44
C LEU A 61 -7.50 -4.03 0.69
N ASN A 62 -6.84 -3.08 0.05
CA ASN A 62 -7.53 -2.04 -0.71
C ASN A 62 -7.91 -2.54 -2.09
N ILE A 63 -9.20 -2.84 -2.28
CA ILE A 63 -9.69 -3.33 -3.56
C ILE A 63 -10.59 -2.29 -4.22
N ASP A 64 -10.11 -1.71 -5.31
CA ASP A 64 -10.87 -0.70 -6.04
C ASP A 64 -11.69 -1.35 -7.16
N PRO A 65 -12.83 -0.74 -7.49
CA PRO A 65 -13.73 -1.24 -8.54
C PRO A 65 -13.13 -1.09 -9.93
N ALA A 66 -11.89 -0.60 -9.99
CA ALA A 66 -11.21 -0.41 -11.27
C ALA A 66 -10.00 -1.34 -11.38
N THR A 67 -9.44 -1.70 -10.23
CA THR A 67 -8.27 -2.59 -10.20
C THR A 67 -8.68 -4.03 -9.92
N ILE A 68 -9.99 -4.27 -9.85
CA ILE A 68 -10.51 -5.60 -9.59
C ILE A 68 -9.62 -6.67 -10.21
N THR A 69 -9.24 -7.66 -9.40
CA THR A 69 -8.39 -8.75 -9.88
C THR A 69 -9.13 -10.07 -9.85
N TRP A 70 -9.17 -10.76 -10.99
CA TRP A 70 -9.84 -12.05 -11.08
C TRP A 70 -8.83 -13.20 -11.02
N GLN A 71 -7.87 -13.08 -10.12
CA GLN A 71 -6.84 -14.11 -9.96
C GLN A 71 -6.87 -14.68 -8.54
N GLY A 1 8.88 -2.19 -20.18
CA GLY A 1 10.31 -2.01 -20.38
C GLY A 1 10.91 -1.07 -19.35
N SER A 2 12.10 -0.55 -19.65
CA SER A 2 12.79 0.36 -18.75
C SER A 2 12.10 1.72 -18.71
N SER A 3 11.78 2.25 -19.90
CA SER A 3 11.13 3.54 -20.00
C SER A 3 9.65 3.38 -20.31
N GLY A 4 8.92 4.49 -20.31
CA GLY A 4 7.50 4.45 -20.59
C GLY A 4 6.66 4.25 -19.34
N SER A 5 7.08 3.32 -18.50
CA SER A 5 6.37 3.02 -17.26
C SER A 5 4.89 2.77 -17.54
N SER A 6 4.62 2.03 -18.61
CA SER A 6 3.24 1.71 -18.99
C SER A 6 2.87 0.31 -18.54
N GLY A 7 2.38 0.19 -17.31
CA GLY A 7 1.99 -1.10 -16.77
C GLY A 7 3.16 -1.90 -16.28
N SER A 8 3.91 -1.35 -15.33
CA SER A 8 5.08 -2.02 -14.78
C SER A 8 4.84 -2.40 -13.32
N THR A 9 4.21 -3.55 -13.11
CA THR A 9 3.93 -4.04 -11.76
C THR A 9 3.57 -2.89 -10.83
N GLN A 10 2.84 -1.90 -11.36
CA GLN A 10 2.43 -0.75 -10.57
C GLN A 10 1.01 -0.92 -10.03
N THR A 11 0.71 -2.13 -9.56
CA THR A 11 -0.62 -2.43 -9.02
C THR A 11 -0.69 -2.12 -7.54
N ASP A 12 0.29 -2.62 -6.78
CA ASP A 12 0.34 -2.40 -5.34
C ASP A 12 1.16 -1.15 -5.02
N LYS A 13 2.35 -1.08 -5.61
CA LYS A 13 3.25 0.05 -5.39
C LYS A 13 2.47 1.37 -5.42
N ALA A 14 1.70 1.56 -6.49
CA ALA A 14 0.91 2.79 -6.64
C ALA A 14 0.02 3.01 -5.42
N LEU A 15 -0.73 1.99 -5.04
CA LEU A 15 -1.63 2.08 -3.89
C LEU A 15 -0.86 2.46 -2.63
N TYR A 16 0.25 1.77 -2.39
CA TYR A 16 1.08 2.03 -1.22
C TYR A 16 1.30 3.53 -1.03
N ASN A 17 1.86 4.17 -2.04
CA ASN A 17 2.13 5.60 -2.00
C ASN A 17 0.98 6.35 -1.34
N ARG A 18 -0.23 6.13 -1.85
CA ARG A 18 -1.41 6.79 -1.31
C ARG A 18 -1.64 6.39 0.14
N LEU A 19 -1.56 5.09 0.42
CA LEU A 19 -1.76 4.59 1.77
C LEU A 19 -0.85 5.33 2.76
N VAL A 20 0.42 5.44 2.42
CA VAL A 20 1.39 6.13 3.27
C VAL A 20 1.83 7.45 2.67
N PRO A 21 0.98 8.49 2.83
CA PRO A 21 1.27 9.83 2.30
C PRO A 21 2.41 10.51 3.04
N LEU A 22 2.89 11.61 2.47
CA LEU A 22 3.98 12.37 3.07
C LEU A 22 3.62 13.84 3.21
N VAL A 23 3.20 14.23 4.41
CA VAL A 23 2.83 15.62 4.68
C VAL A 23 3.88 16.31 5.54
N ASN A 24 4.48 15.56 6.45
CA ASN A 24 5.49 16.11 7.34
C ASN A 24 6.89 15.64 6.93
N GLY A 25 7.10 15.53 5.61
CA GLY A 25 8.39 15.10 5.11
C GLY A 25 8.87 13.83 5.77
N VAL A 26 7.94 13.06 6.31
CA VAL A 26 8.28 11.80 6.98
C VAL A 26 7.15 10.78 6.81
N ARG A 27 7.47 9.65 6.19
CA ARG A 27 6.49 8.60 5.97
C ARG A 27 6.23 7.82 7.26
N GLU A 28 4.95 7.58 7.54
CA GLU A 28 4.57 6.85 8.74
C GLU A 28 3.19 6.21 8.57
N PHE A 29 2.88 5.25 9.44
CA PHE A 29 1.60 4.56 9.39
C PHE A 29 0.57 5.25 10.28
N SER A 30 -0.68 4.82 10.16
CA SER A 30 -1.77 5.39 10.94
C SER A 30 -2.47 4.33 11.77
N GLU A 31 -3.04 4.75 12.90
CA GLU A 31 -3.75 3.82 13.78
C GLU A 31 -4.48 2.76 12.98
N ILE A 32 -5.09 3.17 11.87
CA ILE A 32 -5.83 2.26 11.02
C ILE A 32 -4.91 1.22 10.39
N GLN A 33 -3.97 1.69 9.57
CA GLN A 33 -3.02 0.81 8.91
C GLN A 33 -2.45 -0.21 9.89
N LEU A 34 -1.85 0.29 10.97
CA LEU A 34 -1.27 -0.58 11.98
C LEU A 34 -2.24 -1.68 12.39
N SER A 35 -3.34 -1.27 13.01
CA SER A 35 -4.35 -2.22 13.47
C SER A 35 -4.59 -3.30 12.41
N ARG A 36 -4.50 -2.91 11.14
CA ARG A 36 -4.71 -3.84 10.04
C ARG A 36 -3.48 -4.73 9.84
N LEU A 37 -2.31 -4.12 9.91
CA LEU A 37 -1.06 -4.86 9.73
C LEU A 37 -0.90 -5.92 10.81
N LYS A 38 -1.20 -5.55 12.05
CA LYS A 38 -1.09 -6.47 13.18
C LYS A 38 -1.69 -7.83 12.83
N LYS A 39 -2.93 -7.82 12.34
CA LYS A 39 -3.61 -9.05 11.96
C LYS A 39 -2.71 -9.93 11.09
N LEU A 40 -2.10 -9.32 10.09
CA LEU A 40 -1.21 -10.04 9.18
C LEU A 40 0.02 -10.56 9.93
N GLY A 41 0.44 -9.82 10.94
CA GLY A 41 1.60 -10.21 11.72
C GLY A 41 2.83 -9.40 11.37
N ILE A 42 2.63 -8.20 10.82
CA ILE A 42 3.72 -7.32 10.45
C ILE A 42 3.98 -6.27 11.52
N HIS A 43 4.95 -6.53 12.38
CA HIS A 43 5.28 -5.61 13.46
C HIS A 43 6.32 -4.59 12.99
N LYS A 44 6.10 -4.03 11.80
CA LYS A 44 7.01 -3.04 11.23
C LYS A 44 6.35 -1.67 11.19
N THR A 45 6.88 -0.74 12.00
CA THR A 45 6.35 0.62 12.06
C THR A 45 6.88 1.47 10.91
N ASP A 46 8.12 1.20 10.50
CA ASP A 46 8.75 1.94 9.41
C ASP A 46 8.23 1.46 8.07
N PRO A 47 7.72 2.40 7.25
CA PRO A 47 7.17 2.09 5.92
C PRO A 47 8.26 1.69 4.94
N SER A 48 9.50 1.62 5.42
CA SER A 48 10.63 1.25 4.58
C SER A 48 11.05 -0.20 4.83
N THR A 49 11.00 -0.61 6.09
CA THR A 49 11.36 -1.97 6.47
C THR A 49 10.56 -2.99 5.68
N LEU A 50 9.24 -2.87 5.73
CA LEU A 50 8.35 -3.79 5.02
C LEU A 50 8.93 -4.14 3.65
N THR A 51 8.77 -5.41 3.27
CA THR A 51 9.27 -5.88 1.98
C THR A 51 8.13 -6.01 0.97
N GLU A 52 8.50 -6.04 -0.32
CA GLU A 52 7.50 -6.17 -1.38
C GLU A 52 6.40 -7.15 -0.99
N GLU A 53 6.79 -8.27 -0.39
CA GLU A 53 5.84 -9.28 0.04
C GLU A 53 4.82 -8.70 1.02
N GLU A 54 5.31 -7.88 1.95
CA GLU A 54 4.46 -7.26 2.94
C GLU A 54 3.69 -6.08 2.34
N VAL A 55 4.31 -5.39 1.40
CA VAL A 55 3.69 -4.25 0.74
C VAL A 55 2.49 -4.69 -0.09
N ARG A 56 2.71 -5.68 -0.96
CA ARG A 56 1.66 -6.19 -1.82
C ARG A 56 0.46 -6.64 -1.00
N LYS A 57 0.72 -7.38 0.07
CA LYS A 57 -0.34 -7.88 0.94
C LYS A 57 -1.11 -6.73 1.56
N PHE A 58 -0.39 -5.70 2.00
CA PHE A 58 -1.02 -4.54 2.62
C PHE A 58 -2.07 -3.93 1.70
N ALA A 59 -1.77 -3.89 0.40
CA ALA A 59 -2.69 -3.34 -0.58
C ALA A 59 -3.75 -4.37 -0.97
N ARG A 60 -3.33 -5.62 -1.09
CA ARG A 60 -4.25 -6.69 -1.47
C ARG A 60 -5.59 -6.53 -0.77
N LEU A 61 -5.56 -6.19 0.51
CA LEU A 61 -6.78 -5.99 1.28
C LEU A 61 -7.34 -4.59 1.08
N ASN A 62 -6.46 -3.64 0.78
CA ASN A 62 -6.87 -2.25 0.55
C ASN A 62 -7.23 -2.03 -0.92
N ILE A 63 -8.00 -2.96 -1.48
CA ILE A 63 -8.41 -2.86 -2.87
C ILE A 63 -9.83 -2.30 -2.99
N ASP A 64 -9.92 -1.00 -3.28
CA ASP A 64 -11.21 -0.34 -3.42
C ASP A 64 -11.83 -0.64 -4.78
N PRO A 65 -13.17 -0.57 -4.85
CA PRO A 65 -13.91 -0.83 -6.08
C PRO A 65 -13.70 0.26 -7.13
N ALA A 66 -12.86 1.23 -6.80
CA ALA A 66 -12.57 2.33 -7.72
C ALA A 66 -11.18 2.17 -8.33
N THR A 67 -10.39 1.25 -7.79
CA THR A 67 -9.04 1.01 -8.29
C THR A 67 -8.94 -0.36 -8.93
N ILE A 68 -10.07 -1.05 -9.04
CA ILE A 68 -10.10 -2.37 -9.65
C ILE A 68 -9.08 -2.49 -10.79
N THR A 69 -8.23 -3.51 -10.72
CA THR A 69 -7.22 -3.73 -11.74
C THR A 69 -7.29 -5.15 -12.29
N TRP A 70 -8.50 -5.70 -12.32
CA TRP A 70 -8.70 -7.06 -12.83
C TRP A 70 -9.79 -7.08 -13.90
N GLN A 71 -10.02 -5.93 -14.53
CA GLN A 71 -11.03 -5.82 -15.57
C GLN A 71 -10.45 -6.20 -16.93
N GLY A 1 -0.30 -13.70 -26.58
CA GLY A 1 1.10 -13.34 -26.63
C GLY A 1 1.59 -12.70 -25.35
N SER A 2 1.45 -13.41 -24.24
CA SER A 2 1.87 -12.90 -22.94
C SER A 2 3.00 -13.75 -22.36
N SER A 3 4.22 -13.49 -22.81
CA SER A 3 5.38 -14.23 -22.34
C SER A 3 6.52 -13.28 -21.98
N GLY A 4 7.37 -13.71 -21.05
CA GLY A 4 8.48 -12.88 -20.63
C GLY A 4 8.05 -11.71 -19.77
N SER A 5 9.00 -11.12 -19.06
CA SER A 5 8.71 -9.98 -18.19
C SER A 5 8.71 -8.68 -19.00
N SER A 6 7.53 -8.30 -19.48
CA SER A 6 7.38 -7.09 -20.27
C SER A 6 6.53 -6.05 -19.52
N GLY A 7 5.45 -6.52 -18.91
CA GLY A 7 4.58 -5.63 -18.17
C GLY A 7 5.26 -5.02 -16.97
N SER A 8 4.55 -4.13 -16.27
CA SER A 8 5.10 -3.48 -15.08
C SER A 8 4.40 -3.97 -13.81
N THR A 9 5.00 -3.66 -12.67
CA THR A 9 4.44 -4.08 -11.39
C THR A 9 4.05 -2.87 -10.54
N GLN A 10 3.52 -1.85 -11.19
CA GLN A 10 3.10 -0.64 -10.49
C GLN A 10 1.69 -0.79 -9.92
N THR A 11 1.29 -2.03 -9.69
CA THR A 11 -0.04 -2.31 -9.16
C THR A 11 -0.09 -2.07 -7.66
N ASP A 12 0.85 -2.68 -6.94
CA ASP A 12 0.91 -2.53 -5.49
C ASP A 12 1.51 -1.18 -5.11
N LYS A 13 2.67 -0.87 -5.67
CA LYS A 13 3.34 0.40 -5.39
C LYS A 13 2.37 1.56 -5.45
N ALA A 14 1.54 1.59 -6.49
CA ALA A 14 0.55 2.65 -6.65
C ALA A 14 -0.23 2.87 -5.37
N LEU A 15 -0.71 1.80 -4.76
CA LEU A 15 -1.47 1.88 -3.53
C LEU A 15 -0.57 2.26 -2.36
N TYR A 16 0.46 1.46 -2.13
CA TYR A 16 1.40 1.72 -1.05
C TYR A 16 1.64 3.21 -0.87
N ASN A 17 1.78 3.92 -1.98
CA ASN A 17 2.02 5.35 -1.95
C ASN A 17 0.81 6.09 -1.40
N ARG A 18 -0.34 5.92 -2.04
CA ARG A 18 -1.57 6.57 -1.61
C ARG A 18 -1.84 6.29 -0.13
N LEU A 19 -1.73 5.03 0.26
CA LEU A 19 -1.95 4.63 1.64
C LEU A 19 -1.01 5.37 2.59
N VAL A 20 0.28 5.34 2.27
CA VAL A 20 1.29 6.02 3.08
C VAL A 20 1.96 7.15 2.30
N PRO A 21 1.29 8.31 2.25
CA PRO A 21 1.80 9.49 1.54
C PRO A 21 3.00 10.10 2.23
N LEU A 22 3.71 10.99 1.53
CA LEU A 22 4.88 11.65 2.09
C LEU A 22 4.79 13.16 1.90
N VAL A 23 4.46 13.87 2.98
CA VAL A 23 4.34 15.32 2.93
C VAL A 23 5.21 15.98 4.00
N ASN A 24 5.22 15.38 5.20
CA ASN A 24 6.01 15.90 6.30
C ASN A 24 7.46 15.46 6.19
N GLY A 25 7.84 14.98 5.01
CA GLY A 25 9.20 14.53 4.80
C GLY A 25 9.50 13.22 5.50
N VAL A 26 8.49 12.67 6.17
CA VAL A 26 8.65 11.41 6.89
C VAL A 26 7.41 10.53 6.72
N ARG A 27 7.63 9.29 6.29
CA ARG A 27 6.53 8.35 6.09
C ARG A 27 6.24 7.57 7.37
N GLU A 28 5.03 7.70 7.88
CA GLU A 28 4.63 7.01 9.10
C GLU A 28 3.23 6.44 8.97
N PHE A 29 3.03 5.22 9.45
CA PHE A 29 1.73 4.57 9.39
C PHE A 29 0.73 5.24 10.32
N SER A 30 -0.47 4.70 10.38
CA SER A 30 -1.53 5.26 11.22
C SER A 30 -2.25 4.16 11.99
N GLU A 31 -2.87 4.54 13.11
CA GLU A 31 -3.60 3.57 13.93
C GLU A 31 -4.40 2.61 13.06
N ILE A 32 -5.03 3.14 12.02
CA ILE A 32 -5.82 2.32 11.11
C ILE A 32 -4.95 1.31 10.38
N GLN A 33 -4.02 1.81 9.57
CA GLN A 33 -3.13 0.95 8.81
C GLN A 33 -2.52 -0.11 9.71
N LEU A 34 -1.98 0.31 10.84
CA LEU A 34 -1.35 -0.61 11.79
C LEU A 34 -2.35 -1.68 12.25
N SER A 35 -3.44 -1.23 12.86
CA SER A 35 -4.46 -2.15 13.35
C SER A 35 -4.80 -3.20 12.30
N ARG A 36 -4.50 -2.89 11.04
CA ARG A 36 -4.76 -3.81 9.94
C ARG A 36 -3.53 -4.63 9.60
N LEU A 37 -2.35 -4.02 9.78
CA LEU A 37 -1.10 -4.70 9.48
C LEU A 37 -0.81 -5.78 10.52
N LYS A 38 -1.20 -5.52 11.77
CA LYS A 38 -0.99 -6.48 12.85
C LYS A 38 -1.47 -7.87 12.46
N LYS A 39 -2.73 -7.95 12.03
CA LYS A 39 -3.31 -9.21 11.61
C LYS A 39 -2.36 -9.99 10.71
N LEU A 40 -1.85 -9.31 9.69
CA LEU A 40 -0.92 -9.94 8.75
C LEU A 40 0.31 -10.47 9.47
N GLY A 41 0.63 -9.87 10.61
CA GLY A 41 1.79 -10.30 11.38
C GLY A 41 3.05 -9.55 11.01
N ILE A 42 2.88 -8.35 10.44
CA ILE A 42 4.02 -7.54 10.04
C ILE A 42 4.60 -6.79 11.23
N HIS A 43 3.73 -6.21 12.04
CA HIS A 43 4.16 -5.46 13.23
C HIS A 43 5.42 -4.65 12.92
N LYS A 44 5.34 -3.84 11.87
CA LYS A 44 6.47 -3.00 11.47
C LYS A 44 6.06 -1.53 11.40
N THR A 45 6.48 -0.75 12.39
CA THR A 45 6.16 0.67 12.44
C THR A 45 7.11 1.48 11.58
N ASP A 46 7.38 0.99 10.37
CA ASP A 46 8.28 1.67 9.45
C ASP A 46 8.01 1.24 8.01
N PRO A 47 7.73 2.23 7.14
CA PRO A 47 7.45 1.97 5.72
C PRO A 47 8.69 1.51 4.96
N SER A 48 9.80 1.37 5.67
CA SER A 48 11.05 0.94 5.06
C SER A 48 11.28 -0.55 5.31
N THR A 49 10.91 -1.02 6.49
CA THR A 49 11.09 -2.42 6.86
C THR A 49 10.22 -3.32 5.99
N LEU A 50 8.93 -3.01 5.92
CA LEU A 50 7.99 -3.79 5.13
C LEU A 50 8.62 -4.19 3.78
N THR A 51 8.57 -5.47 3.47
CA THR A 51 9.12 -5.98 2.22
C THR A 51 8.04 -6.11 1.15
N GLU A 52 8.46 -6.17 -0.10
CA GLU A 52 7.53 -6.29 -1.21
C GLU A 52 6.33 -7.15 -0.82
N GLU A 53 6.61 -8.33 -0.27
CA GLU A 53 5.55 -9.24 0.15
C GLU A 53 4.58 -8.55 1.10
N GLU A 54 5.14 -7.86 2.10
CA GLU A 54 4.32 -7.16 3.09
C GLU A 54 3.64 -5.96 2.47
N VAL A 55 4.27 -5.38 1.45
CA VAL A 55 3.72 -4.22 0.77
C VAL A 55 2.50 -4.60 -0.07
N ARG A 56 2.65 -5.61 -0.90
CA ARG A 56 1.56 -6.07 -1.76
C ARG A 56 0.40 -6.59 -0.92
N LYS A 57 0.73 -7.32 0.15
CA LYS A 57 -0.29 -7.88 1.04
C LYS A 57 -1.09 -6.77 1.71
N PHE A 58 -0.40 -5.76 2.21
CA PHE A 58 -1.06 -4.64 2.88
C PHE A 58 -2.02 -3.93 1.94
N ALA A 59 -1.66 -3.91 0.66
CA ALA A 59 -2.51 -3.27 -0.35
C ALA A 59 -3.79 -4.06 -0.60
N ARG A 60 -3.64 -5.38 -0.68
CA ARG A 60 -4.78 -6.26 -0.92
C ARG A 60 -6.03 -5.74 -0.20
N LEU A 61 -5.90 -5.49 1.10
CA LEU A 61 -7.01 -4.98 1.90
C LEU A 61 -7.78 -3.91 1.14
N ASN A 62 -7.07 -2.86 0.73
CA ASN A 62 -7.69 -1.76 -0.02
C ASN A 62 -7.96 -2.16 -1.46
N ILE A 63 -9.07 -2.85 -1.68
CA ILE A 63 -9.46 -3.29 -3.01
C ILE A 63 -10.06 -2.14 -3.82
N ASP A 64 -9.20 -1.38 -4.49
CA ASP A 64 -9.65 -0.26 -5.30
C ASP A 64 -10.32 -0.74 -6.58
N PRO A 65 -11.28 0.05 -7.08
CA PRO A 65 -12.03 -0.28 -8.30
C PRO A 65 -11.15 -0.19 -9.55
N ALA A 66 -10.25 0.78 -9.56
CA ALA A 66 -9.35 0.97 -10.70
C ALA A 66 -8.82 -0.36 -11.21
N THR A 67 -8.58 -1.29 -10.29
CA THR A 67 -8.07 -2.60 -10.65
C THR A 67 -9.13 -3.44 -11.35
N ILE A 68 -10.38 -3.29 -10.91
CA ILE A 68 -11.49 -4.03 -11.49
C ILE A 68 -11.59 -3.78 -12.99
N THR A 69 -11.04 -4.70 -13.77
CA THR A 69 -11.07 -4.59 -15.23
C THR A 69 -11.83 -5.75 -15.85
N TRP A 70 -12.98 -6.08 -15.27
CA TRP A 70 -13.80 -7.17 -15.78
C TRP A 70 -15.23 -6.70 -16.02
N GLN A 71 -15.39 -5.41 -16.30
CA GLN A 71 -16.71 -4.84 -16.55
C GLN A 71 -17.27 -5.33 -17.88
N GLY A 1 -10.12 16.54 -11.90
CA GLY A 1 -10.95 15.36 -11.76
C GLY A 1 -10.46 14.20 -12.60
N SER A 2 -9.72 13.29 -11.98
CA SER A 2 -9.18 12.14 -12.68
C SER A 2 -10.09 10.92 -12.53
N SER A 3 -10.26 10.16 -13.61
CA SER A 3 -11.11 8.99 -13.59
C SER A 3 -10.47 7.87 -12.79
N GLY A 4 -9.26 7.47 -13.20
CA GLY A 4 -8.56 6.41 -12.51
C GLY A 4 -7.40 5.87 -13.31
N SER A 5 -7.21 4.55 -13.28
CA SER A 5 -6.12 3.90 -14.00
C SER A 5 -6.64 2.74 -14.84
N SER A 6 -5.82 2.29 -15.78
CA SER A 6 -6.20 1.18 -16.65
C SER A 6 -5.43 -0.09 -16.28
N GLY A 7 -4.10 0.01 -16.29
CA GLY A 7 -3.27 -1.13 -15.95
C GLY A 7 -1.79 -0.84 -16.11
N SER A 8 -1.05 -0.92 -15.02
CA SER A 8 0.38 -0.66 -15.03
C SER A 8 1.13 -1.63 -14.12
N THR A 9 2.44 -1.74 -14.33
CA THR A 9 3.26 -2.64 -13.54
C THR A 9 3.12 -2.33 -12.04
N GLN A 10 3.07 -1.05 -11.71
CA GLN A 10 2.94 -0.62 -10.32
C GLN A 10 1.59 -1.01 -9.75
N THR A 11 1.45 -2.30 -9.41
CA THR A 11 0.20 -2.81 -8.86
C THR A 11 0.10 -2.52 -7.37
N ASP A 12 1.21 -2.72 -6.66
CA ASP A 12 1.25 -2.48 -5.22
C ASP A 12 1.99 -1.17 -4.90
N LYS A 13 3.10 -0.95 -5.60
CA LYS A 13 3.90 0.25 -5.40
C LYS A 13 3.04 1.50 -5.52
N ALA A 14 2.15 1.51 -6.51
CA ALA A 14 1.26 2.64 -6.73
C ALA A 14 0.33 2.85 -5.54
N LEU A 15 -0.52 1.86 -5.29
CA LEU A 15 -1.47 1.94 -4.19
C LEU A 15 -0.77 2.33 -2.89
N TYR A 16 0.35 1.68 -2.61
CA TYR A 16 1.12 1.97 -1.40
C TYR A 16 1.15 3.46 -1.11
N ASN A 17 1.66 4.24 -2.07
CA ASN A 17 1.74 5.69 -1.92
C ASN A 17 0.40 6.26 -1.47
N ARG A 18 -0.68 5.80 -2.11
CA ARG A 18 -2.02 6.27 -1.78
C ARG A 18 -2.37 5.93 -0.33
N LEU A 19 -2.08 4.70 0.07
CA LEU A 19 -2.38 4.25 1.43
C LEU A 19 -1.57 5.05 2.44
N VAL A 20 -0.29 5.25 2.16
CA VAL A 20 0.59 5.99 3.06
C VAL A 20 1.00 7.32 2.43
N PRO A 21 0.12 8.32 2.52
CA PRO A 21 0.37 9.65 1.97
C PRO A 21 1.45 10.40 2.74
N LEU A 22 2.15 11.31 2.05
CA LEU A 22 3.21 12.09 2.69
C LEU A 22 2.76 13.54 2.88
N VAL A 23 2.14 13.81 4.02
CA VAL A 23 1.67 15.16 4.33
C VAL A 23 2.50 15.79 5.45
N ASN A 24 3.01 14.95 6.34
CA ASN A 24 3.83 15.42 7.45
C ASN A 24 5.30 15.12 7.22
N GLY A 25 5.73 15.26 5.97
CA GLY A 25 7.12 14.99 5.63
C GLY A 25 7.60 13.66 6.17
N VAL A 26 6.72 12.68 6.20
CA VAL A 26 7.05 11.35 6.70
C VAL A 26 5.99 10.32 6.31
N ARG A 27 6.44 9.17 5.84
CA ARG A 27 5.52 8.11 5.44
C ARG A 27 5.14 7.23 6.64
N GLU A 28 4.97 7.87 7.79
CA GLU A 28 4.61 7.15 9.02
C GLU A 28 3.20 6.57 8.90
N PHE A 29 3.07 5.29 9.21
CA PHE A 29 1.78 4.61 9.14
C PHE A 29 0.78 5.25 10.09
N SER A 30 -0.47 4.80 10.02
CA SER A 30 -1.53 5.33 10.86
C SER A 30 -2.10 4.25 11.77
N GLU A 31 -2.68 4.66 12.89
CA GLU A 31 -3.27 3.73 13.84
C GLU A 31 -4.10 2.67 13.13
N ILE A 32 -4.79 3.08 12.07
CA ILE A 32 -5.62 2.18 11.30
C ILE A 32 -4.77 1.21 10.49
N GLN A 33 -3.83 1.75 9.73
CA GLN A 33 -2.94 0.92 8.91
C GLN A 33 -2.21 -0.11 9.75
N LEU A 34 -1.84 0.29 10.97
CA LEU A 34 -1.13 -0.61 11.87
C LEU A 34 -2.08 -1.67 12.44
N SER A 35 -3.11 -1.23 13.14
CA SER A 35 -4.09 -2.14 13.73
C SER A 35 -4.48 -3.23 12.73
N ARG A 36 -4.58 -2.85 11.47
CA ARG A 36 -4.95 -3.80 10.42
C ARG A 36 -3.76 -4.66 10.02
N LEU A 37 -2.56 -4.10 10.14
CA LEU A 37 -1.34 -4.82 9.79
C LEU A 37 -1.11 -5.98 10.75
N LYS A 38 -1.26 -5.72 12.05
CA LYS A 38 -1.08 -6.75 13.06
C LYS A 38 -1.73 -8.07 12.64
N LYS A 39 -3.00 -7.99 12.28
CA LYS A 39 -3.75 -9.17 11.86
C LYS A 39 -2.91 -10.04 10.93
N LEU A 40 -2.34 -9.41 9.91
CA LEU A 40 -1.51 -10.13 8.94
C LEU A 40 -0.27 -10.70 9.61
N GLY A 41 0.22 -10.00 10.63
CA GLY A 41 1.41 -10.46 11.35
C GLY A 41 2.66 -9.73 10.91
N ILE A 42 2.49 -8.50 10.43
CA ILE A 42 3.63 -7.69 9.98
C ILE A 42 4.05 -6.70 11.05
N HIS A 43 4.90 -7.15 11.97
CA HIS A 43 5.39 -6.29 13.05
C HIS A 43 6.34 -5.24 12.51
N LYS A 44 5.81 -4.29 11.75
CA LYS A 44 6.62 -3.23 11.18
C LYS A 44 5.82 -1.93 11.10
N THR A 45 6.42 -0.84 11.60
CA THR A 45 5.77 0.46 11.59
C THR A 45 6.56 1.46 10.78
N ASP A 46 7.45 0.97 9.93
CA ASP A 46 8.28 1.82 9.09
C ASP A 46 7.96 1.61 7.60
N PRO A 47 7.79 2.71 6.87
CA PRO A 47 7.48 2.67 5.44
C PRO A 47 8.66 2.17 4.60
N SER A 48 9.76 1.87 5.27
CA SER A 48 10.95 1.38 4.59
C SER A 48 11.20 -0.08 4.91
N THR A 49 10.94 -0.47 6.16
CA THR A 49 11.13 -1.84 6.60
C THR A 49 10.29 -2.81 5.78
N LEU A 50 8.99 -2.53 5.69
CA LEU A 50 8.08 -3.38 4.94
C LEU A 50 8.68 -3.76 3.59
N THR A 51 8.54 -5.02 3.21
CA THR A 51 9.07 -5.51 1.94
C THR A 51 7.95 -5.70 0.92
N GLU A 52 8.31 -5.64 -0.35
CA GLU A 52 7.33 -5.81 -1.43
C GLU A 52 6.29 -6.86 -1.05
N GLU A 53 6.76 -7.99 -0.56
CA GLU A 53 5.86 -9.08 -0.16
C GLU A 53 4.80 -8.58 0.82
N GLU A 54 5.24 -7.80 1.80
CA GLU A 54 4.33 -7.25 2.81
C GLU A 54 3.50 -6.12 2.22
N VAL A 55 4.12 -5.31 1.37
CA VAL A 55 3.43 -4.19 0.74
C VAL A 55 2.21 -4.66 -0.05
N ARG A 56 2.44 -5.58 -0.99
CA ARG A 56 1.38 -6.12 -1.82
C ARG A 56 0.23 -6.63 -0.95
N LYS A 57 0.57 -7.39 0.08
CA LYS A 57 -0.43 -7.96 0.98
C LYS A 57 -1.17 -6.84 1.73
N PHE A 58 -0.41 -5.88 2.25
CA PHE A 58 -1.00 -4.77 2.99
C PHE A 58 -1.92 -3.94 2.08
N ALA A 59 -1.53 -3.79 0.82
CA ALA A 59 -2.32 -3.03 -0.13
C ALA A 59 -3.54 -3.82 -0.59
N ARG A 60 -3.34 -5.12 -0.79
CA ARG A 60 -4.43 -6.00 -1.23
C ARG A 60 -5.63 -5.90 -0.29
N LEU A 61 -5.42 -6.28 0.97
CA LEU A 61 -6.48 -6.24 1.96
C LEU A 61 -7.34 -5.00 1.79
N ASN A 62 -6.71 -3.88 1.46
CA ASN A 62 -7.42 -2.63 1.26
C ASN A 62 -7.61 -2.33 -0.22
N ILE A 63 -8.82 -2.59 -0.72
CA ILE A 63 -9.13 -2.36 -2.11
C ILE A 63 -9.87 -1.03 -2.31
N ASP A 64 -9.24 -0.11 -3.02
CA ASP A 64 -9.83 1.20 -3.29
C ASP A 64 -11.13 1.06 -4.08
N PRO A 65 -12.13 1.86 -3.72
CA PRO A 65 -13.44 1.85 -4.37
C PRO A 65 -13.38 2.41 -5.80
N ALA A 66 -12.17 2.76 -6.24
CA ALA A 66 -11.98 3.30 -7.57
C ALA A 66 -11.23 2.31 -8.47
N THR A 67 -10.69 1.26 -7.85
CA THR A 67 -9.95 0.24 -8.58
C THR A 67 -10.36 -1.16 -8.15
N ILE A 68 -11.59 -1.28 -7.64
CA ILE A 68 -12.10 -2.57 -7.19
C ILE A 68 -11.53 -3.71 -8.03
N THR A 69 -11.12 -4.78 -7.35
CA THR A 69 -10.55 -5.93 -8.03
C THR A 69 -11.32 -7.21 -7.69
N TRP A 70 -12.38 -7.47 -8.44
CA TRP A 70 -13.21 -8.66 -8.21
C TRP A 70 -12.36 -9.92 -8.25
N GLN A 71 -11.51 -10.02 -9.26
CA GLN A 71 -10.63 -11.18 -9.42
C GLN A 71 -9.24 -10.76 -9.86
N GLY A 1 2.34 7.18 -17.74
CA GLY A 1 1.70 7.18 -19.05
C GLY A 1 0.20 7.00 -18.95
N SER A 2 -0.54 7.64 -19.85
CA SER A 2 -2.00 7.55 -19.87
C SER A 2 -2.45 6.34 -20.68
N SER A 3 -1.84 6.15 -21.84
CA SER A 3 -2.18 5.04 -22.72
C SER A 3 -2.05 3.71 -21.99
N GLY A 4 -0.90 3.50 -21.36
CA GLY A 4 -0.67 2.27 -20.63
C GLY A 4 -0.33 1.11 -21.54
N SER A 5 0.07 -0.01 -20.96
CA SER A 5 0.43 -1.20 -21.73
C SER A 5 0.45 -2.44 -20.84
N SER A 6 0.57 -3.60 -21.47
CA SER A 6 0.60 -4.87 -20.74
C SER A 6 2.02 -5.25 -20.37
N GLY A 7 2.30 -5.26 -19.07
CA GLY A 7 3.64 -5.61 -18.60
C GLY A 7 4.19 -4.60 -17.62
N SER A 8 3.44 -4.32 -16.56
CA SER A 8 3.86 -3.36 -15.55
C SER A 8 3.66 -3.92 -14.14
N THR A 9 4.47 -3.46 -13.21
CA THR A 9 4.39 -3.92 -11.82
C THR A 9 4.00 -2.78 -10.90
N GLN A 10 3.25 -1.82 -11.43
CA GLN A 10 2.81 -0.67 -10.64
C GLN A 10 1.37 -0.86 -10.16
N THR A 11 1.07 -2.07 -9.67
CA THR A 11 -0.26 -2.37 -9.18
C THR A 11 -0.37 -2.16 -7.68
N ASP A 12 0.59 -2.72 -6.94
CA ASP A 12 0.61 -2.58 -5.49
C ASP A 12 1.37 -1.32 -5.07
N LYS A 13 2.51 -1.09 -5.71
CA LYS A 13 3.34 0.07 -5.40
C LYS A 13 2.50 1.35 -5.40
N ALA A 14 1.76 1.56 -6.48
CA ALA A 14 0.90 2.73 -6.61
C ALA A 14 0.00 2.89 -5.39
N LEU A 15 -0.67 1.80 -5.01
CA LEU A 15 -1.57 1.81 -3.86
C LEU A 15 -0.82 2.18 -2.59
N TYR A 16 0.37 1.61 -2.41
CA TYR A 16 1.19 1.88 -1.24
C TYR A 16 1.33 3.38 -1.00
N ASN A 17 1.87 4.08 -1.98
CA ASN A 17 2.06 5.52 -1.89
C ASN A 17 0.83 6.19 -1.30
N ARG A 18 -0.32 5.94 -1.91
CA ARG A 18 -1.58 6.53 -1.44
C ARG A 18 -1.87 6.10 -0.01
N LEU A 19 -1.83 4.80 0.25
CA LEU A 19 -2.09 4.27 1.58
C LEU A 19 -1.22 4.97 2.62
N VAL A 20 0.03 5.24 2.26
CA VAL A 20 0.96 5.91 3.15
C VAL A 20 1.35 7.28 2.63
N PRO A 21 0.48 8.28 2.85
CA PRO A 21 0.72 9.65 2.41
C PRO A 21 1.84 10.33 3.17
N LEU A 22 2.28 11.48 2.68
CA LEU A 22 3.36 12.23 3.32
C LEU A 22 2.79 13.28 4.28
N VAL A 23 3.00 13.08 5.58
CA VAL A 23 2.51 14.01 6.58
C VAL A 23 3.64 14.51 7.46
N ASN A 24 3.70 15.82 7.65
CA ASN A 24 4.74 16.43 8.48
C ASN A 24 6.13 16.04 7.98
N GLY A 25 6.28 15.99 6.67
CA GLY A 25 7.57 15.64 6.08
C GLY A 25 8.02 14.25 6.49
N VAL A 26 7.07 13.40 6.87
CA VAL A 26 7.38 12.04 7.28
C VAL A 26 6.20 11.11 7.04
N ARG A 27 6.49 9.84 6.81
CA ARG A 27 5.45 8.84 6.56
C ARG A 27 5.33 7.88 7.75
N GLU A 28 4.16 7.86 8.36
CA GLU A 28 3.92 6.98 9.51
C GLU A 28 2.56 6.29 9.38
N PHE A 29 2.53 5.00 9.73
CA PHE A 29 1.30 4.22 9.65
C PHE A 29 0.34 4.62 10.75
N SER A 30 -0.79 5.21 10.36
CA SER A 30 -1.80 5.64 11.32
C SER A 30 -2.31 4.47 12.13
N GLU A 31 -3.09 4.77 13.17
CA GLU A 31 -3.65 3.72 14.04
C GLU A 31 -4.46 2.73 13.22
N ILE A 32 -5.27 3.24 12.30
CA ILE A 32 -6.10 2.38 11.46
C ILE A 32 -5.25 1.48 10.57
N GLN A 33 -4.10 2.00 10.14
CA GLN A 33 -3.20 1.25 9.30
C GLN A 33 -2.52 0.12 10.07
N LEU A 34 -1.97 0.46 11.24
CA LEU A 34 -1.30 -0.51 12.09
C LEU A 34 -2.24 -1.67 12.45
N SER A 35 -3.30 -1.35 13.19
CA SER A 35 -4.27 -2.35 13.60
C SER A 35 -4.49 -3.37 12.49
N ARG A 36 -4.32 -2.95 11.25
CA ARG A 36 -4.49 -3.82 10.10
C ARG A 36 -3.23 -4.63 9.82
N LEU A 37 -2.08 -3.95 9.89
CA LEU A 37 -0.80 -4.60 9.66
C LEU A 37 -0.55 -5.72 10.65
N LYS A 38 -1.06 -5.54 11.87
CA LYS A 38 -0.90 -6.54 12.92
C LYS A 38 -1.63 -7.83 12.56
N LYS A 39 -2.89 -7.70 12.17
CA LYS A 39 -3.70 -8.86 11.79
C LYS A 39 -2.91 -9.80 10.91
N LEU A 40 -2.28 -9.27 9.87
CA LEU A 40 -1.49 -10.07 8.94
C LEU A 40 -0.30 -10.70 9.66
N GLY A 41 0.15 -10.06 10.74
CA GLY A 41 1.27 -10.58 11.49
C GLY A 41 2.59 -9.95 11.09
N ILE A 42 2.51 -8.80 10.42
CA ILE A 42 3.69 -8.09 9.97
C ILE A 42 4.47 -7.52 11.15
N HIS A 43 3.76 -6.79 12.01
CA HIS A 43 4.38 -6.18 13.19
C HIS A 43 5.44 -5.16 12.78
N LYS A 44 5.14 -4.38 11.75
CA LYS A 44 6.07 -3.37 11.26
C LYS A 44 5.39 -2.01 11.18
N THR A 45 5.78 -1.10 12.07
CA THR A 45 5.21 0.24 12.10
C THR A 45 6.07 1.21 11.30
N ASP A 46 6.75 0.70 10.28
CA ASP A 46 7.61 1.53 9.45
C ASP A 46 7.42 1.20 7.97
N PRO A 47 7.22 2.24 7.14
CA PRO A 47 7.02 2.07 5.70
C PRO A 47 8.29 1.62 4.99
N SER A 48 9.38 1.51 5.74
CA SER A 48 10.66 1.11 5.19
C SER A 48 10.97 -0.34 5.55
N THR A 49 10.49 -0.77 6.72
CA THR A 49 10.72 -2.13 7.19
C THR A 49 9.86 -3.13 6.42
N LEU A 50 8.88 -2.62 5.68
CA LEU A 50 7.98 -3.47 4.91
C LEU A 50 8.61 -3.83 3.56
N THR A 51 8.54 -5.11 3.21
CA THR A 51 9.10 -5.59 1.95
C THR A 51 8.01 -5.81 0.92
N GLU A 52 8.40 -5.85 -0.35
CA GLU A 52 7.44 -6.06 -1.44
C GLU A 52 6.36 -7.05 -1.04
N GLU A 53 6.77 -8.10 -0.34
CA GLU A 53 5.84 -9.14 0.10
C GLU A 53 4.78 -8.54 1.03
N GLU A 54 5.24 -7.81 2.05
CA GLU A 54 4.34 -7.19 3.01
C GLU A 54 3.58 -6.03 2.38
N VAL A 55 4.18 -5.43 1.35
CA VAL A 55 3.55 -4.31 0.66
C VAL A 55 2.39 -4.77 -0.20
N ARG A 56 2.64 -5.78 -1.04
CA ARG A 56 1.61 -6.32 -1.92
C ARG A 56 0.43 -6.84 -1.11
N LYS A 57 0.72 -7.55 -0.02
CA LYS A 57 -0.31 -8.11 0.83
C LYS A 57 -1.13 -7.01 1.50
N PHE A 58 -0.43 -6.00 2.03
CA PHE A 58 -1.09 -4.87 2.68
C PHE A 58 -1.95 -4.09 1.70
N ALA A 59 -1.42 -3.87 0.50
CA ALA A 59 -2.14 -3.13 -0.53
C ALA A 59 -3.36 -3.92 -1.01
N ARG A 60 -3.21 -5.23 -1.12
CA ARG A 60 -4.29 -6.09 -1.58
C ARG A 60 -5.62 -5.66 -0.96
N LEU A 61 -5.63 -5.47 0.35
CA LEU A 61 -6.83 -5.06 1.07
C LEU A 61 -7.62 -4.05 0.25
N ASN A 62 -6.92 -3.06 -0.30
CA ASN A 62 -7.57 -2.03 -1.11
C ASN A 62 -7.59 -2.42 -2.58
N ILE A 63 -8.77 -2.78 -3.06
CA ILE A 63 -8.94 -3.18 -4.46
C ILE A 63 -9.59 -2.08 -5.28
N ASP A 64 -8.91 -1.65 -6.33
CA ASP A 64 -9.42 -0.60 -7.20
C ASP A 64 -10.60 -1.11 -8.03
N PRO A 65 -11.48 -0.18 -8.43
CA PRO A 65 -12.66 -0.52 -9.24
C PRO A 65 -12.29 -0.93 -10.66
N ALA A 66 -11.01 -0.80 -11.00
CA ALA A 66 -10.53 -1.16 -12.33
C ALA A 66 -9.70 -2.44 -12.28
N THR A 67 -9.31 -2.85 -11.08
CA THR A 67 -8.51 -4.05 -10.90
C THR A 67 -9.31 -5.14 -10.19
N ILE A 68 -10.60 -4.87 -9.97
CA ILE A 68 -11.47 -5.84 -9.30
C ILE A 68 -11.09 -7.27 -9.65
N THR A 69 -10.38 -7.92 -8.74
CA THR A 69 -9.96 -9.31 -8.95
C THR A 69 -10.73 -10.27 -8.07
N TRP A 70 -11.96 -9.90 -7.73
CA TRP A 70 -12.81 -10.72 -6.89
C TRP A 70 -14.10 -11.09 -7.61
N GLN A 71 -14.04 -11.17 -8.94
CA GLN A 71 -15.21 -11.51 -9.75
C GLN A 71 -15.24 -13.00 -10.06
N GLY A 1 12.21 17.10 -15.65
CA GLY A 1 11.27 16.16 -15.06
C GLY A 1 10.57 15.29 -16.09
N SER A 2 10.38 14.03 -15.76
CA SER A 2 9.73 13.09 -16.68
C SER A 2 8.42 12.58 -16.09
N SER A 3 7.32 12.88 -16.78
CA SER A 3 6.01 12.46 -16.32
C SER A 3 5.52 11.24 -17.10
N GLY A 4 6.42 10.30 -17.33
CA GLY A 4 6.08 9.09 -18.06
C GLY A 4 7.17 8.04 -18.01
N SER A 5 6.98 7.03 -17.17
CA SER A 5 7.96 5.96 -17.04
C SER A 5 7.35 4.61 -17.38
N SER A 6 8.20 3.60 -17.53
CA SER A 6 7.75 2.26 -17.86
C SER A 6 8.56 1.20 -17.12
N GLY A 7 7.92 0.06 -16.83
CA GLY A 7 8.60 -1.00 -16.13
C GLY A 7 7.90 -1.38 -14.83
N SER A 8 8.10 -0.58 -13.80
CA SER A 8 7.49 -0.84 -12.51
C SER A 8 6.10 -1.44 -12.67
N THR A 9 5.84 -2.53 -11.95
CA THR A 9 4.55 -3.21 -12.02
C THR A 9 3.40 -2.25 -11.76
N GLN A 10 3.72 -1.11 -11.14
CA GLN A 10 2.71 -0.09 -10.85
C GLN A 10 1.42 -0.74 -10.35
N THR A 11 1.56 -1.70 -9.45
CA THR A 11 0.40 -2.40 -8.89
C THR A 11 0.39 -2.31 -7.37
N ASP A 12 1.46 -2.77 -6.74
CA ASP A 12 1.57 -2.74 -5.28
C ASP A 12 2.13 -1.40 -4.81
N LYS A 13 3.17 -0.93 -5.49
CA LYS A 13 3.80 0.33 -5.14
C LYS A 13 2.85 1.50 -5.33
N ALA A 14 2.13 1.49 -6.46
CA ALA A 14 1.18 2.55 -6.77
C ALA A 14 0.25 2.80 -5.57
N LEU A 15 -0.45 1.77 -5.14
CA LEU A 15 -1.38 1.88 -4.02
C LEU A 15 -0.63 2.23 -2.73
N TYR A 16 0.45 1.51 -2.47
CA TYR A 16 1.25 1.74 -1.28
C TYR A 16 1.31 3.23 -0.94
N ASN A 17 1.50 4.05 -1.98
CA ASN A 17 1.57 5.50 -1.79
C ASN A 17 0.26 6.05 -1.25
N ARG A 18 -0.83 5.74 -1.95
CA ARG A 18 -2.15 6.22 -1.54
C ARG A 18 -2.47 5.77 -0.12
N LEU A 19 -2.04 4.56 0.23
CA LEU A 19 -2.28 4.03 1.57
C LEU A 19 -1.51 4.81 2.62
N VAL A 20 -0.20 4.97 2.40
CA VAL A 20 0.65 5.70 3.32
C VAL A 20 1.10 7.02 2.72
N PRO A 21 0.18 8.00 2.67
CA PRO A 21 0.46 9.33 2.11
C PRO A 21 1.41 10.14 2.99
N LEU A 22 2.02 11.16 2.42
CA LEU A 22 2.94 12.02 3.15
C LEU A 22 2.29 13.33 3.53
N VAL A 23 1.81 13.42 4.77
CA VAL A 23 1.16 14.62 5.27
C VAL A 23 2.08 15.40 6.20
N ASN A 24 2.60 14.71 7.21
CA ASN A 24 3.50 15.33 8.18
C ASN A 24 4.96 15.02 7.85
N GLY A 25 5.29 15.06 6.57
CA GLY A 25 6.65 14.78 6.14
C GLY A 25 7.14 13.42 6.60
N VAL A 26 6.20 12.57 7.03
CA VAL A 26 6.53 11.23 7.50
C VAL A 26 5.60 10.19 6.89
N ARG A 27 6.19 9.09 6.44
CA ARG A 27 5.42 8.01 5.83
C ARG A 27 5.02 6.97 6.88
N GLU A 28 4.77 7.43 8.09
CA GLU A 28 4.38 6.54 9.18
C GLU A 28 2.91 6.15 9.07
N PHE A 29 2.64 4.85 9.11
CA PHE A 29 1.28 4.35 9.00
C PHE A 29 0.37 5.06 10.00
N SER A 30 -0.94 4.82 9.88
CA SER A 30 -1.92 5.43 10.76
C SER A 30 -2.46 4.43 11.77
N GLU A 31 -3.10 4.93 12.81
CA GLU A 31 -3.67 4.07 13.84
C GLU A 31 -4.51 2.96 13.22
N ILE A 32 -5.18 3.27 12.12
CA ILE A 32 -6.01 2.29 11.43
C ILE A 32 -5.16 1.24 10.73
N GLN A 33 -4.21 1.69 9.92
CA GLN A 33 -3.33 0.79 9.18
C GLN A 33 -2.65 -0.19 10.14
N LEU A 34 -2.01 0.35 11.17
CA LEU A 34 -1.32 -0.47 12.16
C LEU A 34 -2.19 -1.62 12.62
N SER A 35 -3.27 -1.29 13.34
CA SER A 35 -4.19 -2.30 13.85
C SER A 35 -4.39 -3.42 12.83
N ARG A 36 -4.37 -3.06 11.55
CA ARG A 36 -4.55 -4.03 10.48
C ARG A 36 -3.26 -4.82 10.24
N LEU A 37 -2.15 -4.09 10.09
CA LEU A 37 -0.87 -4.73 9.86
C LEU A 37 -0.59 -5.81 10.90
N LYS A 38 -1.03 -5.56 12.13
CA LYS A 38 -0.84 -6.53 13.21
C LYS A 38 -1.60 -7.82 12.94
N LYS A 39 -2.69 -7.71 12.19
CA LYS A 39 -3.51 -8.87 11.86
C LYS A 39 -2.75 -9.83 10.94
N LEU A 40 -2.15 -9.29 9.90
CA LEU A 40 -1.38 -10.09 8.94
C LEU A 40 -0.18 -10.73 9.62
N GLY A 41 0.39 -10.02 10.59
CA GLY A 41 1.55 -10.53 11.30
C GLY A 41 2.81 -9.77 10.97
N ILE A 42 2.66 -8.53 10.52
CA ILE A 42 3.80 -7.70 10.15
C ILE A 42 4.23 -6.82 11.33
N HIS A 43 5.11 -7.35 12.17
CA HIS A 43 5.60 -6.62 13.33
C HIS A 43 6.56 -5.52 12.90
N LYS A 44 6.03 -4.51 12.22
CA LYS A 44 6.85 -3.39 11.76
C LYS A 44 6.14 -2.06 12.01
N THR A 45 6.88 -0.96 11.86
CA THR A 45 6.32 0.36 12.08
C THR A 45 6.68 1.30 10.93
N ASP A 46 7.91 1.19 10.44
CA ASP A 46 8.37 2.02 9.33
C ASP A 46 8.07 1.37 7.99
N PRO A 47 7.70 2.19 7.00
CA PRO A 47 7.38 1.72 5.65
C PRO A 47 8.60 1.21 4.90
N SER A 48 9.79 1.65 5.34
CA SER A 48 11.04 1.25 4.72
C SER A 48 11.34 -0.22 5.01
N THR A 49 11.02 -0.66 6.22
CA THR A 49 11.26 -2.03 6.64
C THR A 49 10.37 -3.00 5.86
N LEU A 50 9.19 -2.52 5.48
CA LEU A 50 8.25 -3.35 4.72
C LEU A 50 8.89 -3.92 3.47
N THR A 51 8.50 -5.14 3.12
CA THR A 51 9.05 -5.81 1.94
C THR A 51 8.01 -5.90 0.83
N GLU A 52 8.46 -6.29 -0.35
CA GLU A 52 7.57 -6.41 -1.51
C GLU A 52 6.36 -7.30 -1.16
N GLU A 53 6.62 -8.37 -0.42
CA GLU A 53 5.55 -9.29 -0.03
C GLU A 53 4.53 -8.58 0.86
N GLU A 54 5.02 -7.91 1.89
CA GLU A 54 4.15 -7.19 2.81
C GLU A 54 3.41 -6.06 2.11
N VAL A 55 4.11 -5.39 1.19
CA VAL A 55 3.53 -4.29 0.43
C VAL A 55 2.38 -4.76 -0.45
N ARG A 56 2.69 -5.70 -1.36
CA ARG A 56 1.69 -6.24 -2.27
C ARG A 56 0.49 -6.78 -1.49
N LYS A 57 0.72 -7.15 -0.24
CA LYS A 57 -0.34 -7.69 0.61
C LYS A 57 -1.15 -6.56 1.24
N PHE A 58 -0.44 -5.60 1.84
CA PHE A 58 -1.10 -4.47 2.49
C PHE A 58 -1.86 -3.62 1.47
N ALA A 59 -1.44 -3.70 0.21
CA ALA A 59 -2.09 -2.95 -0.85
C ALA A 59 -3.42 -3.57 -1.24
N ARG A 60 -3.69 -4.75 -0.71
CA ARG A 60 -4.94 -5.47 -0.99
C ARG A 60 -6.03 -5.09 0.00
N LEU A 61 -5.62 -4.87 1.25
CA LEU A 61 -6.55 -4.49 2.31
C LEU A 61 -7.63 -3.54 1.78
N ASN A 62 -7.21 -2.62 0.91
CA ASN A 62 -8.14 -1.65 0.33
C ASN A 62 -8.47 -2.02 -1.12
N ILE A 63 -9.44 -2.92 -1.29
CA ILE A 63 -9.85 -3.35 -2.61
C ILE A 63 -10.57 -2.23 -3.36
N ASP A 64 -9.86 -1.60 -4.28
CA ASP A 64 -10.42 -0.51 -5.06
C ASP A 64 -10.87 -1.00 -6.43
N PRO A 65 -11.89 -0.35 -7.00
CA PRO A 65 -12.44 -0.70 -8.32
C PRO A 65 -11.47 -0.37 -9.45
N ALA A 66 -10.95 0.85 -9.44
CA ALA A 66 -10.01 1.29 -10.47
C ALA A 66 -9.09 0.16 -10.90
N THR A 67 -8.38 -0.42 -9.93
CA THR A 67 -7.46 -1.51 -10.21
C THR A 67 -8.18 -2.66 -10.92
N ILE A 68 -9.40 -2.95 -10.49
CA ILE A 68 -10.19 -4.02 -11.09
C ILE A 68 -10.26 -3.86 -12.61
N THR A 69 -9.42 -4.59 -13.32
CA THR A 69 -9.39 -4.54 -14.77
C THR A 69 -9.39 -5.94 -15.38
N TRP A 70 -10.19 -6.84 -14.80
CA TRP A 70 -10.28 -8.20 -15.28
C TRP A 70 -11.47 -8.38 -16.22
N GLN A 71 -12.58 -7.74 -15.88
CA GLN A 71 -13.79 -7.82 -16.69
C GLN A 71 -13.60 -7.09 -18.02
N GLY A 1 -3.37 20.50 -1.13
CA GLY A 1 -4.22 20.02 -2.22
C GLY A 1 -3.43 19.28 -3.27
N SER A 2 -3.63 17.97 -3.35
CA SER A 2 -2.93 17.14 -4.33
C SER A 2 -3.71 17.05 -5.63
N SER A 3 -2.98 17.06 -6.75
CA SER A 3 -3.61 16.99 -8.06
C SER A 3 -2.55 16.89 -9.16
N GLY A 4 -2.71 15.89 -10.02
CA GLY A 4 -1.76 15.69 -11.11
C GLY A 4 -1.96 14.36 -11.82
N SER A 5 -1.78 14.36 -13.13
CA SER A 5 -1.95 13.16 -13.93
C SER A 5 -0.65 12.36 -13.97
N SER A 6 -0.59 11.29 -13.18
CA SER A 6 0.60 10.44 -13.13
C SER A 6 0.78 9.67 -14.44
N GLY A 7 1.96 9.10 -14.63
CA GLY A 7 2.23 8.34 -15.84
C GLY A 7 1.74 6.92 -15.75
N SER A 8 2.67 5.97 -15.83
CA SER A 8 2.33 4.55 -15.77
C SER A 8 2.59 4.00 -14.38
N THR A 9 1.68 4.26 -13.45
CA THR A 9 1.82 3.78 -12.07
C THR A 9 1.40 2.32 -11.95
N GLN A 10 1.95 1.63 -10.96
CA GLN A 10 1.62 0.23 -10.74
C GLN A 10 0.42 0.10 -9.82
N THR A 11 -0.39 -0.94 -10.06
CA THR A 11 -1.59 -1.18 -9.26
C THR A 11 -1.25 -1.17 -7.76
N ASP A 12 -0.22 -1.92 -7.39
CA ASP A 12 0.20 -2.00 -5.99
C ASP A 12 1.08 -0.80 -5.62
N LYS A 13 2.18 -0.64 -6.35
CA LYS A 13 3.09 0.46 -6.10
C LYS A 13 2.33 1.76 -5.83
N ALA A 14 1.43 2.10 -6.74
CA ALA A 14 0.63 3.32 -6.60
C ALA A 14 -0.22 3.27 -5.34
N LEU A 15 -0.78 2.11 -5.05
CA LEU A 15 -1.62 1.94 -3.87
C LEU A 15 -0.83 2.23 -2.60
N TYR A 16 0.33 1.61 -2.47
CA TYR A 16 1.19 1.80 -1.30
C TYR A 16 1.63 3.26 -1.19
N ASN A 17 2.19 3.78 -2.27
CA ASN A 17 2.66 5.17 -2.29
C ASN A 17 1.59 6.11 -1.76
N ARG A 18 0.34 5.86 -2.14
CA ARG A 18 -0.78 6.69 -1.70
C ARG A 18 -1.15 6.37 -0.26
N LEU A 19 -1.25 5.08 0.06
CA LEU A 19 -1.60 4.66 1.41
C LEU A 19 -0.80 5.42 2.46
N VAL A 20 0.52 5.47 2.27
CA VAL A 20 1.39 6.17 3.20
C VAL A 20 1.94 7.45 2.57
N PRO A 21 1.12 8.52 2.61
CA PRO A 21 1.50 9.83 2.06
C PRO A 21 2.60 10.50 2.86
N LEU A 22 3.42 11.30 2.19
CA LEU A 22 4.51 12.01 2.85
C LEU A 22 4.42 13.51 2.58
N VAL A 23 3.95 14.25 3.58
CA VAL A 23 3.83 15.70 3.45
C VAL A 23 4.45 16.41 4.65
N ASN A 24 4.39 15.75 5.81
CA ASN A 24 4.94 16.33 7.03
C ASN A 24 6.46 16.09 7.11
N GLY A 25 6.97 15.27 6.19
CA GLY A 25 8.39 14.98 6.17
C GLY A 25 8.72 13.69 6.91
N VAL A 26 7.70 12.90 7.21
CA VAL A 26 7.89 11.64 7.91
C VAL A 26 6.86 10.61 7.47
N ARG A 27 7.30 9.61 6.71
CA ARG A 27 6.43 8.57 6.23
C ARG A 27 6.10 7.57 7.33
N GLU A 28 4.83 7.51 7.71
CA GLU A 28 4.38 6.60 8.77
C GLU A 28 2.96 6.13 8.51
N PHE A 29 2.69 4.87 8.85
CA PHE A 29 1.37 4.29 8.66
C PHE A 29 0.35 4.96 9.58
N SER A 30 -0.93 4.64 9.38
CA SER A 30 -2.00 5.20 10.19
C SER A 30 -2.51 4.17 11.20
N GLU A 31 -3.28 4.65 12.17
CA GLU A 31 -3.84 3.78 13.19
C GLU A 31 -4.51 2.55 12.57
N ILE A 32 -5.41 2.81 11.63
CA ILE A 32 -6.13 1.73 10.96
C ILE A 32 -5.17 0.81 10.20
N GLN A 33 -4.21 1.42 9.49
CA GLN A 33 -3.23 0.65 8.74
C GLN A 33 -2.45 -0.28 9.65
N LEU A 34 -2.20 0.17 10.87
CA LEU A 34 -1.46 -0.63 11.84
C LEU A 34 -2.34 -1.72 12.44
N SER A 35 -3.35 -1.32 13.20
CA SER A 35 -4.27 -2.26 13.82
C SER A 35 -4.68 -3.35 12.84
N ARG A 36 -4.74 -3.00 11.56
CA ARG A 36 -5.11 -3.95 10.52
C ARG A 36 -3.92 -4.79 10.10
N LEU A 37 -2.72 -4.22 10.21
CA LEU A 37 -1.50 -4.92 9.84
C LEU A 37 -1.15 -5.99 10.87
N LYS A 38 -1.36 -5.67 12.14
CA LYS A 38 -1.07 -6.60 13.23
C LYS A 38 -1.58 -8.00 12.90
N LYS A 39 -2.86 -8.08 12.51
CA LYS A 39 -3.46 -9.36 12.18
C LYS A 39 -2.52 -10.19 11.29
N LEU A 40 -2.07 -9.59 10.20
CA LEU A 40 -1.16 -10.27 9.28
C LEU A 40 0.11 -10.70 9.98
N GLY A 41 0.51 -9.93 10.99
CA GLY A 41 1.72 -10.24 11.73
C GLY A 41 2.91 -9.42 11.28
N ILE A 42 2.64 -8.26 10.68
CA ILE A 42 3.70 -7.38 10.20
C ILE A 42 4.05 -6.33 11.24
N HIS A 43 4.95 -6.69 12.15
CA HIS A 43 5.39 -5.78 13.20
C HIS A 43 6.42 -4.79 12.67
N LYS A 44 6.16 -4.24 11.50
CA LYS A 44 7.06 -3.28 10.88
C LYS A 44 6.38 -1.92 10.68
N THR A 45 6.71 -0.97 11.54
CA THR A 45 6.13 0.36 11.46
C THR A 45 6.77 1.18 10.34
N ASP A 46 8.09 1.15 10.27
CA ASP A 46 8.82 1.89 9.24
C ASP A 46 8.38 1.45 7.85
N PRO A 47 7.98 2.44 7.02
CA PRO A 47 7.52 2.19 5.66
C PRO A 47 8.65 1.73 4.74
N SER A 48 9.87 1.70 5.28
CA SER A 48 11.03 1.29 4.50
C SER A 48 11.35 -0.19 4.73
N THR A 49 11.30 -0.60 6.00
CA THR A 49 11.57 -1.99 6.35
C THR A 49 10.72 -2.95 5.54
N LEU A 50 9.43 -2.64 5.44
CA LEU A 50 8.50 -3.48 4.70
C LEU A 50 9.05 -3.81 3.32
N THR A 51 8.96 -5.08 2.93
CA THR A 51 9.45 -5.53 1.63
C THR A 51 8.31 -5.66 0.62
N GLU A 52 8.65 -6.06 -0.60
CA GLU A 52 7.65 -6.21 -1.65
C GLU A 52 6.49 -7.07 -1.16
N GLU A 53 6.81 -8.18 -0.50
CA GLU A 53 5.79 -9.08 0.02
C GLU A 53 4.88 -8.38 1.01
N GLU A 54 5.47 -7.80 2.05
CA GLU A 54 4.72 -7.09 3.07
C GLU A 54 3.83 -6.02 2.45
N VAL A 55 4.38 -5.29 1.48
CA VAL A 55 3.64 -4.24 0.80
C VAL A 55 2.46 -4.80 0.03
N ARG A 56 2.77 -5.69 -0.92
CA ARG A 56 1.74 -6.31 -1.75
C ARG A 56 0.56 -6.77 -0.88
N LYS A 57 0.87 -7.40 0.25
CA LYS A 57 -0.16 -7.88 1.15
C LYS A 57 -0.98 -6.72 1.73
N PHE A 58 -0.32 -5.88 2.52
CA PHE A 58 -0.97 -4.73 3.13
C PHE A 58 -1.94 -4.07 2.16
N ALA A 59 -1.46 -3.81 0.94
CA ALA A 59 -2.28 -3.18 -0.09
C ALA A 59 -3.61 -3.89 -0.23
N ARG A 60 -3.57 -5.22 -0.39
CA ARG A 60 -4.78 -6.01 -0.55
C ARG A 60 -5.92 -5.43 0.30
N LEU A 61 -5.75 -5.48 1.62
CA LEU A 61 -6.77 -4.96 2.53
C LEU A 61 -7.46 -3.75 1.94
N ASN A 62 -6.67 -2.77 1.50
CA ASN A 62 -7.21 -1.55 0.92
C ASN A 62 -7.54 -1.76 -0.56
N ILE A 63 -8.83 -1.87 -0.86
CA ILE A 63 -9.28 -2.07 -2.23
C ILE A 63 -10.04 -0.84 -2.74
N ASP A 64 -9.39 -0.09 -3.63
CA ASP A 64 -9.98 1.10 -4.20
C ASP A 64 -10.93 0.74 -5.34
N PRO A 65 -11.97 1.56 -5.54
CA PRO A 65 -12.96 1.35 -6.60
C PRO A 65 -12.39 1.59 -7.99
N ALA A 66 -11.63 2.67 -8.14
CA ALA A 66 -11.01 3.00 -9.41
C ALA A 66 -10.17 1.85 -9.93
N THR A 67 -9.23 1.40 -9.11
CA THR A 67 -8.35 0.30 -9.48
C THR A 67 -9.12 -0.80 -10.20
N ILE A 68 -10.30 -1.12 -9.69
CA ILE A 68 -11.13 -2.16 -10.28
C ILE A 68 -11.13 -2.07 -11.80
N THR A 69 -10.58 -3.09 -12.45
CA THR A 69 -10.50 -3.13 -13.91
C THR A 69 -10.56 -4.56 -14.43
N TRP A 70 -11.64 -4.89 -15.12
CA TRP A 70 -11.82 -6.23 -15.66
C TRP A 70 -11.19 -6.34 -17.05
N GLN A 71 -11.40 -5.32 -17.88
CA GLN A 71 -10.85 -5.31 -19.22
C GLN A 71 -9.34 -5.46 -19.20
#